data_2MIU
#
_entry.id   2MIU
#
loop_
_entity.id
_entity.type
_entity.pdbx_description
1 polymer 'Four and a half LIM domains protein 2'
2 non-polymer 'ZINC ION'
#
_entity_poly.entity_id   1
_entity_poly.type   'polypeptide(L)'
_entity_poly.pdbx_seq_one_letter_code
;MTERFDCHHCNESLFGKKYILREESPYCVVCFETLFANTCEECGKPIGCDCKDLSYKDRHWHEACFHCSQCRNSLVDKPF
AAKEDQLLCTDCYSNEYS
;
_entity_poly.pdbx_strand_id   A
#
# COMPACT_ATOMS: atom_id res chain seq x y z
N MET A 1 -24.57 3.78 26.37
CA MET A 1 -23.23 3.18 26.63
C MET A 1 -23.42 1.73 27.11
N THR A 2 -24.53 1.13 26.81
CA THR A 2 -24.75 -0.27 27.24
C THR A 2 -23.62 -1.16 26.72
N GLU A 3 -23.31 -1.04 25.45
CA GLU A 3 -22.22 -1.85 24.86
C GLU A 3 -20.90 -1.09 24.97
N ARG A 4 -19.83 -1.69 24.54
CA ARG A 4 -18.50 -1.03 24.63
C ARG A 4 -18.15 -0.44 23.27
N PHE A 5 -17.56 0.73 23.25
CA PHE A 5 -17.19 1.38 21.97
C PHE A 5 -15.68 1.64 21.94
N ASP A 6 -14.90 0.60 21.95
CA ASP A 6 -13.41 0.75 21.90
C ASP A 6 -12.84 -0.25 20.91
N CYS A 7 -11.77 0.09 20.29
CA CYS A 7 -11.16 -0.84 19.33
C CYS A 7 -10.81 -2.13 20.09
N HIS A 8 -11.59 -3.15 19.94
CA HIS A 8 -11.32 -4.41 20.68
C HIS A 8 -9.86 -4.81 20.54
N HIS A 9 -9.18 -4.33 19.54
CA HIS A 9 -7.75 -4.72 19.37
C HIS A 9 -6.83 -3.77 20.18
N CYS A 10 -6.81 -2.50 19.87
CA CYS A 10 -5.94 -1.56 20.66
C CYS A 10 -6.68 -1.08 21.91
N ASN A 11 -7.92 -1.44 22.01
CA ASN A 11 -8.75 -1.02 23.18
C ASN A 11 -8.75 0.50 23.32
N GLU A 12 -8.43 1.21 22.27
CA GLU A 12 -8.44 2.70 22.33
C GLU A 12 -9.79 3.20 21.82
N SER A 13 -10.42 4.09 22.54
CA SER A 13 -11.75 4.60 22.08
C SER A 13 -11.68 4.96 20.60
N LEU A 14 -12.66 4.57 19.84
CA LEU A 14 -12.62 4.90 18.38
C LEU A 14 -12.50 6.42 18.28
N PHE A 15 -11.59 6.87 17.48
CA PHE A 15 -11.34 8.33 17.40
C PHE A 15 -12.31 9.10 16.47
N GLY A 16 -13.30 9.72 17.03
CA GLY A 16 -14.19 10.61 16.22
C GLY A 16 -14.61 10.02 14.88
N LYS A 17 -14.39 8.75 14.60
CA LYS A 17 -14.73 8.22 13.23
C LYS A 17 -15.47 6.90 13.27
N LYS A 18 -16.16 6.61 12.19
CA LYS A 18 -16.91 5.33 12.08
C LYS A 18 -15.95 4.19 12.42
N TYR A 19 -16.45 3.00 12.57
CA TYR A 19 -15.55 1.87 12.93
C TYR A 19 -15.99 0.58 12.25
N ILE A 20 -15.10 -0.37 12.16
CA ILE A 20 -15.40 -1.68 11.52
C ILE A 20 -15.48 -2.78 12.57
N LEU A 21 -16.45 -3.64 12.49
CA LEU A 21 -16.52 -4.77 13.47
C LEU A 21 -15.68 -5.88 12.91
N ARG A 22 -14.53 -6.06 13.47
CA ARG A 22 -13.61 -7.12 13.00
C ARG A 22 -13.59 -8.24 14.03
N GLU A 23 -13.56 -9.48 13.59
CA GLU A 23 -13.61 -10.60 14.58
C GLU A 23 -14.82 -10.32 15.47
N GLU A 24 -15.92 -9.96 14.86
CA GLU A 24 -17.15 -9.61 15.62
C GLU A 24 -16.76 -8.68 16.77
N SER A 25 -15.80 -7.82 16.53
CA SER A 25 -15.35 -6.87 17.58
C SER A 25 -14.88 -5.55 16.90
N PRO A 26 -15.17 -4.40 17.52
CA PRO A 26 -14.77 -3.10 16.94
C PRO A 26 -13.24 -2.96 16.83
N TYR A 27 -12.75 -2.62 15.67
CA TYR A 27 -11.28 -2.39 15.48
C TYR A 27 -11.13 -0.94 15.03
N CYS A 28 -10.09 -0.27 15.43
CA CYS A 28 -9.93 1.12 14.95
C CYS A 28 -9.66 1.07 13.46
N VAL A 29 -10.07 2.06 12.72
CA VAL A 29 -9.85 2.04 11.25
C VAL A 29 -8.43 1.56 10.95
N VAL A 30 -7.47 2.22 11.53
CA VAL A 30 -6.05 1.84 11.32
C VAL A 30 -5.87 0.33 11.42
N CYS A 31 -6.33 -0.28 12.49
CA CYS A 31 -6.15 -1.75 12.64
C CYS A 31 -6.56 -2.44 11.33
N PHE A 32 -7.80 -2.35 10.97
CA PHE A 32 -8.26 -3.01 9.72
C PHE A 32 -7.28 -2.75 8.58
N GLU A 33 -6.84 -1.52 8.40
CA GLU A 33 -5.90 -1.24 7.29
C GLU A 33 -4.52 -1.83 7.58
N THR A 34 -3.87 -1.36 8.60
CA THR A 34 -2.50 -1.87 8.92
C THR A 34 -2.50 -3.41 8.93
N LEU A 35 -3.48 -4.02 9.53
CA LEU A 35 -3.51 -5.52 9.58
C LEU A 35 -3.46 -6.13 8.18
N PHE A 36 -4.41 -5.80 7.34
CA PHE A 36 -4.46 -6.41 5.97
C PHE A 36 -3.85 -5.46 4.91
N ALA A 37 -3.38 -4.33 5.31
CA ALA A 37 -2.80 -3.38 4.31
C ALA A 37 -1.60 -4.04 3.62
N ASN A 38 -1.28 -3.61 2.43
CA ASN A 38 -0.12 -4.17 1.69
C ASN A 38 1.11 -3.30 1.95
N THR A 39 2.29 -3.85 1.83
CA THR A 39 3.52 -3.04 2.07
C THR A 39 4.00 -2.41 0.77
N CYS A 40 4.42 -1.17 0.81
CA CYS A 40 4.93 -0.49 -0.42
C CYS A 40 6.44 -0.71 -0.48
N GLU A 41 6.85 -1.59 -1.33
CA GLU A 41 8.30 -1.91 -1.47
C GLU A 41 9.12 -0.62 -1.53
N GLU A 42 8.50 0.50 -1.82
CA GLU A 42 9.26 1.78 -1.88
C GLU A 42 9.29 2.44 -0.49
N CYS A 43 8.16 2.65 0.11
CA CYS A 43 8.13 3.29 1.46
C CYS A 43 8.36 2.23 2.54
N GLY A 44 7.74 1.09 2.40
CA GLY A 44 7.91 0.02 3.43
C GLY A 44 6.77 0.11 4.43
N LYS A 45 5.98 1.15 4.35
CA LYS A 45 4.82 1.31 5.29
C LYS A 45 3.57 0.68 4.65
N PRO A 46 2.64 0.16 5.45
CA PRO A 46 1.42 -0.44 4.90
C PRO A 46 0.68 0.59 4.02
N ILE A 47 0.08 0.14 2.94
CA ILE A 47 -0.67 1.07 2.04
C ILE A 47 -2.15 0.98 2.39
N GLY A 48 -2.68 1.98 3.04
CA GLY A 48 -4.12 1.95 3.42
C GLY A 48 -4.99 2.18 2.18
N CYS A 49 -6.21 1.73 2.22
CA CYS A 49 -7.11 1.92 1.05
C CYS A 49 -7.45 3.40 0.90
N ASP A 50 -7.15 4.19 1.90
CA ASP A 50 -7.46 5.65 1.82
C ASP A 50 -6.46 6.32 0.88
N CYS A 51 -5.89 5.57 -0.03
CA CYS A 51 -4.91 6.17 -0.98
C CYS A 51 -4.88 5.33 -2.27
N LYS A 52 -4.17 5.77 -3.27
CA LYS A 52 -4.12 5.00 -4.54
C LYS A 52 -3.16 3.82 -4.38
N ASP A 53 -3.68 2.65 -4.08
CA ASP A 53 -2.79 1.47 -3.91
C ASP A 53 -2.54 0.82 -5.27
N LEU A 54 -1.39 1.03 -5.84
CA LEU A 54 -1.09 0.44 -7.18
C LEU A 54 -0.80 -1.05 -7.00
N SER A 55 -1.49 -1.90 -7.72
CA SER A 55 -1.25 -3.38 -7.61
C SER A 55 -0.69 -3.90 -8.95
N TYR A 56 0.46 -4.52 -8.92
CA TYR A 56 1.05 -5.04 -10.19
C TYR A 56 1.83 -6.34 -9.90
N LYS A 57 1.43 -7.43 -10.51
CA LYS A 57 2.13 -8.74 -10.28
C LYS A 57 2.12 -9.09 -8.79
N ASP A 58 0.96 -9.34 -8.25
CA ASP A 58 0.84 -9.73 -6.81
C ASP A 58 1.66 -8.79 -5.90
N ARG A 59 2.14 -7.68 -6.42
CA ARG A 59 2.92 -6.73 -5.57
C ARG A 59 2.10 -5.45 -5.40
N HIS A 60 2.49 -4.60 -4.48
CA HIS A 60 1.72 -3.33 -4.25
C HIS A 60 2.67 -2.13 -4.32
N TRP A 61 2.16 -0.99 -4.69
CA TRP A 61 3.03 0.21 -4.79
C TRP A 61 2.14 1.47 -4.73
N HIS A 62 2.64 2.54 -4.18
CA HIS A 62 1.82 3.78 -4.17
C HIS A 62 1.84 4.28 -5.61
N GLU A 63 0.71 4.51 -6.22
CA GLU A 63 0.69 4.98 -7.63
C GLU A 63 1.78 6.05 -7.84
N ALA A 64 2.21 6.70 -6.79
CA ALA A 64 3.25 7.76 -6.91
C ALA A 64 4.66 7.16 -6.73
N CYS A 65 4.77 6.03 -6.05
CA CYS A 65 6.12 5.43 -5.83
C CYS A 65 6.58 4.67 -7.07
N PHE A 66 5.67 4.16 -7.83
CA PHE A 66 6.05 3.40 -9.06
C PHE A 66 6.55 4.38 -10.13
N HIS A 67 7.84 4.44 -10.35
CA HIS A 67 8.38 5.38 -11.38
C HIS A 67 9.72 4.87 -11.94
N CYS A 68 10.24 5.53 -12.94
CA CYS A 68 11.55 5.11 -13.53
C CYS A 68 12.69 5.71 -12.71
N SER A 69 13.77 5.00 -12.56
CA SER A 69 14.90 5.55 -11.75
C SER A 69 15.63 6.67 -12.52
N GLN A 70 15.52 6.69 -13.83
CA GLN A 70 16.23 7.74 -14.63
C GLN A 70 15.27 8.88 -15.02
N CYS A 71 14.12 8.54 -15.53
CA CYS A 71 13.16 9.61 -15.96
C CYS A 71 12.19 9.95 -14.82
N ARG A 72 12.25 9.24 -13.74
CA ARG A 72 11.33 9.53 -12.63
C ARG A 72 9.90 9.63 -13.16
N ASN A 73 9.68 9.12 -14.33
CA ASN A 73 8.32 9.14 -14.90
C ASN A 73 7.47 8.21 -14.06
N SER A 74 6.19 8.43 -13.95
CA SER A 74 5.35 7.51 -13.13
C SER A 74 4.89 6.35 -14.00
N LEU A 75 5.56 5.23 -13.95
CA LEU A 75 5.14 4.08 -14.79
C LEU A 75 3.99 3.37 -14.06
N VAL A 76 2.83 3.38 -14.64
CA VAL A 76 1.66 2.69 -14.01
C VAL A 76 0.89 2.00 -15.14
N ASP A 77 0.61 0.74 -15.00
CA ASP A 77 -0.11 0.03 -16.09
C ASP A 77 0.64 0.28 -17.41
N LYS A 78 1.86 0.78 -17.30
CA LYS A 78 2.69 1.06 -18.51
C LYS A 78 3.86 0.05 -18.53
N PRO A 79 4.43 -0.24 -19.68
CA PRO A 79 5.54 -1.20 -19.75
C PRO A 79 6.74 -0.69 -18.92
N PHE A 80 7.36 -1.56 -18.17
CA PHE A 80 8.54 -1.15 -17.36
C PHE A 80 9.48 -2.32 -17.16
N ALA A 81 10.75 -2.07 -17.03
CA ALA A 81 11.72 -3.18 -16.80
C ALA A 81 11.93 -3.31 -15.29
N ALA A 82 11.55 -4.41 -14.73
CA ALA A 82 11.70 -4.59 -13.26
C ALA A 82 13.14 -4.98 -12.93
N LYS A 83 13.88 -4.06 -12.37
CA LYS A 83 15.29 -4.35 -12.00
C LYS A 83 15.31 -4.84 -10.55
N GLU A 84 16.37 -5.50 -10.15
CA GLU A 84 16.44 -6.06 -8.76
C GLU A 84 15.77 -5.14 -7.75
N ASP A 85 16.21 -3.90 -7.63
CA ASP A 85 15.59 -2.98 -6.63
C ASP A 85 15.08 -1.71 -7.32
N GLN A 86 15.18 -1.63 -8.63
CA GLN A 86 14.72 -0.37 -9.33
C GLN A 86 13.75 -0.70 -10.47
N LEU A 87 13.16 0.33 -11.03
CA LEU A 87 12.24 0.18 -12.18
C LEU A 87 12.71 1.15 -13.26
N LEU A 88 12.76 0.71 -14.48
CA LEU A 88 13.26 1.60 -15.58
C LEU A 88 12.32 1.50 -16.78
N CYS A 89 12.46 2.39 -17.73
CA CYS A 89 11.59 2.34 -18.92
C CYS A 89 12.22 1.38 -19.91
N THR A 90 11.45 0.55 -20.57
CA THR A 90 12.05 -0.40 -21.55
C THR A 90 13.01 0.37 -22.46
N ASP A 91 12.92 1.67 -22.45
CA ASP A 91 13.85 2.50 -23.28
C ASP A 91 15.14 2.68 -22.50
N CYS A 92 15.05 3.03 -21.25
CA CYS A 92 16.28 3.22 -20.43
C CYS A 92 16.85 1.84 -20.09
N TYR A 93 16.01 0.91 -19.76
CA TYR A 93 16.50 -0.46 -19.42
C TYR A 93 17.30 -1.02 -20.59
N SER A 94 16.75 -0.95 -21.76
CA SER A 94 17.47 -1.47 -22.96
C SER A 94 18.74 -0.66 -23.20
N ASN A 95 18.83 0.50 -22.60
CA ASN A 95 20.04 1.34 -22.79
C ASN A 95 21.19 0.80 -21.93
N GLU A 96 20.88 0.25 -20.77
CA GLU A 96 21.95 -0.30 -19.89
C GLU A 96 21.95 -1.82 -19.97
N TYR A 97 20.79 -2.43 -20.03
CA TYR A 97 20.72 -3.91 -20.11
C TYR A 97 21.64 -4.40 -21.23
N SER A 98 21.73 -3.66 -22.30
CA SER A 98 22.60 -4.09 -23.44
C SER A 98 24.02 -4.35 -22.91
N MET A 1 -21.71 3.86 25.16
CA MET A 1 -23.02 3.36 25.66
C MET A 1 -22.78 2.39 26.83
N THR A 2 -23.52 1.33 26.90
CA THR A 2 -23.32 0.36 28.01
C THR A 2 -22.13 -0.54 27.68
N GLU A 3 -22.05 -1.00 26.47
CA GLU A 3 -20.91 -1.88 26.06
C GLU A 3 -19.64 -1.05 25.97
N ARG A 4 -18.58 -1.64 25.52
CA ARG A 4 -17.29 -0.91 25.42
C ARG A 4 -17.12 -0.36 24.00
N PHE A 5 -16.61 0.84 23.88
CA PHE A 5 -16.41 1.46 22.54
C PHE A 5 -14.93 1.80 22.37
N ASP A 6 -14.10 0.81 22.33
CA ASP A 6 -12.63 1.05 22.15
C ASP A 6 -12.08 0.06 21.15
N CYS A 7 -11.05 0.42 20.45
CA CYS A 7 -10.45 -0.50 19.46
C CYS A 7 -9.96 -1.74 20.20
N HIS A 8 -10.69 -2.82 20.12
CA HIS A 8 -10.28 -4.06 20.84
C HIS A 8 -8.80 -4.34 20.62
N HIS A 9 -8.22 -3.81 19.58
CA HIS A 9 -6.77 -4.09 19.34
C HIS A 9 -5.89 -3.05 20.05
N CYS A 10 -5.95 -1.80 19.66
CA CYS A 10 -5.09 -0.76 20.34
C CYS A 10 -5.77 -0.34 21.65
N ASN A 11 -6.96 -0.82 21.88
CA ASN A 11 -7.72 -0.48 23.11
C ASN A 11 -7.83 1.05 23.26
N GLU A 12 -7.70 1.77 22.18
CA GLU A 12 -7.82 3.26 22.25
C GLU A 12 -9.24 3.66 21.83
N SER A 13 -9.85 4.55 22.55
CA SER A 13 -11.23 4.98 22.18
C SER A 13 -11.28 5.29 20.69
N LEU A 14 -12.30 4.82 19.98
CA LEU A 14 -12.37 5.12 18.52
C LEU A 14 -12.34 6.64 18.38
N PHE A 15 -11.54 7.12 17.50
CA PHE A 15 -11.38 8.61 17.36
C PHE A 15 -12.47 9.30 16.54
N GLY A 16 -13.44 9.87 17.19
CA GLY A 16 -14.45 10.72 16.47
C GLY A 16 -14.98 10.09 15.19
N LYS A 17 -14.71 8.84 14.89
CA LYS A 17 -15.18 8.28 13.56
C LYS A 17 -15.82 6.90 13.69
N LYS A 18 -16.61 6.56 12.70
CA LYS A 18 -17.27 5.23 12.68
C LYS A 18 -16.21 4.17 12.90
N TYR A 19 -16.61 2.94 13.10
CA TYR A 19 -15.60 1.87 13.36
C TYR A 19 -16.03 0.55 12.75
N ILE A 20 -15.09 -0.34 12.57
CA ILE A 20 -15.38 -1.67 11.96
C ILE A 20 -15.24 -2.76 13.01
N LEU A 21 -16.15 -3.69 13.05
CA LEU A 21 -16.01 -4.81 14.03
C LEU A 21 -15.13 -5.83 13.35
N ARG A 22 -13.94 -5.99 13.83
CA ARG A 22 -12.99 -6.96 13.22
C ARG A 22 -12.87 -8.16 14.16
N GLU A 23 -12.89 -9.35 13.63
CA GLU A 23 -12.81 -10.55 14.51
C GLU A 23 -13.89 -10.41 15.58
N GLU A 24 -15.02 -9.85 15.20
CA GLU A 24 -16.13 -9.65 16.17
C GLU A 24 -15.65 -8.70 17.27
N SER A 25 -14.80 -7.77 16.93
CA SER A 25 -14.29 -6.82 17.97
C SER A 25 -13.99 -5.45 17.29
N PRO A 26 -14.33 -4.33 17.93
CA PRO A 26 -14.08 -3.00 17.35
C PRO A 26 -12.58 -2.78 17.12
N TYR A 27 -12.19 -2.44 15.93
CA TYR A 27 -10.76 -2.14 15.62
C TYR A 27 -10.74 -0.70 15.11
N CYS A 28 -9.75 0.07 15.46
CA CYS A 28 -9.73 1.46 14.93
C CYS A 28 -9.58 1.35 13.41
N VAL A 29 -10.13 2.28 12.67
CA VAL A 29 -10.03 2.23 11.19
C VAL A 29 -8.62 1.81 10.78
N VAL A 30 -7.65 2.52 11.26
CA VAL A 30 -6.24 2.19 10.93
C VAL A 30 -5.99 0.69 11.09
N CYS A 31 -6.31 0.13 12.23
CA CYS A 31 -6.04 -1.32 12.43
C CYS A 31 -6.55 -2.11 11.22
N PHE A 32 -7.85 -2.12 11.02
CA PHE A 32 -8.40 -2.89 9.87
C PHE A 32 -7.62 -2.59 8.59
N GLU A 33 -7.32 -1.34 8.33
CA GLU A 33 -6.57 -1.00 7.10
C GLU A 33 -5.11 -1.44 7.21
N THR A 34 -4.37 -0.88 8.13
CA THR A 34 -2.93 -1.24 8.27
C THR A 34 -2.75 -2.77 8.37
N LEU A 35 -3.57 -3.43 9.14
CA LEU A 35 -3.41 -4.91 9.29
C LEU A 35 -3.50 -5.61 7.92
N PHE A 36 -4.58 -5.43 7.21
CA PHE A 36 -4.75 -6.14 5.90
C PHE A 36 -4.38 -5.22 4.72
N ALA A 37 -4.01 -4.01 4.97
CA ALA A 37 -3.63 -3.11 3.83
C ALA A 37 -2.50 -3.77 3.03
N ASN A 38 -2.34 -3.37 1.80
CA ASN A 38 -1.26 -3.96 0.95
C ASN A 38 0.07 -3.28 1.27
N THR A 39 1.16 -3.96 1.06
CA THR A 39 2.49 -3.34 1.35
C THR A 39 3.07 -2.69 0.10
N CYS A 40 3.61 -1.50 0.23
CA CYS A 40 4.22 -0.82 -0.94
C CYS A 40 5.68 -1.23 -1.03
N GLU A 41 5.99 -2.11 -1.92
CA GLU A 41 7.39 -2.59 -2.08
C GLU A 41 8.37 -1.41 -2.06
N GLU A 42 7.89 -0.21 -2.31
CA GLU A 42 8.82 0.97 -2.30
C GLU A 42 8.93 1.52 -0.87
N CYS A 43 7.83 1.95 -0.31
CA CYS A 43 7.87 2.50 1.08
C CYS A 43 8.03 1.37 2.08
N GLY A 44 7.31 0.29 1.87
CA GLY A 44 7.39 -0.85 2.82
C GLY A 44 6.27 -0.72 3.85
N LYS A 45 5.60 0.41 3.85
CA LYS A 45 4.48 0.63 4.80
C LYS A 45 3.15 0.20 4.14
N PRO A 46 2.17 -0.20 4.93
CA PRO A 46 0.87 -0.62 4.37
C PRO A 46 0.25 0.52 3.54
N ILE A 47 -0.48 0.19 2.50
CA ILE A 47 -1.14 1.25 1.66
C ILE A 47 -2.63 1.28 2.01
N GLY A 48 -3.06 2.25 2.75
CA GLY A 48 -4.49 2.33 3.13
C GLY A 48 -5.35 2.53 1.87
N CYS A 49 -6.55 2.04 1.89
CA CYS A 49 -7.43 2.20 0.71
C CYS A 49 -7.66 3.69 0.45
N ASP A 50 -7.63 4.50 1.48
CA ASP A 50 -7.85 5.96 1.29
C ASP A 50 -6.65 6.56 0.56
N CYS A 51 -5.61 5.77 0.36
CA CYS A 51 -4.40 6.28 -0.35
C CYS A 51 -4.40 5.76 -1.79
N LYS A 52 -3.64 6.38 -2.64
CA LYS A 52 -3.59 5.92 -4.06
C LYS A 52 -2.94 4.52 -4.10
N ASP A 53 -3.72 3.48 -4.21
CA ASP A 53 -3.15 2.10 -4.25
C ASP A 53 -3.01 1.62 -5.70
N LEU A 54 -1.81 1.68 -6.22
CA LEU A 54 -1.58 1.21 -7.63
C LEU A 54 -1.41 -0.31 -7.61
N SER A 55 -2.25 -1.03 -8.32
CA SER A 55 -2.14 -2.52 -8.35
C SER A 55 -1.60 -2.98 -9.71
N TYR A 56 -0.54 -3.74 -9.71
CA TYR A 56 0.05 -4.22 -11.00
C TYR A 56 0.63 -5.63 -10.80
N LYS A 57 0.13 -6.60 -11.52
CA LYS A 57 0.64 -7.99 -11.38
C LYS A 57 0.52 -8.45 -9.92
N ASP A 58 -0.68 -8.54 -9.42
CA ASP A 58 -0.91 -8.99 -8.01
C ASP A 58 -0.01 -8.25 -7.02
N ARG A 59 0.63 -7.18 -7.43
CA ARG A 59 1.50 -6.40 -6.48
C ARG A 59 0.84 -5.04 -6.23
N HIS A 60 1.30 -4.32 -5.24
CA HIS A 60 0.70 -2.99 -4.93
C HIS A 60 1.79 -1.91 -4.90
N TRP A 61 1.43 -0.70 -5.23
CA TRP A 61 2.44 0.41 -5.24
C TRP A 61 1.71 1.75 -5.13
N HIS A 62 2.30 2.73 -4.51
CA HIS A 62 1.64 4.06 -4.46
C HIS A 62 1.75 4.65 -5.88
N GLU A 63 0.67 5.08 -6.48
CA GLU A 63 0.76 5.65 -7.87
C GLU A 63 2.01 6.53 -8.01
N ALA A 64 2.49 7.10 -6.93
CA ALA A 64 3.71 7.97 -7.01
C ALA A 64 4.99 7.16 -6.79
N CYS A 65 4.91 6.01 -6.19
CA CYS A 65 6.14 5.20 -5.94
C CYS A 65 6.55 4.46 -7.21
N PHE A 66 5.60 4.09 -8.02
CA PHE A 66 5.94 3.35 -9.25
C PHE A 66 6.58 4.33 -10.25
N HIS A 67 7.89 4.32 -10.35
CA HIS A 67 8.57 5.25 -11.29
C HIS A 67 9.91 4.66 -11.76
N CYS A 68 10.57 5.32 -12.68
CA CYS A 68 11.88 4.82 -13.17
C CYS A 68 12.98 5.25 -12.20
N SER A 69 13.96 4.44 -11.98
CA SER A 69 15.04 4.81 -11.03
C SER A 69 15.93 5.91 -11.64
N GLN A 70 15.95 6.03 -12.94
CA GLN A 70 16.82 7.07 -13.59
C GLN A 70 16.02 8.31 -13.97
N CYS A 71 14.90 8.13 -14.61
CA CYS A 71 14.08 9.32 -15.04
C CYS A 71 13.03 9.66 -13.99
N ARG A 72 12.93 8.88 -12.96
CA ARG A 72 11.91 9.17 -11.91
C ARG A 72 10.56 9.42 -12.57
N ASN A 73 10.41 9.03 -13.81
CA ASN A 73 9.11 9.23 -14.48
C ASN A 73 8.10 8.33 -13.79
N SER A 74 6.86 8.69 -13.74
CA SER A 74 5.87 7.82 -13.06
C SER A 74 5.37 6.77 -14.05
N LEU A 75 5.92 5.57 -14.01
CA LEU A 75 5.44 4.53 -14.95
C LEU A 75 4.21 3.86 -14.36
N VAL A 76 3.09 4.02 -15.01
CA VAL A 76 1.84 3.38 -14.53
C VAL A 76 1.09 2.89 -15.76
N ASP A 77 0.64 1.67 -15.76
CA ASP A 77 -0.06 1.14 -16.97
C ASP A 77 0.82 1.41 -18.20
N LYS A 78 2.06 1.77 -17.97
CA LYS A 78 3.01 2.06 -19.10
C LYS A 78 4.09 0.96 -19.10
N PRO A 79 4.73 0.70 -20.23
CA PRO A 79 5.77 -0.34 -20.30
C PRO A 79 6.93 -0.02 -19.34
N PHE A 80 7.41 -1.01 -18.62
CA PHE A 80 8.56 -0.78 -17.69
C PHE A 80 9.36 -2.06 -17.52
N ALA A 81 10.63 -1.94 -17.23
CA ALA A 81 11.46 -3.15 -17.01
C ALA A 81 11.49 -3.44 -15.52
N ALA A 82 10.94 -4.55 -15.12
CA ALA A 82 10.91 -4.88 -13.67
C ALA A 82 12.25 -5.45 -13.22
N LYS A 83 13.02 -4.66 -12.51
CA LYS A 83 14.35 -5.15 -12.02
C LYS A 83 14.14 -5.72 -10.62
N GLU A 84 15.05 -6.52 -10.15
CA GLU A 84 14.90 -7.17 -8.81
C GLU A 84 14.24 -6.23 -7.80
N ASP A 85 14.81 -5.08 -7.53
CA ASP A 85 14.21 -4.14 -6.54
C ASP A 85 13.95 -2.78 -7.18
N GLN A 86 14.19 -2.63 -8.46
CA GLN A 86 13.99 -1.30 -9.11
C GLN A 86 13.11 -1.42 -10.37
N LEU A 87 12.73 -0.29 -10.90
CA LEU A 87 11.91 -0.25 -12.15
C LEU A 87 12.59 0.75 -13.08
N LEU A 88 12.73 0.40 -14.33
CA LEU A 88 13.42 1.31 -15.29
C LEU A 88 12.59 1.39 -16.58
N CYS A 89 12.90 2.33 -17.43
CA CYS A 89 12.16 2.45 -18.71
C CYS A 89 12.78 1.49 -19.70
N THR A 90 12.00 0.79 -20.47
CA THR A 90 12.58 -0.16 -21.45
C THR A 90 13.71 0.53 -22.21
N ASP A 91 13.75 1.84 -22.14
CA ASP A 91 14.83 2.60 -22.82
C ASP A 91 16.05 2.62 -21.91
N CYS A 92 15.85 2.91 -20.64
CA CYS A 92 17.00 2.93 -19.69
C CYS A 92 17.41 1.49 -19.38
N TYR A 93 16.45 0.63 -19.22
CA TYR A 93 16.78 -0.79 -18.90
C TYR A 93 17.66 -1.36 -20.01
N SER A 94 17.26 -1.18 -21.23
CA SER A 94 18.07 -1.72 -22.36
C SER A 94 19.42 -1.01 -22.40
N ASN A 95 19.53 0.11 -21.75
CA ASN A 95 20.83 0.85 -21.75
C ASN A 95 21.83 0.13 -20.85
N GLU A 96 21.36 -0.44 -19.77
CA GLU A 96 22.29 -1.17 -18.83
C GLU A 96 22.09 -2.67 -18.99
N TYR A 97 20.88 -3.11 -19.15
CA TYR A 97 20.61 -4.57 -19.31
C TYR A 97 21.45 -5.11 -20.47
N SER A 98 21.68 -4.32 -21.47
CA SER A 98 22.49 -4.78 -22.63
C SER A 98 23.82 -5.34 -22.12
N MET A 1 -24.79 2.34 25.12
CA MET A 1 -23.54 3.05 25.51
C MET A 1 -22.95 2.38 26.76
N THR A 2 -23.53 1.31 27.21
CA THR A 2 -23.00 0.62 28.41
C THR A 2 -21.73 -0.15 28.05
N GLU A 3 -21.73 -0.81 26.93
CA GLU A 3 -20.52 -1.57 26.51
C GLU A 3 -19.34 -0.62 26.37
N ARG A 4 -18.21 -1.15 25.99
CA ARG A 4 -16.99 -0.32 25.83
C ARG A 4 -16.85 0.12 24.38
N PHE A 5 -16.38 1.32 24.16
CA PHE A 5 -16.22 1.83 22.76
C PHE A 5 -14.75 2.15 22.51
N ASP A 6 -13.91 1.16 22.51
CA ASP A 6 -12.45 1.39 22.25
C ASP A 6 -11.95 0.34 21.26
N CYS A 7 -10.97 0.70 20.49
CA CYS A 7 -10.42 -0.26 19.52
C CYS A 7 -9.89 -1.46 20.29
N HIS A 8 -10.61 -2.54 20.30
CA HIS A 8 -10.16 -3.74 21.06
C HIS A 8 -8.70 -4.04 20.76
N HIS A 9 -8.17 -3.58 19.65
CA HIS A 9 -6.74 -3.87 19.33
C HIS A 9 -5.82 -2.82 19.99
N CYS A 10 -5.92 -1.57 19.61
CA CYS A 10 -5.04 -0.53 20.23
C CYS A 10 -5.67 -0.03 21.53
N ASN A 11 -6.87 -0.47 21.80
CA ASN A 11 -7.59 -0.04 23.03
C ASN A 11 -7.69 1.49 23.10
N GLU A 12 -7.54 2.15 21.96
CA GLU A 12 -7.65 3.64 21.96
C GLU A 12 -9.09 4.02 21.59
N SER A 13 -9.69 4.92 22.32
CA SER A 13 -11.09 5.32 22.00
C SER A 13 -11.23 5.57 20.49
N LEU A 14 -12.25 5.05 19.87
CA LEU A 14 -12.40 5.29 18.40
C LEU A 14 -12.42 6.80 18.20
N PHE A 15 -11.66 7.26 17.27
CA PHE A 15 -11.55 8.74 17.07
C PHE A 15 -12.68 9.37 16.25
N GLY A 16 -13.65 9.93 16.90
CA GLY A 16 -14.70 10.72 16.19
C GLY A 16 -15.25 10.01 14.94
N LYS A 17 -14.93 8.76 14.69
CA LYS A 17 -15.43 8.12 13.41
C LYS A 17 -16.01 6.73 13.62
N LYS A 18 -16.81 6.31 12.66
CA LYS A 18 -17.42 4.95 12.72
C LYS A 18 -16.32 3.94 12.98
N TYR A 19 -16.69 2.72 13.21
CA TYR A 19 -15.65 1.69 13.51
C TYR A 19 -16.08 0.32 12.97
N ILE A 20 -15.11 -0.56 12.83
CA ILE A 20 -15.39 -1.93 12.30
C ILE A 20 -15.26 -2.95 13.42
N LEU A 21 -16.17 -3.89 13.49
CA LEU A 21 -16.05 -4.95 14.53
C LEU A 21 -15.19 -6.04 13.93
N ARG A 22 -13.98 -6.13 14.38
CA ARG A 22 -13.03 -7.15 13.85
C ARG A 22 -12.83 -8.21 14.94
N GLU A 23 -12.78 -9.46 14.56
CA GLU A 23 -12.64 -10.53 15.58
C GLU A 23 -13.77 -10.33 16.59
N GLU A 24 -14.91 -9.91 16.12
CA GLU A 24 -16.05 -9.65 17.04
C GLU A 24 -15.62 -8.60 18.04
N SER A 25 -14.77 -7.68 17.63
CA SER A 25 -14.28 -6.64 18.57
C SER A 25 -14.01 -5.33 17.79
N PRO A 26 -14.32 -4.18 18.37
CA PRO A 26 -14.10 -2.88 17.69
C PRO A 26 -12.62 -2.66 17.40
N TYR A 27 -12.29 -2.37 16.17
CA TYR A 27 -10.86 -2.06 15.80
C TYR A 27 -10.87 -0.64 15.24
N CYS A 28 -9.84 0.12 15.46
CA CYS A 28 -9.84 1.49 14.89
C CYS A 28 -9.74 1.35 13.38
N VAL A 29 -10.30 2.26 12.64
CA VAL A 29 -10.24 2.15 11.16
C VAL A 29 -8.83 1.75 10.72
N VAL A 30 -7.86 2.51 11.14
CA VAL A 30 -6.45 2.21 10.77
C VAL A 30 -6.14 0.72 10.95
N CYS A 31 -6.42 0.16 12.11
CA CYS A 31 -6.13 -1.28 12.31
C CYS A 31 -6.61 -2.09 11.10
N PHE A 32 -7.88 -2.12 10.87
CA PHE A 32 -8.43 -2.88 9.72
C PHE A 32 -7.60 -2.62 8.45
N GLU A 33 -7.30 -1.38 8.14
CA GLU A 33 -6.52 -1.10 6.92
C GLU A 33 -5.06 -1.57 7.08
N THR A 34 -4.35 -1.00 8.00
CA THR A 34 -2.93 -1.39 8.19
C THR A 34 -2.79 -2.92 8.29
N LEU A 35 -3.64 -3.56 9.03
CA LEU A 35 -3.54 -5.04 9.20
C LEU A 35 -3.58 -5.74 7.83
N PHE A 36 -4.62 -5.54 7.07
CA PHE A 36 -4.77 -6.23 5.76
C PHE A 36 -4.32 -5.35 4.59
N ALA A 37 -3.93 -4.14 4.84
CA ALA A 37 -3.49 -3.26 3.71
C ALA A 37 -2.29 -3.90 3.00
N ASN A 38 -2.08 -3.56 1.77
CA ASN A 38 -0.93 -4.13 1.01
C ASN A 38 0.33 -3.31 1.30
N THR A 39 1.48 -3.90 1.19
CA THR A 39 2.74 -3.14 1.46
C THR A 39 3.29 -2.52 0.17
N CYS A 40 3.68 -1.28 0.22
CA CYS A 40 4.26 -0.63 -1.00
C CYS A 40 5.75 -0.91 -1.03
N GLU A 41 6.15 -1.84 -1.84
CA GLU A 41 7.58 -2.23 -1.95
C GLU A 41 8.46 -0.98 -1.97
N GLU A 42 7.91 0.17 -2.26
CA GLU A 42 8.74 1.42 -2.30
C GLU A 42 8.74 2.10 -0.93
N CYS A 43 7.59 2.36 -0.38
CA CYS A 43 7.53 3.03 0.97
C CYS A 43 7.69 2.00 2.07
N GLY A 44 7.10 0.85 1.91
CA GLY A 44 7.19 -0.19 2.98
C GLY A 44 6.02 0.04 3.95
N LYS A 45 5.32 1.12 3.73
CA LYS A 45 4.15 1.46 4.60
C LYS A 45 2.89 0.83 3.98
N PRO A 46 2.02 0.22 4.77
CA PRO A 46 0.80 -0.38 4.21
C PRO A 46 0.04 0.64 3.35
N ILE A 47 -0.54 0.20 2.26
CA ILE A 47 -1.31 1.13 1.37
C ILE A 47 -2.80 1.03 1.72
N GLY A 48 -3.33 2.03 2.36
CA GLY A 48 -4.77 1.99 2.75
C GLY A 48 -5.64 2.15 1.50
N CYS A 49 -6.82 1.61 1.53
CA CYS A 49 -7.73 1.73 0.36
C CYS A 49 -8.15 3.19 0.19
N ASP A 50 -7.98 3.98 1.21
CA ASP A 50 -8.36 5.42 1.12
C ASP A 50 -7.34 6.15 0.26
N CYS A 51 -6.59 5.43 -0.53
CA CYS A 51 -5.56 6.08 -1.40
C CYS A 51 -5.48 5.32 -2.73
N LYS A 52 -4.62 5.75 -3.61
CA LYS A 52 -4.49 5.06 -4.93
C LYS A 52 -3.54 3.86 -4.78
N ASP A 53 -4.08 2.67 -4.82
CA ASP A 53 -3.23 1.44 -4.68
C ASP A 53 -2.96 0.86 -6.07
N LEU A 54 -1.79 1.13 -6.61
CA LEU A 54 -1.46 0.59 -7.96
C LEU A 54 -1.18 -0.92 -7.83
N SER A 55 -1.89 -1.74 -8.57
CA SER A 55 -1.68 -3.22 -8.50
C SER A 55 -1.05 -3.72 -9.81
N TYR A 56 0.06 -4.39 -9.75
CA TYR A 56 0.71 -4.90 -10.99
C TYR A 56 1.45 -6.21 -10.68
N LYS A 57 1.34 -7.20 -11.52
CA LYS A 57 2.03 -8.50 -11.26
C LYS A 57 1.77 -8.94 -9.82
N ASP A 58 0.53 -9.00 -9.42
CA ASP A 58 0.19 -9.44 -8.03
C ASP A 58 0.94 -8.60 -6.98
N ARG A 59 1.53 -7.50 -7.36
CA ARG A 59 2.24 -6.63 -6.37
C ARG A 59 1.46 -5.34 -6.18
N HIS A 60 1.78 -4.58 -5.16
CA HIS A 60 1.04 -3.30 -4.91
C HIS A 60 2.03 -2.13 -4.93
N TRP A 61 1.59 -0.98 -5.34
CA TRP A 61 2.50 0.21 -5.39
C TRP A 61 1.66 1.49 -5.39
N HIS A 62 2.16 2.54 -4.80
CA HIS A 62 1.41 3.81 -4.83
C HIS A 62 1.52 4.34 -6.28
N GLU A 63 0.44 4.69 -6.91
CA GLU A 63 0.52 5.18 -8.33
C GLU A 63 1.73 6.12 -8.50
N ALA A 64 2.14 6.78 -7.45
CA ALA A 64 3.30 7.72 -7.57
C ALA A 64 4.63 7.01 -7.25
N CYS A 65 4.61 5.89 -6.58
CA CYS A 65 5.89 5.19 -6.25
C CYS A 65 6.37 4.39 -7.45
N PHE A 66 5.48 3.92 -8.26
CA PHE A 66 5.89 3.13 -9.45
C PHE A 66 6.52 4.09 -10.46
N HIS A 67 7.83 4.12 -10.53
CA HIS A 67 8.49 5.05 -11.49
C HIS A 67 9.85 4.50 -11.93
N CYS A 68 10.49 5.17 -12.86
CA CYS A 68 11.83 4.72 -13.34
C CYS A 68 12.90 5.19 -12.36
N SER A 69 13.91 4.41 -12.14
CA SER A 69 14.96 4.83 -11.17
C SER A 69 15.80 5.98 -11.76
N GLN A 70 15.84 6.11 -13.06
CA GLN A 70 16.66 7.20 -13.70
C GLN A 70 15.79 8.39 -14.08
N CYS A 71 14.71 8.15 -14.76
CA CYS A 71 13.82 9.28 -15.20
C CYS A 71 12.76 9.58 -14.13
N ARG A 72 12.71 8.81 -13.09
CA ARG A 72 11.69 9.05 -12.04
C ARG A 72 10.32 9.29 -12.67
N ASN A 73 10.17 8.92 -13.92
CA ASN A 73 8.85 9.10 -14.58
C ASN A 73 7.88 8.14 -13.91
N SER A 74 6.62 8.44 -13.90
CA SER A 74 5.66 7.52 -13.24
C SER A 74 5.22 6.44 -14.23
N LEU A 75 5.82 5.27 -14.17
CA LEU A 75 5.41 4.19 -15.12
C LEU A 75 4.17 3.50 -14.55
N VAL A 76 3.06 3.60 -15.21
CA VAL A 76 1.83 2.92 -14.75
C VAL A 76 1.13 2.36 -15.98
N ASP A 77 0.78 1.11 -15.98
CA ASP A 77 0.14 0.53 -17.20
C ASP A 77 1.02 0.85 -18.40
N LYS A 78 2.23 1.28 -18.16
CA LYS A 78 3.20 1.61 -19.25
C LYS A 78 4.30 0.53 -19.23
N PRO A 79 4.97 0.31 -20.34
CA PRO A 79 6.04 -0.70 -20.39
C PRO A 79 7.18 -0.32 -19.42
N PHE A 80 7.68 -1.27 -18.67
CA PHE A 80 8.81 -0.98 -17.72
C PHE A 80 9.65 -2.24 -17.52
N ALA A 81 10.91 -2.06 -17.24
CA ALA A 81 11.79 -3.24 -17.00
C ALA A 81 11.85 -3.50 -15.50
N ALA A 82 11.34 -4.62 -15.07
CA ALA A 82 11.33 -4.91 -13.61
C ALA A 82 12.70 -5.42 -13.17
N LYS A 83 13.45 -4.60 -12.49
CA LYS A 83 14.79 -5.03 -12.01
C LYS A 83 14.62 -5.61 -10.61
N GLU A 84 15.58 -6.36 -10.15
CA GLU A 84 15.47 -7.01 -8.81
C GLU A 84 14.76 -6.11 -7.79
N ASP A 85 15.25 -4.92 -7.55
CA ASP A 85 14.60 -4.02 -6.55
C ASP A 85 14.25 -2.67 -7.19
N GLN A 86 14.49 -2.51 -8.47
CA GLN A 86 14.21 -1.20 -9.14
C GLN A 86 13.34 -1.37 -10.40
N LEU A 87 12.89 -0.27 -10.93
CA LEU A 87 12.08 -0.28 -12.18
C LEU A 87 12.71 0.73 -13.13
N LEU A 88 12.86 0.38 -14.38
CA LEU A 88 13.51 1.30 -15.35
C LEU A 88 12.69 1.34 -16.64
N CYS A 89 12.98 2.27 -17.52
CA CYS A 89 12.22 2.32 -18.80
C CYS A 89 12.91 1.38 -19.78
N THR A 90 12.16 0.63 -20.54
CA THR A 90 12.80 -0.30 -21.51
C THR A 90 13.89 0.44 -22.28
N ASP A 91 13.88 1.74 -22.21
CA ASP A 91 14.93 2.53 -22.90
C ASP A 91 16.16 2.61 -21.99
N CYS A 92 15.95 2.94 -20.74
CA CYS A 92 17.08 3.01 -19.78
C CYS A 92 17.54 1.60 -19.46
N TYR A 93 16.62 0.69 -19.27
CA TYR A 93 16.99 -0.71 -18.96
C TYR A 93 17.88 -1.25 -20.08
N SER A 94 17.45 -1.08 -21.30
CA SER A 94 18.25 -1.58 -22.45
C SER A 94 19.63 -0.93 -22.43
N ASN A 95 19.76 0.19 -21.77
CA ASN A 95 21.08 0.87 -21.71
C ASN A 95 22.01 0.11 -20.76
N GLU A 96 21.46 -0.47 -19.72
CA GLU A 96 22.31 -1.23 -18.75
C GLU A 96 22.34 -2.70 -19.18
N TYR A 97 21.23 -3.21 -19.61
CA TYR A 97 21.19 -4.63 -20.07
C TYR A 97 22.02 -4.71 -21.35
N SER A 98 22.06 -3.64 -22.08
CA SER A 98 22.84 -3.63 -23.35
C SER A 98 22.58 -4.92 -24.14
N MET A 1 -22.70 2.42 24.58
CA MET A 1 -23.88 1.88 25.31
C MET A 1 -23.41 0.95 26.42
N THR A 2 -24.25 0.03 26.84
CA THR A 2 -23.85 -0.90 27.92
C THR A 2 -22.54 -1.60 27.53
N GLU A 3 -22.43 -2.03 26.30
CA GLU A 3 -21.20 -2.71 25.86
C GLU A 3 -20.04 -1.71 25.82
N ARG A 4 -18.89 -2.17 25.44
CA ARG A 4 -17.70 -1.27 25.39
C ARG A 4 -17.53 -0.75 23.97
N PHE A 5 -17.17 0.50 23.84
CA PHE A 5 -16.98 1.11 22.50
C PHE A 5 -15.53 1.57 22.36
N ASP A 6 -14.61 0.65 22.37
CA ASP A 6 -13.16 1.01 22.23
C ASP A 6 -12.49 0.06 21.25
N CYS A 7 -11.50 0.52 20.56
CA CYS A 7 -10.82 -0.35 19.59
C CYS A 7 -10.25 -1.55 20.37
N HIS A 8 -10.88 -2.68 20.28
CA HIS A 8 -10.41 -3.87 21.03
C HIS A 8 -8.90 -4.03 20.90
N HIS A 9 -8.32 -3.46 19.87
CA HIS A 9 -6.84 -3.61 19.70
C HIS A 9 -6.09 -2.49 20.44
N CYS A 10 -6.24 -1.25 20.03
CA CYS A 10 -5.52 -0.14 20.73
C CYS A 10 -6.29 0.24 22.00
N ASN A 11 -7.45 -0.32 22.15
CA ASN A 11 -8.30 -0.02 23.34
C ASN A 11 -8.55 1.48 23.44
N GLU A 12 -8.34 2.20 22.37
CA GLU A 12 -8.59 3.68 22.40
C GLU A 12 -10.04 3.94 21.95
N SER A 13 -10.75 4.77 22.64
CA SER A 13 -12.16 5.06 22.23
C SER A 13 -12.19 5.35 20.72
N LEU A 14 -13.12 4.80 20.01
CA LEU A 14 -13.19 5.08 18.54
C LEU A 14 -13.28 6.59 18.39
N PHE A 15 -12.50 7.14 17.51
CA PHE A 15 -12.47 8.62 17.38
C PHE A 15 -13.58 9.22 16.50
N GLY A 16 -14.62 9.70 17.12
CA GLY A 16 -15.67 10.45 16.36
C GLY A 16 -16.10 9.76 15.07
N LYS A 17 -15.69 8.54 14.79
CA LYS A 17 -16.04 7.93 13.46
C LYS A 17 -16.56 6.49 13.58
N LYS A 18 -17.27 6.07 12.56
CA LYS A 18 -17.81 4.69 12.51
C LYS A 18 -16.67 3.73 12.81
N TYR A 19 -16.97 2.48 13.00
CA TYR A 19 -15.89 1.49 13.31
C TYR A 19 -16.20 0.14 12.70
N ILE A 20 -15.18 -0.66 12.55
CA ILE A 20 -15.35 -2.02 11.94
C ILE A 20 -15.15 -3.08 13.01
N LEU A 21 -15.99 -4.08 13.04
CA LEU A 21 -15.78 -5.17 14.03
C LEU A 21 -14.79 -6.13 13.40
N ARG A 22 -13.61 -6.17 13.93
CA ARG A 22 -12.56 -7.07 13.37
C ARG A 22 -12.38 -8.23 14.32
N GLU A 23 -12.27 -9.43 13.80
CA GLU A 23 -12.14 -10.61 14.71
C GLU A 23 -13.27 -10.54 15.73
N GLU A 24 -14.42 -10.12 15.28
CA GLU A 24 -15.59 -9.98 16.21
C GLU A 24 -15.23 -9.00 17.32
N SER A 25 -14.44 -8.00 17.01
CA SER A 25 -14.06 -7.00 18.05
C SER A 25 -13.84 -5.62 17.38
N PRO A 26 -14.30 -4.54 18.00
CA PRO A 26 -14.13 -3.19 17.40
C PRO A 26 -12.66 -2.84 17.23
N TYR A 27 -12.26 -2.48 16.04
CA TYR A 27 -10.85 -2.06 15.78
C TYR A 27 -10.93 -0.62 15.25
N CYS A 28 -10.03 0.23 15.61
CA CYS A 28 -10.11 1.60 15.07
C CYS A 28 -9.92 1.50 13.56
N VAL A 29 -10.53 2.37 12.81
CA VAL A 29 -10.41 2.30 11.32
C VAL A 29 -8.95 2.00 10.94
N VAL A 30 -8.05 2.84 11.35
CA VAL A 30 -6.62 2.62 11.01
C VAL A 30 -6.21 1.17 11.25
N CYS A 31 -6.48 0.63 12.41
CA CYS A 31 -6.07 -0.79 12.67
C CYS A 31 -6.46 -1.67 11.48
N PHE A 32 -7.72 -1.81 11.22
CA PHE A 32 -8.16 -2.69 10.09
C PHE A 32 -7.32 -2.41 8.84
N GLU A 33 -7.11 -1.17 8.49
CA GLU A 33 -6.32 -0.87 7.26
C GLU A 33 -4.83 -1.16 7.50
N THR A 34 -4.22 -0.45 8.39
CA THR A 34 -2.76 -0.66 8.64
C THR A 34 -2.45 -2.14 8.86
N LEU A 35 -3.25 -2.83 9.63
CA LEU A 35 -2.97 -4.27 9.90
C LEU A 35 -2.91 -5.08 8.59
N PHE A 36 -3.97 -5.05 7.82
CA PHE A 36 -4.00 -5.86 6.56
C PHE A 36 -3.62 -5.02 5.33
N ALA A 37 -3.35 -3.75 5.50
CA ALA A 37 -2.99 -2.92 4.32
C ALA A 37 -1.74 -3.51 3.66
N ASN A 38 -1.55 -3.23 2.40
CA ASN A 38 -0.35 -3.78 1.69
C ASN A 38 0.84 -2.85 1.92
N THR A 39 2.04 -3.37 1.84
CA THR A 39 3.25 -2.52 2.06
C THR A 39 3.76 -1.96 0.73
N CYS A 40 4.10 -0.70 0.70
CA CYS A 40 4.64 -0.10 -0.56
C CYS A 40 6.14 -0.32 -0.60
N GLU A 41 6.56 -1.26 -1.39
CA GLU A 41 8.00 -1.58 -1.49
C GLU A 41 8.83 -0.29 -1.61
N GLU A 42 8.22 0.80 -1.97
CA GLU A 42 8.98 2.08 -2.10
C GLU A 42 9.00 2.81 -0.75
N CYS A 43 7.85 3.09 -0.20
CA CYS A 43 7.79 3.81 1.11
C CYS A 43 8.02 2.82 2.26
N GLY A 44 7.41 1.67 2.18
CA GLY A 44 7.57 0.66 3.27
C GLY A 44 6.40 0.80 4.25
N LYS A 45 5.62 1.84 4.09
CA LYS A 45 4.44 2.06 4.99
C LYS A 45 3.20 1.36 4.38
N PRO A 46 2.28 0.90 5.21
CA PRO A 46 1.08 0.23 4.69
C PRO A 46 0.31 1.17 3.73
N ILE A 47 -0.25 0.63 2.68
CA ILE A 47 -1.03 1.48 1.72
C ILE A 47 -2.51 1.35 2.05
N GLY A 48 -3.10 2.36 2.63
CA GLY A 48 -4.55 2.27 2.98
C GLY A 48 -5.41 2.51 1.74
N CYS A 49 -6.70 2.37 1.87
CA CYS A 49 -7.59 2.59 0.70
C CYS A 49 -7.81 4.09 0.50
N ASP A 50 -7.54 4.88 1.51
CA ASP A 50 -7.71 6.35 1.37
C ASP A 50 -6.60 6.92 0.50
N CYS A 51 -5.97 6.08 -0.29
CA CYS A 51 -4.87 6.56 -1.19
C CYS A 51 -4.83 5.71 -2.45
N LYS A 52 -4.30 6.22 -3.51
CA LYS A 52 -4.22 5.42 -4.77
C LYS A 52 -3.33 4.20 -4.56
N ASP A 53 -3.92 3.03 -4.51
CA ASP A 53 -3.11 1.78 -4.30
C ASP A 53 -2.86 1.11 -5.65
N LEU A 54 -1.63 1.11 -6.12
CA LEU A 54 -1.32 0.48 -7.43
C LEU A 54 -1.01 -1.01 -7.20
N SER A 55 -1.68 -1.89 -7.90
CA SER A 55 -1.43 -3.36 -7.72
C SER A 55 -0.87 -3.93 -9.04
N TYR A 56 0.29 -4.55 -8.99
CA TYR A 56 0.89 -5.12 -10.24
C TYR A 56 1.61 -6.43 -9.91
N LYS A 57 1.19 -7.52 -10.50
CA LYS A 57 1.85 -8.84 -10.23
C LYS A 57 1.82 -9.15 -8.73
N ASP A 58 0.65 -9.25 -8.17
CA ASP A 58 0.52 -9.57 -6.71
C ASP A 58 1.36 -8.63 -5.85
N ARG A 59 1.87 -7.56 -6.39
CA ARG A 59 2.68 -6.59 -5.57
C ARG A 59 1.87 -5.30 -5.41
N HIS A 60 2.27 -4.43 -4.52
CA HIS A 60 1.52 -3.16 -4.31
C HIS A 60 2.46 -1.96 -4.40
N TRP A 61 1.97 -0.84 -4.85
CA TRP A 61 2.82 0.37 -4.99
C TRP A 61 1.92 1.61 -5.02
N HIS A 62 2.40 2.71 -4.52
CA HIS A 62 1.57 3.95 -4.60
C HIS A 62 1.61 4.38 -6.05
N GLU A 63 0.48 4.60 -6.67
CA GLU A 63 0.47 5.01 -8.11
C GLU A 63 1.57 6.06 -8.36
N ALA A 64 1.99 6.77 -7.34
CA ALA A 64 3.05 7.80 -7.50
C ALA A 64 4.45 7.20 -7.26
N CYS A 65 4.55 6.11 -6.53
CA CYS A 65 5.89 5.51 -6.25
C CYS A 65 6.38 4.70 -7.45
N PHE A 66 5.47 4.14 -8.19
CA PHE A 66 5.89 3.33 -9.36
C PHE A 66 6.40 4.25 -10.47
N HIS A 67 7.70 4.34 -10.64
CA HIS A 67 8.25 5.23 -11.70
C HIS A 67 9.62 4.72 -12.17
N CYS A 68 10.17 5.35 -13.18
CA CYS A 68 11.51 4.91 -13.70
C CYS A 68 12.61 5.55 -12.84
N SER A 69 13.68 4.86 -12.62
CA SER A 69 14.77 5.42 -11.78
C SER A 69 15.51 6.54 -12.53
N GLN A 70 15.47 6.54 -13.84
CA GLN A 70 16.20 7.59 -14.61
C GLN A 70 15.26 8.71 -15.07
N CYS A 71 14.15 8.36 -15.65
CA CYS A 71 13.19 9.40 -16.16
C CYS A 71 12.16 9.74 -15.09
N ARG A 72 12.18 9.07 -13.97
CA ARG A 72 11.18 9.36 -12.92
C ARG A 72 9.79 9.39 -13.53
N ASN A 73 9.64 8.87 -14.72
CA ASN A 73 8.31 8.84 -15.36
C ASN A 73 7.42 7.94 -14.53
N SER A 74 6.15 8.17 -14.50
CA SER A 74 5.27 7.28 -13.67
C SER A 74 4.84 6.08 -14.50
N LEU A 75 5.52 4.97 -14.36
CA LEU A 75 5.12 3.77 -15.15
C LEU A 75 3.97 3.08 -14.43
N VAL A 76 2.82 3.05 -15.02
CA VAL A 76 1.65 2.37 -14.40
C VAL A 76 0.93 1.61 -15.52
N ASP A 77 0.59 0.37 -15.30
CA ASP A 77 -0.09 -0.41 -16.38
C ASP A 77 0.70 -0.23 -17.69
N LYS A 78 1.90 0.30 -17.59
CA LYS A 78 2.75 0.52 -18.80
C LYS A 78 3.91 -0.49 -18.74
N PRO A 79 4.51 -0.83 -19.86
CA PRO A 79 5.63 -1.79 -19.88
C PRO A 79 6.82 -1.23 -19.08
N PHE A 80 7.46 -2.04 -18.27
CA PHE A 80 8.63 -1.56 -17.49
C PHE A 80 9.58 -2.72 -17.23
N ALA A 81 10.84 -2.42 -17.05
CA ALA A 81 11.82 -3.51 -16.75
C ALA A 81 11.97 -3.61 -15.24
N ALA A 82 11.57 -4.71 -14.68
CA ALA A 82 11.67 -4.86 -13.20
C ALA A 82 13.10 -5.23 -12.80
N LYS A 83 13.82 -4.30 -12.26
CA LYS A 83 15.22 -4.57 -11.82
C LYS A 83 15.18 -5.02 -10.37
N GLU A 84 16.23 -5.66 -9.91
CA GLU A 84 16.25 -6.19 -8.51
C GLU A 84 15.55 -5.22 -7.53
N ASP A 85 15.99 -4.00 -7.45
CA ASP A 85 15.35 -3.03 -6.49
C ASP A 85 14.87 -1.77 -7.24
N GLN A 86 15.01 -1.73 -8.54
CA GLN A 86 14.58 -0.51 -9.31
C GLN A 86 13.64 -0.85 -10.46
N LEU A 87 13.08 0.17 -11.06
CA LEU A 87 12.19 -0.01 -12.24
C LEU A 87 12.69 0.95 -13.31
N LEU A 88 12.81 0.48 -14.53
CA LEU A 88 13.32 1.37 -15.63
C LEU A 88 12.43 1.25 -16.85
N CYS A 89 12.60 2.13 -17.81
CA CYS A 89 11.76 2.06 -19.03
C CYS A 89 12.42 1.09 -20.00
N THR A 90 11.66 0.27 -20.66
CA THR A 90 12.29 -0.69 -21.62
C THR A 90 13.30 0.05 -22.49
N ASP A 91 13.23 1.35 -22.49
CA ASP A 91 14.21 2.16 -23.28
C ASP A 91 15.47 2.33 -22.45
N CYS A 92 15.33 2.73 -21.21
CA CYS A 92 16.52 2.91 -20.34
C CYS A 92 17.05 1.54 -19.95
N TYR A 93 16.17 0.61 -19.67
CA TYR A 93 16.63 -0.75 -19.29
C TYR A 93 17.50 -1.32 -20.41
N SER A 94 17.01 -1.27 -21.60
CA SER A 94 17.77 -1.82 -22.76
C SER A 94 19.09 -1.05 -22.88
N ASN A 95 19.17 0.11 -22.28
CA ASN A 95 20.42 0.90 -22.37
C ASN A 95 21.50 0.29 -21.46
N GLU A 96 21.11 -0.36 -20.39
CA GLU A 96 22.11 -0.98 -19.48
C GLU A 96 22.33 -2.44 -19.92
N TYR A 97 21.28 -3.09 -20.30
CA TYR A 97 21.41 -4.51 -20.75
C TYR A 97 22.23 -4.55 -22.04
N SER A 98 22.18 -3.51 -22.82
CA SER A 98 22.94 -3.48 -24.09
C SER A 98 24.40 -3.86 -23.81
N MET A 1 -24.38 3.77 27.68
CA MET A 1 -24.20 2.34 27.32
C MET A 1 -23.17 1.72 28.25
N THR A 2 -23.27 0.43 28.49
CA THR A 2 -22.30 -0.25 29.41
C THR A 2 -21.21 -0.96 28.60
N GLU A 3 -21.57 -1.51 27.48
CA GLU A 3 -20.56 -2.23 26.64
C GLU A 3 -19.29 -1.38 26.50
N ARG A 4 -18.27 -1.95 25.92
CA ARG A 4 -16.99 -1.23 25.75
C ARG A 4 -16.90 -0.66 24.34
N PHE A 5 -16.40 0.54 24.20
CA PHE A 5 -16.27 1.18 22.87
C PHE A 5 -14.82 1.57 22.63
N ASP A 6 -13.95 0.60 22.53
CA ASP A 6 -12.50 0.91 22.29
C ASP A 6 -11.95 -0.06 21.26
N CYS A 7 -10.98 0.36 20.52
CA CYS A 7 -10.39 -0.54 19.50
C CYS A 7 -9.82 -1.77 20.22
N HIS A 8 -10.51 -2.87 20.16
CA HIS A 8 -10.04 -4.09 20.86
C HIS A 8 -8.55 -4.32 20.59
N HIS A 9 -8.03 -3.77 19.53
CA HIS A 9 -6.58 -4.00 19.23
C HIS A 9 -5.71 -2.92 19.91
N CYS A 10 -5.83 -1.67 19.51
CA CYS A 10 -5.00 -0.62 20.17
C CYS A 10 -5.63 -0.22 21.50
N ASN A 11 -6.79 -0.74 21.77
CA ASN A 11 -7.52 -0.43 23.04
C ASN A 11 -7.68 1.09 23.20
N GLU A 12 -7.61 1.83 22.11
CA GLU A 12 -7.79 3.31 22.20
C GLU A 12 -9.24 3.64 21.84
N SER A 13 -9.87 4.52 22.58
CA SER A 13 -11.28 4.88 22.26
C SER A 13 -11.40 5.20 20.77
N LEU A 14 -12.42 4.69 20.12
CA LEU A 14 -12.57 5.00 18.67
C LEU A 14 -12.62 6.52 18.54
N PHE A 15 -11.92 7.05 17.59
CA PHE A 15 -11.85 8.53 17.47
C PHE A 15 -13.04 9.18 16.74
N GLY A 16 -13.98 9.70 17.47
CA GLY A 16 -15.09 10.51 16.86
C GLY A 16 -15.71 9.86 15.61
N LYS A 17 -15.37 8.64 15.23
CA LYS A 17 -15.95 8.10 13.95
C LYS A 17 -16.45 6.67 14.09
N LYS A 18 -17.30 6.28 13.16
CA LYS A 18 -17.86 4.90 13.15
C LYS A 18 -16.71 3.92 13.26
N TYR A 19 -17.00 2.67 13.46
CA TYR A 19 -15.90 1.67 13.63
C TYR A 19 -16.29 0.32 13.02
N ILE A 20 -15.32 -0.52 12.81
CA ILE A 20 -15.57 -1.85 12.20
C ILE A 20 -15.35 -2.95 13.24
N LEU A 21 -16.22 -3.91 13.30
CA LEU A 21 -15.99 -5.02 14.26
C LEU A 21 -15.11 -6.02 13.55
N ARG A 22 -13.88 -6.12 13.96
CA ARG A 22 -12.93 -7.05 13.31
C ARG A 22 -12.71 -8.23 14.25
N GLU A 23 -12.66 -9.43 13.72
CA GLU A 23 -12.49 -10.61 14.62
C GLU A 23 -13.53 -10.51 15.73
N GLU A 24 -14.72 -10.07 15.37
CA GLU A 24 -15.81 -9.90 16.37
C GLU A 24 -15.34 -8.94 17.46
N SER A 25 -14.54 -7.98 17.10
CA SER A 25 -14.04 -7.00 18.12
C SER A 25 -13.82 -5.62 17.44
N PRO A 26 -14.17 -4.53 18.11
CA PRO A 26 -13.99 -3.19 17.51
C PRO A 26 -12.51 -2.89 17.24
N TYR A 27 -12.19 -2.54 16.02
CA TYR A 27 -10.79 -2.17 15.67
C TYR A 27 -10.85 -0.73 15.17
N CYS A 28 -9.88 0.07 15.46
CA CYS A 28 -9.94 1.46 14.94
C CYS A 28 -9.83 1.37 13.43
N VAL A 29 -10.46 2.28 12.73
CA VAL A 29 -10.41 2.24 11.23
C VAL A 29 -9.01 1.89 10.76
N VAL A 30 -8.05 2.63 11.20
CA VAL A 30 -6.64 2.38 10.80
C VAL A 30 -6.31 0.89 10.94
N CYS A 31 -6.54 0.32 12.10
CA CYS A 31 -6.21 -1.12 12.29
C CYS A 31 -6.70 -1.94 11.08
N PHE A 32 -7.99 -2.01 10.90
CA PHE A 32 -8.54 -2.80 9.77
C PHE A 32 -7.77 -2.48 8.48
N GLU A 33 -7.51 -1.24 8.20
CA GLU A 33 -6.78 -0.90 6.95
C GLU A 33 -5.30 -1.29 7.06
N THR A 34 -4.57 -0.69 7.96
CA THR A 34 -3.13 -1.01 8.10
C THR A 34 -2.90 -2.53 8.19
N LEU A 35 -3.70 -3.21 8.97
CA LEU A 35 -3.50 -4.68 9.13
C LEU A 35 -3.58 -5.40 7.77
N PHE A 36 -4.66 -5.25 7.07
CA PHE A 36 -4.83 -5.97 5.76
C PHE A 36 -4.45 -5.06 4.58
N ALA A 37 -4.09 -3.83 4.82
CA ALA A 37 -3.71 -2.95 3.70
C ALA A 37 -2.51 -3.54 2.97
N ASN A 38 -2.28 -3.15 1.74
CA ASN A 38 -1.13 -3.70 0.96
C ASN A 38 0.15 -2.93 1.32
N THR A 39 1.28 -3.55 1.16
CA THR A 39 2.57 -2.86 1.49
C THR A 39 3.17 -2.24 0.23
N CYS A 40 3.61 -1.01 0.30
CA CYS A 40 4.24 -0.37 -0.89
C CYS A 40 5.71 -0.75 -0.92
N GLU A 41 6.06 -1.64 -1.79
CA GLU A 41 7.48 -2.09 -1.88
C GLU A 41 8.42 -0.89 -1.90
N GLU A 42 7.92 0.28 -2.18
CA GLU A 42 8.82 1.49 -2.21
C GLU A 42 8.87 2.11 -0.81
N CYS A 43 7.74 2.57 -0.30
CA CYS A 43 7.74 3.19 1.06
C CYS A 43 7.86 2.09 2.11
N GLY A 44 7.17 1.01 1.93
CA GLY A 44 7.22 -0.11 2.93
C GLY A 44 6.06 0.06 3.91
N LYS A 45 5.39 1.19 3.86
CA LYS A 45 4.24 1.43 4.78
C LYS A 45 2.96 0.88 4.13
N PRO A 46 1.99 0.46 4.92
CA PRO A 46 0.73 -0.06 4.36
C PRO A 46 0.04 1.00 3.50
N ILE A 47 -0.53 0.61 2.38
CA ILE A 47 -1.23 1.59 1.50
C ILE A 47 -2.72 1.56 1.86
N GLY A 48 -3.17 2.55 2.57
CA GLY A 48 -4.61 2.58 2.96
C GLY A 48 -5.48 2.99 1.78
N CYS A 49 -6.76 2.77 1.88
CA CYS A 49 -7.66 3.13 0.75
C CYS A 49 -7.75 4.66 0.64
N ASP A 50 -7.18 5.37 1.57
CA ASP A 50 -7.23 6.85 1.52
C ASP A 50 -6.16 7.37 0.56
N CYS A 51 -5.73 6.55 -0.37
CA CYS A 51 -4.68 7.00 -1.34
C CYS A 51 -4.82 6.20 -2.64
N LYS A 52 -4.10 6.58 -3.66
CA LYS A 52 -4.18 5.83 -4.95
C LYS A 52 -3.31 4.58 -4.86
N ASP A 53 -3.92 3.45 -4.61
CA ASP A 53 -3.13 2.19 -4.51
C ASP A 53 -2.92 1.60 -5.91
N LEU A 54 -1.74 1.77 -6.45
CA LEU A 54 -1.46 1.24 -7.81
C LEU A 54 -1.27 -0.28 -7.70
N SER A 55 -2.01 -1.05 -8.45
CA SER A 55 -1.86 -2.54 -8.40
C SER A 55 -1.32 -3.05 -9.73
N TYR A 56 -0.23 -3.80 -9.71
CA TYR A 56 0.36 -4.33 -10.97
C TYR A 56 1.01 -5.69 -10.71
N LYS A 57 0.57 -6.72 -11.38
CA LYS A 57 1.17 -8.08 -11.17
C LYS A 57 1.05 -8.49 -9.70
N ASP A 58 -0.16 -8.60 -9.21
CA ASP A 58 -0.37 -9.01 -7.79
C ASP A 58 0.47 -8.18 -6.82
N ARG A 59 1.07 -7.10 -7.27
CA ARG A 59 1.89 -6.25 -6.35
C ARG A 59 1.16 -4.92 -6.14
N HIS A 60 1.58 -4.14 -5.17
CA HIS A 60 0.92 -2.82 -4.91
C HIS A 60 1.98 -1.71 -4.90
N TRP A 61 1.58 -0.52 -5.26
CA TRP A 61 2.53 0.61 -5.31
C TRP A 61 1.77 1.93 -5.26
N HIS A 62 2.32 2.94 -4.65
CA HIS A 62 1.62 4.26 -4.66
C HIS A 62 1.73 4.77 -6.10
N GLU A 63 0.65 5.16 -6.72
CA GLU A 63 0.73 5.66 -8.13
C GLU A 63 1.96 6.58 -8.31
N ALA A 64 2.42 7.18 -7.25
CA ALA A 64 3.61 8.09 -7.36
C ALA A 64 4.93 7.32 -7.10
N CYS A 65 4.87 6.19 -6.45
CA CYS A 65 6.13 5.43 -6.15
C CYS A 65 6.56 4.63 -7.38
N PHE A 66 5.64 4.22 -8.18
CA PHE A 66 6.00 3.43 -9.39
C PHE A 66 6.67 4.35 -10.41
N HIS A 67 7.97 4.32 -10.50
CA HIS A 67 8.67 5.19 -11.48
C HIS A 67 10.00 4.57 -11.92
N CYS A 68 10.67 5.19 -12.87
CA CYS A 68 11.97 4.66 -13.35
C CYS A 68 13.08 5.09 -12.41
N SER A 69 14.05 4.26 -12.18
CA SER A 69 15.15 4.63 -11.24
C SER A 69 16.05 5.72 -11.87
N GLN A 70 16.08 5.81 -13.17
CA GLN A 70 16.97 6.83 -13.84
C GLN A 70 16.18 8.08 -14.24
N CYS A 71 15.06 7.89 -14.90
CA CYS A 71 14.26 9.08 -15.35
C CYS A 71 13.23 9.48 -14.30
N ARG A 72 13.09 8.69 -13.28
CA ARG A 72 12.09 9.02 -12.22
C ARG A 72 10.74 9.30 -12.88
N ASN A 73 10.58 8.88 -14.11
CA ASN A 73 9.27 9.08 -14.78
C ASN A 73 8.26 8.22 -14.06
N SER A 74 7.01 8.60 -14.04
CA SER A 74 6.01 7.75 -13.33
C SER A 74 5.49 6.67 -14.28
N LEU A 75 6.03 5.49 -14.21
CA LEU A 75 5.55 4.41 -15.11
C LEU A 75 4.31 3.77 -14.52
N VAL A 76 3.19 3.92 -15.18
CA VAL A 76 1.93 3.31 -14.69
C VAL A 76 1.19 2.78 -15.91
N ASP A 77 0.74 1.56 -15.89
CA ASP A 77 0.05 1.01 -17.09
C ASP A 77 0.96 1.23 -18.30
N LYS A 78 2.20 1.56 -18.04
CA LYS A 78 3.20 1.79 -19.14
C LYS A 78 4.16 0.60 -19.16
N PRO A 79 4.79 0.31 -20.29
CA PRO A 79 5.75 -0.80 -20.34
C PRO A 79 6.98 -0.45 -19.48
N PHE A 80 7.45 -1.38 -18.68
CA PHE A 80 8.65 -1.09 -17.83
C PHE A 80 9.45 -2.36 -17.62
N ALA A 81 10.73 -2.23 -17.35
CA ALA A 81 11.56 -3.44 -17.10
C ALA A 81 11.60 -3.68 -15.59
N ALA A 82 11.05 -4.76 -15.14
CA ALA A 82 11.05 -5.03 -13.68
C ALA A 82 12.40 -5.61 -13.26
N LYS A 83 13.20 -4.82 -12.60
CA LYS A 83 14.52 -5.30 -12.12
C LYS A 83 14.34 -5.86 -10.71
N GLU A 84 15.28 -6.66 -10.26
CA GLU A 84 15.15 -7.29 -8.91
C GLU A 84 14.50 -6.34 -7.90
N ASP A 85 15.06 -5.18 -7.67
CA ASP A 85 14.46 -4.23 -6.67
C ASP A 85 14.16 -2.88 -7.33
N GLN A 86 14.39 -2.74 -8.62
CA GLN A 86 14.14 -1.41 -9.28
C GLN A 86 13.26 -1.56 -10.53
N LEU A 87 12.84 -0.44 -11.06
CA LEU A 87 12.01 -0.41 -12.29
C LEU A 87 12.67 0.57 -13.25
N LEU A 88 12.83 0.20 -14.49
CA LEU A 88 13.51 1.09 -15.47
C LEU A 88 12.69 1.17 -16.76
N CYS A 89 13.01 2.11 -17.61
CA CYS A 89 12.24 2.22 -18.90
C CYS A 89 12.89 1.26 -19.89
N THR A 90 12.09 0.58 -20.68
CA THR A 90 12.69 -0.37 -21.67
C THR A 90 13.83 0.33 -22.39
N ASP A 91 13.89 1.63 -22.31
CA ASP A 91 14.99 2.37 -22.97
C ASP A 91 16.21 2.34 -22.05
N CYS A 92 16.02 2.68 -20.80
CA CYS A 92 17.17 2.66 -19.85
C CYS A 92 17.53 1.21 -19.52
N TYR A 93 16.54 0.36 -19.38
CA TYR A 93 16.84 -1.06 -19.08
C TYR A 93 17.72 -1.64 -20.17
N SER A 94 17.34 -1.46 -21.40
CA SER A 94 18.15 -2.01 -22.52
C SER A 94 19.53 -1.36 -22.51
N ASN A 95 19.68 -0.26 -21.82
CA ASN A 95 20.99 0.43 -21.77
C ASN A 95 21.93 -0.32 -20.81
N GLU A 96 21.38 -0.91 -19.78
CA GLU A 96 22.24 -1.66 -18.79
C GLU A 96 22.20 -3.14 -19.14
N TYR A 97 21.06 -3.65 -19.51
CA TYR A 97 20.96 -5.08 -19.87
C TYR A 97 21.88 -5.35 -21.05
N SER A 98 22.24 -4.32 -21.76
CA SER A 98 23.13 -4.50 -22.94
C SER A 98 24.39 -5.25 -22.50
N MET A 1 -25.72 0.57 26.18
CA MET A 1 -24.62 -0.29 25.68
C MET A 1 -23.55 -0.44 26.77
N THR A 2 -23.67 -1.45 27.59
CA THR A 2 -22.67 -1.65 28.68
C THR A 2 -21.34 -2.09 28.07
N GLU A 3 -21.39 -2.77 26.97
CA GLU A 3 -20.14 -3.24 26.32
C GLU A 3 -19.11 -2.12 26.27
N ARG A 4 -17.92 -2.44 25.87
CA ARG A 4 -16.84 -1.42 25.80
C ARG A 4 -16.76 -0.85 24.39
N PHE A 5 -16.54 0.43 24.27
CA PHE A 5 -16.44 1.06 22.91
C PHE A 5 -14.99 1.48 22.67
N ASP A 6 -14.11 0.52 22.56
CA ASP A 6 -12.68 0.83 22.30
C ASP A 6 -12.14 -0.12 21.25
N CYS A 7 -11.19 0.32 20.49
CA CYS A 7 -10.61 -0.56 19.46
C CYS A 7 -10.04 -1.79 20.17
N HIS A 8 -10.73 -2.89 20.09
CA HIS A 8 -10.26 -4.13 20.77
C HIS A 8 -8.77 -4.35 20.52
N HIS A 9 -8.24 -3.78 19.47
CA HIS A 9 -6.79 -3.99 19.18
C HIS A 9 -5.93 -2.91 19.89
N CYS A 10 -6.05 -1.67 19.52
CA CYS A 10 -5.23 -0.61 20.20
C CYS A 10 -5.90 -0.21 21.52
N ASN A 11 -7.07 -0.73 21.76
CA ASN A 11 -7.81 -0.41 23.01
C ASN A 11 -7.98 1.11 23.14
N GLU A 12 -7.82 1.83 22.07
CA GLU A 12 -8.00 3.31 22.14
C GLU A 12 -9.45 3.64 21.81
N SER A 13 -10.08 4.49 22.58
CA SER A 13 -11.50 4.84 22.30
C SER A 13 -11.65 5.18 20.80
N LEU A 14 -12.66 4.66 20.16
CA LEU A 14 -12.85 4.98 18.72
C LEU A 14 -12.92 6.50 18.61
N PHE A 15 -12.21 7.05 17.68
CA PHE A 15 -12.15 8.54 17.58
C PHE A 15 -13.34 9.20 16.84
N GLY A 16 -14.29 9.70 17.57
CA GLY A 16 -15.38 10.51 16.94
C GLY A 16 -15.98 9.89 15.67
N LYS A 17 -15.66 8.67 15.31
CA LYS A 17 -16.19 8.12 14.00
C LYS A 17 -16.72 6.69 14.14
N LYS A 18 -17.55 6.28 13.22
CA LYS A 18 -18.10 4.91 13.27
C LYS A 18 -16.94 3.92 13.29
N TYR A 19 -17.22 2.66 13.53
CA TYR A 19 -16.12 1.67 13.63
C TYR A 19 -16.51 0.34 12.99
N ILE A 20 -15.52 -0.49 12.76
CA ILE A 20 -15.76 -1.82 12.12
C ILE A 20 -15.52 -2.92 13.14
N LEU A 21 -16.39 -3.90 13.19
CA LEU A 21 -16.15 -5.03 14.13
C LEU A 21 -15.25 -6.00 13.40
N ARG A 22 -14.03 -6.09 13.82
CA ARG A 22 -13.07 -7.00 13.14
C ARG A 22 -12.82 -8.19 14.06
N GLU A 23 -12.76 -9.38 13.52
CA GLU A 23 -12.57 -10.57 14.38
C GLU A 23 -13.63 -10.52 15.48
N GLU A 24 -14.80 -10.05 15.14
CA GLU A 24 -15.90 -9.93 16.14
C GLU A 24 -15.47 -8.98 17.25
N SER A 25 -14.67 -7.99 16.92
CA SER A 25 -14.21 -7.02 17.96
C SER A 25 -14.00 -5.63 17.31
N PRO A 26 -14.36 -4.55 17.99
CA PRO A 26 -14.19 -3.20 17.44
C PRO A 26 -12.71 -2.89 17.17
N TYR A 27 -12.39 -2.51 15.96
CA TYR A 27 -10.98 -2.13 15.63
C TYR A 27 -11.05 -0.68 15.15
N CYS A 28 -10.08 0.12 15.45
CA CYS A 28 -10.14 1.52 14.95
C CYS A 28 -10.05 1.45 13.44
N VAL A 29 -10.66 2.36 12.75
CA VAL A 29 -10.62 2.34 11.26
C VAL A 29 -9.20 1.99 10.79
N VAL A 30 -8.25 2.77 11.20
CA VAL A 30 -6.84 2.53 10.79
C VAL A 30 -6.48 1.05 10.93
N CYS A 31 -6.72 0.45 12.08
CA CYS A 31 -6.35 -0.99 12.25
C CYS A 31 -6.82 -1.79 11.04
N PHE A 32 -8.10 -1.88 10.83
CA PHE A 32 -8.62 -2.66 9.68
C PHE A 32 -7.81 -2.37 8.41
N GLU A 33 -7.56 -1.13 8.10
CA GLU A 33 -6.79 -0.82 6.86
C GLU A 33 -5.32 -1.20 7.03
N THR A 34 -4.63 -0.56 7.94
CA THR A 34 -3.19 -0.86 8.14
C THR A 34 -2.95 -2.36 8.26
N LEU A 35 -3.76 -3.06 9.00
CA LEU A 35 -3.56 -4.52 9.17
C LEU A 35 -3.59 -5.25 7.82
N PHE A 36 -4.66 -5.13 7.09
CA PHE A 36 -4.78 -5.85 5.79
C PHE A 36 -4.36 -4.96 4.60
N ALA A 37 -4.00 -3.74 4.85
CA ALA A 37 -3.58 -2.85 3.72
C ALA A 37 -2.35 -3.45 3.05
N ASN A 38 -2.10 -3.09 1.82
CA ASN A 38 -0.91 -3.63 1.09
C ASN A 38 0.32 -2.79 1.42
N THR A 39 1.49 -3.36 1.32
CA THR A 39 2.74 -2.60 1.63
C THR A 39 3.32 -1.99 0.36
N CYS A 40 3.75 -0.75 0.42
CA CYS A 40 4.34 -0.11 -0.79
C CYS A 40 5.84 -0.43 -0.81
N GLU A 41 6.21 -1.34 -1.64
CA GLU A 41 7.64 -1.75 -1.73
C GLU A 41 8.55 -0.52 -1.75
N GLU A 42 8.01 0.63 -2.06
CA GLU A 42 8.86 1.87 -2.09
C GLU A 42 8.88 2.51 -0.70
N CYS A 43 7.74 2.92 -0.20
CA CYS A 43 7.69 3.55 1.15
C CYS A 43 7.86 2.47 2.22
N GLY A 44 7.19 1.36 2.04
CA GLY A 44 7.29 0.26 3.05
C GLY A 44 6.12 0.38 4.03
N LYS A 45 5.38 1.45 3.96
CA LYS A 45 4.22 1.62 4.89
C LYS A 45 2.96 1.06 4.20
N PRO A 46 1.96 0.67 4.97
CA PRO A 46 0.72 0.12 4.40
C PRO A 46 0.04 1.15 3.48
N ILE A 47 -0.56 0.71 2.41
CA ILE A 47 -1.28 1.65 1.48
C ILE A 47 -2.77 1.56 1.76
N GLY A 48 -3.33 2.54 2.41
CA GLY A 48 -4.79 2.50 2.71
C GLY A 48 -5.60 2.71 1.44
N CYS A 49 -6.77 2.14 1.36
CA CYS A 49 -7.61 2.31 0.13
C CYS A 49 -8.02 3.78 0.00
N ASP A 50 -7.86 4.55 1.04
CA ASP A 50 -8.24 5.99 0.96
C ASP A 50 -7.18 6.74 0.16
N CYS A 51 -6.52 6.06 -0.75
CA CYS A 51 -5.47 6.73 -1.57
C CYS A 51 -5.33 5.98 -2.90
N LYS A 52 -4.47 6.46 -3.77
CA LYS A 52 -4.29 5.77 -5.08
C LYS A 52 -3.36 4.57 -4.90
N ASP A 53 -3.92 3.40 -4.74
CA ASP A 53 -3.07 2.18 -4.55
C ASP A 53 -2.80 1.55 -5.93
N LEU A 54 -1.64 1.79 -6.47
CA LEU A 54 -1.32 1.22 -7.81
C LEU A 54 -1.07 -0.29 -7.65
N SER A 55 -1.78 -1.11 -8.39
CA SER A 55 -1.59 -2.59 -8.28
C SER A 55 -1.05 -3.14 -9.62
N TYR A 56 0.03 -3.87 -9.57
CA TYR A 56 0.61 -4.45 -10.82
C TYR A 56 1.37 -5.73 -10.48
N LYS A 57 1.29 -6.73 -11.31
CA LYS A 57 2.01 -8.01 -11.04
C LYS A 57 1.74 -8.46 -9.59
N ASP A 58 0.49 -8.48 -9.19
CA ASP A 58 0.15 -8.92 -7.81
C ASP A 58 0.91 -8.09 -6.77
N ARG A 59 1.51 -7.00 -7.17
CA ARG A 59 2.26 -6.13 -6.19
C ARG A 59 1.49 -4.82 -6.02
N HIS A 60 1.84 -4.04 -5.03
CA HIS A 60 1.14 -2.74 -4.78
C HIS A 60 2.15 -1.60 -4.80
N TRP A 61 1.72 -0.43 -5.19
CA TRP A 61 2.64 0.74 -5.25
C TRP A 61 1.83 2.04 -5.24
N HIS A 62 2.36 3.08 -4.65
CA HIS A 62 1.62 4.37 -4.69
C HIS A 62 1.73 4.87 -6.13
N GLU A 63 0.65 5.22 -6.77
CA GLU A 63 0.73 5.69 -8.19
C GLU A 63 1.92 6.64 -8.36
N ALA A 64 2.36 7.28 -7.30
CA ALA A 64 3.51 8.23 -7.41
C ALA A 64 4.85 7.51 -7.13
N CYS A 65 4.82 6.39 -6.46
CA CYS A 65 6.11 5.67 -6.15
C CYS A 65 6.57 4.86 -7.36
N PHE A 66 5.66 4.41 -8.17
CA PHE A 66 6.05 3.61 -9.36
C PHE A 66 6.71 4.52 -10.39
N HIS A 67 8.01 4.48 -10.50
CA HIS A 67 8.70 5.34 -11.49
C HIS A 67 10.03 4.72 -11.94
N CYS A 68 10.70 5.32 -12.90
CA CYS A 68 12.01 4.78 -13.38
C CYS A 68 13.12 5.25 -12.44
N SER A 69 14.09 4.43 -12.20
CA SER A 69 15.19 4.84 -11.28
C SER A 69 16.08 5.90 -11.94
N GLN A 70 16.10 5.96 -13.25
CA GLN A 70 16.98 6.96 -13.95
C GLN A 70 16.17 8.19 -14.39
N CYS A 71 15.04 7.97 -15.02
CA CYS A 71 14.21 9.13 -15.50
C CYS A 71 13.19 9.54 -14.45
N ARG A 72 13.10 8.82 -13.37
CA ARG A 72 12.12 9.18 -12.31
C ARG A 72 10.75 9.44 -12.96
N ASN A 73 10.57 8.99 -14.17
CA ASN A 73 9.26 9.18 -14.83
C ASN A 73 8.26 8.29 -14.11
N SER A 74 7.01 8.65 -14.08
CA SER A 74 6.02 7.80 -13.37
C SER A 74 5.52 6.70 -14.31
N LEU A 75 6.05 5.51 -14.21
CA LEU A 75 5.58 4.42 -15.12
C LEU A 75 4.32 3.80 -14.51
N VAL A 76 3.21 3.94 -15.18
CA VAL A 76 1.95 3.32 -14.68
C VAL A 76 1.23 2.77 -15.90
N ASP A 77 0.76 1.55 -15.85
CA ASP A 77 0.09 0.98 -17.06
C ASP A 77 0.98 1.21 -18.29
N LYS A 78 2.22 1.58 -18.05
CA LYS A 78 3.19 1.83 -19.16
C LYS A 78 4.25 0.71 -19.12
N PRO A 79 4.90 0.43 -20.21
CA PRO A 79 5.93 -0.63 -20.23
C PRO A 79 7.09 -0.28 -19.28
N PHE A 80 7.54 -1.23 -18.49
CA PHE A 80 8.68 -0.96 -17.56
C PHE A 80 9.44 -2.26 -17.30
N ALA A 81 10.72 -2.15 -17.02
CA ALA A 81 11.52 -3.37 -16.73
C ALA A 81 11.54 -3.57 -15.22
N ALA A 82 10.96 -4.63 -14.73
CA ALA A 82 10.93 -4.86 -13.26
C ALA A 82 12.26 -5.45 -12.80
N LYS A 83 13.07 -4.64 -12.17
CA LYS A 83 14.39 -5.13 -11.66
C LYS A 83 14.19 -5.62 -10.24
N GLU A 84 15.10 -6.41 -9.73
CA GLU A 84 14.95 -6.98 -8.37
C GLU A 84 14.33 -5.97 -7.39
N ASP A 85 14.92 -4.80 -7.23
CA ASP A 85 14.36 -3.80 -6.27
C ASP A 85 14.10 -2.46 -6.99
N GLN A 86 14.33 -2.39 -8.28
CA GLN A 86 14.12 -1.10 -9.01
C GLN A 86 13.23 -1.28 -10.25
N LEU A 87 12.84 -0.18 -10.84
CA LEU A 87 12.01 -0.20 -12.07
C LEU A 87 12.69 0.73 -13.07
N LEU A 88 12.82 0.30 -14.30
CA LEU A 88 13.51 1.15 -15.32
C LEU A 88 12.68 1.17 -16.61
N CYS A 89 12.99 2.06 -17.51
CA CYS A 89 12.24 2.12 -18.78
C CYS A 89 12.86 1.10 -19.73
N THR A 90 12.07 0.38 -20.48
CA THR A 90 12.65 -0.62 -21.41
C THR A 90 13.77 0.03 -22.21
N ASP A 91 13.84 1.34 -22.18
CA ASP A 91 14.93 2.06 -22.90
C ASP A 91 16.16 2.08 -21.99
N CYS A 92 15.98 2.43 -20.74
CA CYS A 92 17.12 2.47 -19.80
C CYS A 92 17.50 1.04 -19.41
N TYR A 93 16.52 0.19 -19.22
CA TYR A 93 16.81 -1.21 -18.85
C TYR A 93 17.66 -1.87 -19.93
N SER A 94 17.26 -1.72 -21.16
CA SER A 94 18.02 -2.33 -22.28
C SER A 94 19.40 -1.67 -22.36
N ASN A 95 19.56 -0.53 -21.75
CA ASN A 95 20.88 0.16 -21.80
C ASN A 95 21.86 -0.56 -20.87
N GLU A 96 21.39 -1.06 -19.76
CA GLU A 96 22.29 -1.78 -18.80
C GLU A 96 22.06 -3.29 -18.89
N TYR A 97 20.83 -3.69 -19.04
CA TYR A 97 20.53 -5.15 -19.14
C TYR A 97 21.39 -5.77 -20.25
N SER A 98 21.67 -5.01 -21.28
CA SER A 98 22.49 -5.55 -22.39
C SER A 98 23.73 -6.24 -21.82
N MET A 1 -23.93 0.86 22.22
CA MET A 1 -24.69 1.52 23.31
C MET A 1 -24.23 0.96 24.67
N THR A 2 -24.77 -0.15 25.07
CA THR A 2 -24.37 -0.75 26.38
C THR A 2 -22.96 -1.32 26.26
N GLU A 3 -22.67 -1.99 25.17
CA GLU A 3 -21.32 -2.57 24.98
C GLU A 3 -20.26 -1.48 25.10
N ARG A 4 -19.03 -1.82 24.86
CA ARG A 4 -17.93 -0.83 24.96
C ARG A 4 -17.65 -0.26 23.59
N PHE A 5 -17.31 1.00 23.51
CA PHE A 5 -17.02 1.64 22.19
C PHE A 5 -15.54 2.02 22.13
N ASP A 6 -14.68 1.03 22.15
CA ASP A 6 -13.20 1.29 22.07
C ASP A 6 -12.59 0.27 21.12
N CYS A 7 -11.50 0.62 20.49
CA CYS A 7 -10.85 -0.34 19.57
C CYS A 7 -10.40 -1.55 20.38
N HIS A 8 -11.12 -2.63 20.31
CA HIS A 8 -10.75 -3.84 21.10
C HIS A 8 -9.27 -4.16 20.90
N HIS A 9 -8.67 -3.69 19.86
CA HIS A 9 -7.22 -4.00 19.63
C HIS A 9 -6.33 -2.96 20.35
N CYS A 10 -6.39 -1.72 19.98
CA CYS A 10 -5.54 -0.68 20.68
C CYS A 10 -6.24 -0.22 21.95
N ASN A 11 -7.45 -0.65 22.14
CA ASN A 11 -8.24 -0.25 23.35
C ASN A 11 -8.32 1.27 23.45
N GLU A 12 -8.21 1.97 22.35
CA GLU A 12 -8.32 3.47 22.37
C GLU A 12 -9.71 3.87 21.86
N SER A 13 -10.36 4.76 22.53
CA SER A 13 -11.72 5.20 22.07
C SER A 13 -11.70 5.47 20.56
N LEU A 14 -12.67 4.98 19.84
CA LEU A 14 -12.69 5.25 18.37
C LEU A 14 -12.66 6.76 18.19
N PHE A 15 -11.82 7.23 17.33
CA PHE A 15 -11.66 8.70 17.16
C PHE A 15 -12.72 9.35 16.25
N GLY A 16 -13.73 9.94 16.83
CA GLY A 16 -14.70 10.75 16.03
C GLY A 16 -15.15 10.06 14.74
N LYS A 17 -14.85 8.80 14.50
CA LYS A 17 -15.24 8.20 13.16
C LYS A 17 -15.89 6.83 13.29
N LYS A 18 -16.60 6.44 12.26
CA LYS A 18 -17.25 5.11 12.23
C LYS A 18 -16.21 4.06 12.58
N TYR A 19 -16.61 2.84 12.78
CA TYR A 19 -15.61 1.79 13.16
C TYR A 19 -16.00 0.44 12.58
N ILE A 20 -15.05 -0.46 12.51
CA ILE A 20 -15.29 -1.82 11.94
C ILE A 20 -15.26 -2.86 13.04
N LEU A 21 -16.17 -3.79 13.03
CA LEU A 21 -16.13 -4.86 14.07
C LEU A 21 -15.23 -5.97 13.54
N ARG A 22 -14.07 -6.07 14.09
CA ARG A 22 -13.10 -7.10 13.62
C ARG A 22 -12.99 -8.17 14.71
N GLU A 23 -12.90 -9.42 14.32
CA GLU A 23 -12.85 -10.50 15.34
C GLU A 23 -14.06 -10.31 16.26
N GLU A 24 -15.15 -9.87 15.70
CA GLU A 24 -16.36 -9.61 16.52
C GLU A 24 -16.00 -8.59 17.58
N SER A 25 -15.10 -7.69 17.25
CA SER A 25 -14.68 -6.66 18.24
C SER A 25 -14.33 -5.35 17.50
N PRO A 26 -14.68 -4.20 18.05
CA PRO A 26 -14.39 -2.90 17.41
C PRO A 26 -12.88 -2.68 17.24
N TYR A 27 -12.44 -2.38 16.04
CA TYR A 27 -10.99 -2.09 15.80
C TYR A 27 -10.94 -0.67 15.25
N CYS A 28 -9.93 0.09 15.58
CA CYS A 28 -9.87 1.47 15.03
C CYS A 28 -9.64 1.33 13.52
N VAL A 29 -10.14 2.26 12.75
CA VAL A 29 -9.95 2.18 11.28
C VAL A 29 -8.51 1.79 10.96
N VAL A 30 -7.58 2.52 11.51
CA VAL A 30 -6.15 2.24 11.28
C VAL A 30 -5.87 0.74 11.44
N CYS A 31 -6.24 0.15 12.55
CA CYS A 31 -5.97 -1.30 12.75
C CYS A 31 -6.37 -2.07 11.48
N PHE A 32 -7.64 -2.07 11.17
CA PHE A 32 -8.10 -2.81 9.96
C PHE A 32 -7.19 -2.51 8.77
N GLU A 33 -6.84 -1.25 8.56
CA GLU A 33 -5.97 -0.90 7.42
C GLU A 33 -4.55 -1.43 7.63
N THR A 34 -3.87 -0.94 8.61
CA THR A 34 -2.46 -1.41 8.86
C THR A 34 -2.39 -2.94 8.92
N LEU A 35 -3.30 -3.56 9.61
CA LEU A 35 -3.26 -5.05 9.72
C LEU A 35 -3.23 -5.72 8.34
N PHE A 36 -4.21 -5.45 7.52
CA PHE A 36 -4.28 -6.11 6.18
C PHE A 36 -3.75 -5.19 5.07
N ALA A 37 -3.38 -3.98 5.38
CA ALA A 37 -2.87 -3.09 4.32
C ALA A 37 -1.70 -3.76 3.59
N ASN A 38 -1.45 -3.40 2.37
CA ASN A 38 -0.34 -4.03 1.61
C ASN A 38 0.95 -3.26 1.89
N THR A 39 2.08 -3.90 1.75
CA THR A 39 3.38 -3.19 2.01
C THR A 39 3.92 -2.59 0.71
N CYS A 40 4.35 -1.37 0.76
CA CYS A 40 4.92 -0.72 -0.46
C CYS A 40 6.41 -1.05 -0.53
N GLU A 41 6.75 -1.95 -1.41
CA GLU A 41 8.17 -2.36 -1.56
C GLU A 41 9.08 -1.13 -1.59
N GLU A 42 8.54 0.02 -1.85
CA GLU A 42 9.41 1.26 -1.91
C GLU A 42 9.49 1.88 -0.50
N CYS A 43 8.38 2.16 0.12
CA CYS A 43 8.40 2.78 1.47
C CYS A 43 8.58 1.70 2.53
N GLY A 44 7.89 0.59 2.38
CA GLY A 44 7.99 -0.50 3.39
C GLY A 44 6.86 -0.34 4.41
N LYS A 45 6.13 0.74 4.33
CA LYS A 45 5.01 0.98 5.29
C LYS A 45 3.70 0.45 4.66
N PRO A 46 2.75 0.00 5.46
CA PRO A 46 1.49 -0.51 4.91
C PRO A 46 0.82 0.58 4.05
N ILE A 47 0.20 0.19 2.96
CA ILE A 47 -0.49 1.20 2.09
C ILE A 47 -1.96 1.27 2.48
N GLY A 48 -2.35 2.30 3.19
CA GLY A 48 -3.77 2.42 3.61
C GLY A 48 -4.67 2.63 2.40
N CYS A 49 -5.96 2.51 2.58
CA CYS A 49 -6.89 2.71 1.44
C CYS A 49 -7.09 4.21 1.20
N ASP A 50 -6.63 5.02 2.11
CA ASP A 50 -6.79 6.50 1.92
C ASP A 50 -5.89 6.95 0.76
N CYS A 51 -5.32 6.02 0.05
CA CYS A 51 -4.43 6.38 -1.10
C CYS A 51 -4.63 5.36 -2.22
N LYS A 52 -4.29 5.71 -3.43
CA LYS A 52 -4.48 4.74 -4.55
C LYS A 52 -3.41 3.64 -4.46
N ASP A 53 -3.75 2.52 -3.87
CA ASP A 53 -2.75 1.42 -3.75
C ASP A 53 -2.48 0.84 -5.14
N LEU A 54 -1.40 1.23 -5.76
CA LEU A 54 -1.10 0.69 -7.12
C LEU A 54 -0.83 -0.82 -7.01
N SER A 55 -1.58 -1.63 -7.73
CA SER A 55 -1.37 -3.11 -7.67
C SER A 55 -0.86 -3.61 -9.03
N TYR A 56 0.23 -4.33 -9.04
CA TYR A 56 0.79 -4.83 -10.33
C TYR A 56 1.48 -6.18 -10.09
N LYS A 57 1.24 -7.15 -10.93
CA LYS A 57 1.88 -8.49 -10.75
C LYS A 57 1.75 -8.95 -9.30
N ASP A 58 0.55 -9.00 -8.79
CA ASP A 58 0.33 -9.45 -7.38
C ASP A 58 1.17 -8.63 -6.40
N ARG A 59 1.75 -7.53 -6.82
CA ARG A 59 2.56 -6.69 -5.88
C ARG A 59 1.82 -5.37 -5.64
N HIS A 60 2.22 -4.61 -4.65
CA HIS A 60 1.53 -3.31 -4.35
C HIS A 60 2.55 -2.18 -4.38
N TRP A 61 2.11 -1.00 -4.72
CA TRP A 61 3.05 0.16 -4.79
C TRP A 61 2.24 1.46 -4.69
N HIS A 62 2.81 2.49 -4.12
CA HIS A 62 2.07 3.78 -4.06
C HIS A 62 2.09 4.33 -5.49
N GLU A 63 0.96 4.69 -6.04
CA GLU A 63 0.94 5.21 -7.44
C GLU A 63 2.13 6.17 -7.67
N ALA A 64 2.62 6.78 -6.62
CA ALA A 64 3.77 7.74 -6.76
C ALA A 64 5.12 7.02 -6.59
N CYS A 65 5.15 5.88 -5.94
CA CYS A 65 6.44 5.17 -5.73
C CYS A 65 6.86 4.42 -6.99
N PHE A 66 5.92 3.98 -7.76
CA PHE A 66 6.25 3.23 -9.00
C PHE A 66 6.81 4.21 -10.04
N HIS A 67 8.10 4.23 -10.25
CA HIS A 67 8.67 5.18 -11.24
C HIS A 67 9.99 4.63 -11.84
N CYS A 68 10.51 5.32 -12.83
CA CYS A 68 11.79 4.87 -13.47
C CYS A 68 12.97 5.36 -12.61
N SER A 69 14.01 4.59 -12.52
CA SER A 69 15.17 5.02 -11.69
C SER A 69 15.94 6.16 -12.38
N GLN A 70 15.83 6.28 -13.69
CA GLN A 70 16.58 7.35 -14.42
C GLN A 70 15.68 8.56 -14.70
N CYS A 71 14.51 8.32 -15.24
CA CYS A 71 13.59 9.45 -15.57
C CYS A 71 12.71 9.80 -14.37
N ARG A 72 12.65 8.94 -13.40
CA ARG A 72 11.80 9.21 -12.22
C ARG A 72 10.36 9.45 -12.69
N ASN A 73 10.06 9.04 -13.89
CA ASN A 73 8.67 9.20 -14.39
C ASN A 73 7.81 8.22 -13.63
N SER A 74 6.55 8.49 -13.47
CA SER A 74 5.69 7.53 -12.71
C SER A 74 5.16 6.46 -13.67
N LEU A 75 5.79 5.31 -13.71
CA LEU A 75 5.29 4.25 -14.63
C LEU A 75 4.11 3.56 -13.96
N VAL A 76 2.95 3.68 -14.53
CA VAL A 76 1.75 3.02 -13.96
C VAL A 76 0.94 2.45 -15.13
N ASP A 77 0.58 1.21 -15.08
CA ASP A 77 -0.18 0.62 -16.22
C ASP A 77 0.59 0.93 -17.52
N LYS A 78 1.83 1.35 -17.38
CA LYS A 78 2.68 1.67 -18.57
C LYS A 78 3.79 0.61 -18.64
N PRO A 79 4.35 0.36 -19.80
CA PRO A 79 5.42 -0.64 -19.94
C PRO A 79 6.64 -0.26 -19.09
N PHE A 80 7.22 -1.20 -18.39
CA PHE A 80 8.42 -0.90 -17.56
C PHE A 80 9.29 -2.14 -17.45
N ALA A 81 10.58 -1.96 -17.34
CA ALA A 81 11.48 -3.13 -17.20
C ALA A 81 11.71 -3.38 -15.71
N ALA A 82 11.28 -4.49 -15.21
CA ALA A 82 11.45 -4.77 -13.75
C ALA A 82 12.88 -5.25 -13.49
N LYS A 83 13.68 -4.41 -12.90
CA LYS A 83 15.09 -4.80 -12.59
C LYS A 83 15.12 -5.40 -11.18
N GLU A 84 16.16 -6.12 -10.87
CA GLU A 84 16.25 -6.78 -9.53
C GLU A 84 15.64 -5.91 -8.42
N ASP A 85 16.13 -4.71 -8.24
CA ASP A 85 15.59 -3.82 -7.16
C ASP A 85 15.10 -2.49 -7.74
N GLN A 86 15.17 -2.31 -9.04
CA GLN A 86 14.75 -1.01 -9.65
C GLN A 86 13.75 -1.21 -10.80
N LEU A 87 13.19 -0.11 -11.26
CA LEU A 87 12.23 -0.14 -12.40
C LEU A 87 12.74 0.87 -13.42
N LEU A 88 12.76 0.51 -14.67
CA LEU A 88 13.30 1.44 -15.72
C LEU A 88 12.33 1.46 -16.91
N CYS A 89 12.50 2.41 -17.80
CA CYS A 89 11.60 2.47 -18.99
C CYS A 89 12.19 1.55 -20.04
N THR A 90 11.37 0.80 -20.73
CA THR A 90 11.91 -0.11 -21.79
C THR A 90 12.89 0.66 -22.66
N ASP A 91 12.86 1.96 -22.58
CA ASP A 91 13.80 2.79 -23.36
C ASP A 91 15.12 2.89 -22.59
N CYS A 92 15.04 3.14 -21.30
CA CYS A 92 16.28 3.23 -20.48
C CYS A 92 16.80 1.82 -20.22
N TYR A 93 15.93 0.91 -19.97
CA TYR A 93 16.37 -0.49 -19.71
C TYR A 93 17.15 -1.02 -20.90
N SER A 94 16.62 -0.84 -22.07
CA SER A 94 17.31 -1.34 -23.29
C SER A 94 18.62 -0.57 -23.51
N ASN A 95 18.73 0.60 -22.95
CA ASN A 95 19.98 1.39 -23.13
C ASN A 95 21.12 0.78 -22.31
N GLU A 96 20.81 0.23 -21.16
CA GLU A 96 21.87 -0.40 -20.30
C GLU A 96 21.83 -1.92 -20.48
N TYR A 97 20.65 -2.47 -20.58
CA TYR A 97 20.54 -3.95 -20.76
C TYR A 97 21.21 -4.34 -22.08
N SER A 98 21.19 -3.46 -23.04
CA SER A 98 21.84 -3.78 -24.35
C SER A 98 23.34 -3.51 -24.26
N MET A 1 -25.02 4.43 25.60
CA MET A 1 -23.88 3.55 25.22
C MET A 1 -23.42 2.74 26.44
N THR A 2 -24.02 1.61 26.66
CA THR A 2 -23.60 0.78 27.83
C THR A 2 -22.32 0.02 27.50
N GLU A 3 -22.24 -0.53 26.33
CA GLU A 3 -21.03 -1.29 25.94
C GLU A 3 -19.85 -0.33 25.80
N ARG A 4 -18.69 -0.85 25.50
CA ARG A 4 -17.49 -0.01 25.36
C ARG A 4 -17.28 0.34 23.88
N PHE A 5 -16.82 1.54 23.62
CA PHE A 5 -16.59 1.96 22.20
C PHE A 5 -15.11 2.29 22.00
N ASP A 6 -14.26 1.30 22.11
CA ASP A 6 -12.80 1.53 21.92
C ASP A 6 -12.23 0.45 21.02
N CYS A 7 -11.23 0.78 20.26
CA CYS A 7 -10.62 -0.23 19.37
C CYS A 7 -10.11 -1.39 20.23
N HIS A 8 -10.81 -2.48 20.24
CA HIS A 8 -10.39 -3.63 21.07
C HIS A 8 -8.90 -3.94 20.91
N HIS A 9 -8.29 -3.46 19.85
CA HIS A 9 -6.83 -3.74 19.64
C HIS A 9 -5.98 -2.63 20.28
N CYS A 10 -6.08 -1.42 19.80
CA CYS A 10 -5.27 -0.31 20.40
C CYS A 10 -5.99 0.25 21.63
N ASN A 11 -7.19 -0.21 21.85
CA ASN A 11 -8.01 0.26 23.00
C ASN A 11 -8.13 1.79 22.97
N GLU A 12 -7.91 2.39 21.82
CA GLU A 12 -8.05 3.87 21.73
C GLU A 12 -9.47 4.20 21.26
N SER A 13 -10.11 5.13 21.91
CA SER A 13 -11.50 5.49 21.50
C SER A 13 -11.57 5.65 19.99
N LEU A 14 -12.55 5.09 19.34
CA LEU A 14 -12.63 5.24 17.86
C LEU A 14 -12.65 6.73 17.57
N PHE A 15 -11.84 7.16 16.65
CA PHE A 15 -11.73 8.62 16.39
C PHE A 15 -12.82 9.20 15.47
N GLY A 16 -13.82 9.80 16.05
CA GLY A 16 -14.83 10.53 15.23
C GLY A 16 -15.31 9.76 14.00
N LYS A 17 -14.99 8.49 13.85
CA LYS A 17 -15.40 7.78 12.57
C LYS A 17 -16.00 6.41 12.83
N LYS A 18 -16.76 5.94 11.87
CA LYS A 18 -17.39 4.60 11.99
C LYS A 18 -16.30 3.58 12.31
N TYR A 19 -16.66 2.38 12.65
CA TYR A 19 -15.64 1.36 13.01
C TYR A 19 -16.05 -0.02 12.48
N ILE A 20 -15.10 -0.91 12.40
CA ILE A 20 -15.38 -2.28 11.87
C ILE A 20 -15.23 -3.32 12.99
N LEU A 21 -16.09 -4.31 13.02
CA LEU A 21 -15.99 -5.36 14.08
C LEU A 21 -15.17 -6.52 13.55
N ARG A 22 -14.02 -6.76 14.11
CA ARG A 22 -13.16 -7.90 13.67
C ARG A 22 -13.10 -8.92 14.79
N GLU A 23 -13.17 -10.18 14.49
CA GLU A 23 -13.15 -11.20 15.59
C GLU A 23 -14.21 -10.79 16.61
N GLU A 24 -15.28 -10.19 16.14
CA GLU A 24 -16.37 -9.73 17.05
C GLU A 24 -15.83 -8.67 18.00
N SER A 25 -14.98 -7.79 17.52
CA SER A 25 -14.43 -6.72 18.42
C SER A 25 -14.15 -5.43 17.61
N PRO A 26 -14.46 -4.25 18.17
CA PRO A 26 -14.21 -2.97 17.47
C PRO A 26 -12.71 -2.74 17.24
N TYR A 27 -12.34 -2.50 16.01
CA TYR A 27 -10.90 -2.21 15.68
C TYR A 27 -10.89 -0.83 15.02
N CYS A 28 -9.91 -0.02 15.30
CA CYS A 28 -9.89 1.31 14.65
C CYS A 28 -9.69 1.08 13.15
N VAL A 29 -10.23 1.94 12.33
CA VAL A 29 -10.08 1.76 10.86
C VAL A 29 -8.64 1.36 10.54
N VAL A 30 -7.71 2.12 11.03
CA VAL A 30 -6.27 1.83 10.80
C VAL A 30 -5.99 0.34 11.06
N CYS A 31 -6.33 -0.16 12.23
CA CYS A 31 -6.06 -1.59 12.52
C CYS A 31 -6.52 -2.45 11.34
N PHE A 32 -7.79 -2.47 11.07
CA PHE A 32 -8.30 -3.29 9.94
C PHE A 32 -7.43 -3.08 8.70
N GLU A 33 -7.09 -1.86 8.41
CA GLU A 33 -6.26 -1.59 7.20
C GLU A 33 -4.83 -2.07 7.41
N THR A 34 -4.11 -1.50 8.32
CA THR A 34 -2.69 -1.91 8.56
C THR A 34 -2.58 -3.43 8.73
N LEU A 35 -3.46 -4.00 9.50
CA LEU A 35 -3.39 -5.48 9.73
C LEU A 35 -3.42 -6.25 8.41
N PHE A 36 -4.44 -6.05 7.61
CA PHE A 36 -4.56 -6.81 6.32
C PHE A 36 -4.08 -5.98 5.12
N ALA A 37 -3.67 -4.77 5.32
CA ALA A 37 -3.21 -3.94 4.16
C ALA A 37 -2.04 -4.62 3.47
N ASN A 38 -1.79 -4.26 2.22
CA ASN A 38 -0.65 -4.87 1.47
C ASN A 38 0.61 -4.06 1.73
N THR A 39 1.76 -4.67 1.61
CA THR A 39 3.03 -3.93 1.85
C THR A 39 3.55 -3.32 0.55
N CYS A 40 4.00 -2.10 0.58
CA CYS A 40 4.56 -1.45 -0.64
C CYS A 40 6.04 -1.80 -0.74
N GLU A 41 6.36 -2.72 -1.59
CA GLU A 41 7.78 -3.15 -1.75
C GLU A 41 8.71 -1.93 -1.77
N GLU A 42 8.19 -0.76 -2.03
CA GLU A 42 9.06 0.46 -2.05
C GLU A 42 9.13 1.07 -0.64
N CYS A 43 8.01 1.47 -0.10
CA CYS A 43 8.02 2.07 1.27
C CYS A 43 8.21 0.98 2.32
N GLY A 44 7.54 -0.13 2.15
CA GLY A 44 7.67 -1.24 3.14
C GLY A 44 6.55 -1.11 4.18
N LYS A 45 5.81 -0.04 4.13
CA LYS A 45 4.70 0.16 5.11
C LYS A 45 3.38 -0.35 4.46
N PRO A 46 2.42 -0.76 5.26
CA PRO A 46 1.14 -1.24 4.72
C PRO A 46 0.48 -0.16 3.85
N ILE A 47 -0.16 -0.55 2.77
CA ILE A 47 -0.84 0.46 1.90
C ILE A 47 -2.32 0.52 2.28
N GLY A 48 -2.72 1.55 2.95
CA GLY A 48 -4.16 1.66 3.36
C GLY A 48 -5.03 1.86 2.14
N CYS A 49 -6.28 1.50 2.23
CA CYS A 49 -7.21 1.67 1.07
C CYS A 49 -7.50 3.16 0.87
N ASP A 50 -7.29 3.96 1.89
CA ASP A 50 -7.55 5.41 1.75
C ASP A 50 -6.45 6.05 0.89
N CYS A 51 -5.75 5.25 0.13
CA CYS A 51 -4.66 5.78 -0.73
C CYS A 51 -4.64 5.00 -2.06
N LYS A 52 -4.09 5.57 -3.08
CA LYS A 52 -4.04 4.87 -4.40
C LYS A 52 -3.18 3.61 -4.27
N ASP A 53 -3.80 2.45 -4.23
CA ASP A 53 -3.03 1.18 -4.11
C ASP A 53 -2.81 0.60 -5.51
N LEU A 54 -1.63 0.73 -6.05
CA LEU A 54 -1.37 0.19 -7.42
C LEU A 54 -1.17 -1.33 -7.32
N SER A 55 -1.89 -2.09 -8.11
CA SER A 55 -1.75 -3.59 -8.08
C SER A 55 -1.18 -4.06 -9.43
N TYR A 56 -0.08 -4.77 -9.42
CA TYR A 56 0.52 -5.27 -10.69
C TYR A 56 1.33 -6.54 -10.41
N LYS A 57 1.29 -7.50 -11.31
CA LYS A 57 2.06 -8.76 -11.10
C LYS A 57 1.75 -9.30 -9.69
N ASP A 58 0.51 -9.35 -9.33
CA ASP A 58 0.12 -9.88 -7.99
C ASP A 58 0.88 -9.13 -6.87
N ARG A 59 1.49 -8.02 -7.20
CA ARG A 59 2.23 -7.23 -6.17
C ARG A 59 1.48 -5.92 -5.91
N HIS A 60 1.84 -5.23 -4.87
CA HIS A 60 1.15 -3.93 -4.54
C HIS A 60 2.18 -2.80 -4.56
N TRP A 61 1.76 -1.62 -4.93
CA TRP A 61 2.70 -0.47 -4.99
C TRP A 61 1.91 0.84 -4.90
N HIS A 62 2.49 1.86 -4.32
CA HIS A 62 1.77 3.16 -4.30
C HIS A 62 1.84 3.70 -5.72
N GLU A 63 0.73 4.10 -6.30
CA GLU A 63 0.77 4.61 -7.70
C GLU A 63 1.98 5.55 -7.90
N ALA A 64 2.46 6.14 -6.83
CA ALA A 64 3.64 7.07 -6.94
C ALA A 64 4.96 6.31 -6.74
N CYS A 65 4.94 5.16 -6.12
CA CYS A 65 6.22 4.41 -5.89
C CYS A 65 6.64 3.64 -7.14
N PHE A 66 5.69 3.22 -7.92
CA PHE A 66 6.04 2.45 -9.15
C PHE A 66 6.66 3.42 -10.15
N HIS A 67 7.97 3.40 -10.29
CA HIS A 67 8.63 4.33 -11.26
C HIS A 67 9.96 3.75 -11.76
N CYS A 68 10.54 4.39 -12.75
CA CYS A 68 11.84 3.89 -13.30
C CYS A 68 12.97 4.28 -12.35
N SER A 69 13.97 3.46 -12.20
CA SER A 69 15.08 3.79 -11.28
C SER A 69 15.93 4.93 -11.86
N GLN A 70 15.91 5.12 -13.16
CA GLN A 70 16.75 6.19 -13.78
C GLN A 70 15.92 7.45 -14.09
N CYS A 71 14.79 7.27 -14.72
CA CYS A 71 13.94 8.46 -15.09
C CYS A 71 12.89 8.74 -14.01
N ARG A 72 12.90 7.98 -12.96
CA ARG A 72 11.90 8.19 -11.86
C ARG A 72 10.52 8.50 -12.44
N ASN A 73 10.29 8.21 -13.69
CA ASN A 73 8.95 8.45 -14.27
C ASN A 73 7.98 7.50 -13.58
N SER A 74 6.75 7.86 -13.44
CA SER A 74 5.79 6.94 -12.76
C SER A 74 5.26 5.92 -13.78
N LEU A 75 5.84 4.75 -13.82
CA LEU A 75 5.35 3.73 -14.78
C LEU A 75 4.13 3.04 -14.18
N VAL A 76 2.99 3.21 -14.79
CA VAL A 76 1.76 2.55 -14.28
C VAL A 76 0.98 2.08 -15.50
N ASP A 77 0.57 0.84 -15.52
CA ASP A 77 -0.17 0.34 -16.71
C ASP A 77 0.66 0.66 -17.96
N LYS A 78 1.90 1.03 -17.76
CA LYS A 78 2.82 1.37 -18.91
C LYS A 78 3.88 0.26 -18.99
N PRO A 79 4.48 0.04 -20.14
CA PRO A 79 5.50 -1.00 -20.29
C PRO A 79 6.71 -0.71 -19.37
N PHE A 80 7.21 -1.71 -18.69
CA PHE A 80 8.39 -1.50 -17.80
C PHE A 80 9.18 -2.80 -17.70
N ALA A 81 10.47 -2.70 -17.49
CA ALA A 81 11.30 -3.93 -17.35
C ALA A 81 11.42 -4.25 -15.86
N ALA A 82 10.89 -5.36 -15.45
CA ALA A 82 10.96 -5.72 -14.00
C ALA A 82 12.34 -6.31 -13.69
N LYS A 83 13.17 -5.54 -13.02
CA LYS A 83 14.52 -6.03 -12.66
C LYS A 83 14.43 -6.68 -11.28
N GLU A 84 15.40 -7.48 -10.93
CA GLU A 84 15.36 -8.19 -9.61
C GLU A 84 14.76 -7.31 -8.50
N ASP A 85 15.32 -6.15 -8.25
CA ASP A 85 14.77 -5.27 -7.17
C ASP A 85 14.43 -3.88 -7.73
N GLN A 86 14.58 -3.68 -9.01
CA GLN A 86 14.29 -2.32 -9.59
C GLN A 86 13.34 -2.39 -10.79
N LEU A 87 12.88 -1.25 -11.23
CA LEU A 87 11.99 -1.18 -12.42
C LEU A 87 12.60 -0.14 -13.37
N LEU A 88 12.68 -0.45 -14.63
CA LEU A 88 13.31 0.49 -15.61
C LEU A 88 12.41 0.62 -16.85
N CYS A 89 12.68 1.57 -17.69
CA CYS A 89 11.86 1.73 -18.92
C CYS A 89 12.44 0.81 -19.98
N THR A 90 11.62 0.16 -20.74
CA THR A 90 12.16 -0.75 -21.79
C THR A 90 13.25 -0.03 -22.58
N ASP A 91 13.31 1.27 -22.43
CA ASP A 91 14.37 2.06 -23.13
C ASP A 91 15.64 2.02 -22.28
N CYS A 92 15.52 2.27 -21.01
CA CYS A 92 16.73 2.23 -20.13
C CYS A 92 17.12 0.77 -19.89
N TYR A 93 16.16 -0.08 -19.73
CA TYR A 93 16.47 -1.52 -19.51
C TYR A 93 17.25 -2.06 -20.69
N SER A 94 16.78 -1.80 -21.89
CA SER A 94 17.49 -2.29 -23.09
C SER A 94 18.88 -1.64 -23.17
N ASN A 95 19.08 -0.57 -22.46
CA ASN A 95 20.41 0.10 -22.50
C ASN A 95 21.42 -0.70 -21.69
N GLU A 96 20.98 -1.34 -20.63
CA GLU A 96 21.92 -2.14 -19.78
C GLU A 96 21.70 -3.63 -20.05
N TYR A 97 20.48 -4.01 -20.31
CA TYR A 97 20.18 -5.44 -20.59
C TYR A 97 20.84 -5.85 -21.91
N SER A 98 21.01 -4.92 -22.80
CA SER A 98 21.65 -5.25 -24.11
C SER A 98 22.92 -6.06 -23.87
N MET A 1 -23.62 4.10 26.10
CA MET A 1 -22.57 4.31 27.13
C MET A 1 -22.48 3.07 28.03
N THR A 2 -23.24 2.06 27.74
CA THR A 2 -23.21 0.83 28.57
C THR A 2 -22.00 -0.03 28.17
N GLU A 3 -21.86 -0.31 26.91
CA GLU A 3 -20.71 -1.14 26.44
C GLU A 3 -19.49 -0.27 26.25
N ARG A 4 -18.40 -0.86 25.87
CA ARG A 4 -17.14 -0.09 25.67
C ARG A 4 -16.99 0.27 24.19
N PHE A 5 -16.46 1.44 23.92
CA PHE A 5 -16.29 1.89 22.51
C PHE A 5 -14.80 2.16 22.25
N ASP A 6 -13.99 1.13 22.29
CA ASP A 6 -12.53 1.32 22.03
C ASP A 6 -12.04 0.24 21.07
N CYS A 7 -11.04 0.54 20.31
CA CYS A 7 -10.50 -0.45 19.36
C CYS A 7 -10.00 -1.66 20.13
N HIS A 8 -10.75 -2.72 20.14
CA HIS A 8 -10.34 -3.93 20.91
C HIS A 8 -8.87 -4.27 20.65
N HIS A 9 -8.29 -3.78 19.59
CA HIS A 9 -6.86 -4.11 19.30
C HIS A 9 -5.94 -3.05 19.92
N CYS A 10 -6.00 -1.82 19.47
CA CYS A 10 -5.12 -0.76 20.05
C CYS A 10 -5.74 -0.26 21.36
N ASN A 11 -6.93 -0.71 21.64
CA ASN A 11 -7.64 -0.29 22.89
C ASN A 11 -7.72 1.25 22.95
N GLU A 12 -7.62 1.92 21.83
CA GLU A 12 -7.72 3.41 21.82
C GLU A 12 -9.14 3.81 21.44
N SER A 13 -9.72 4.77 22.11
CA SER A 13 -11.11 5.20 21.77
C SER A 13 -11.20 5.42 20.26
N LEU A 14 -12.23 4.93 19.61
CA LEU A 14 -12.35 5.15 18.14
C LEU A 14 -12.32 6.65 17.91
N PHE A 15 -11.53 7.08 16.97
CA PHE A 15 -11.37 8.54 16.76
C PHE A 15 -12.48 9.20 15.93
N GLY A 16 -13.43 9.82 16.58
CA GLY A 16 -14.45 10.63 15.86
C GLY A 16 -15.03 9.92 14.62
N LYS A 17 -14.75 8.65 14.39
CA LYS A 17 -15.27 8.02 13.12
C LYS A 17 -15.90 6.65 13.33
N LYS A 18 -16.71 6.25 12.40
CA LYS A 18 -17.38 4.93 12.47
C LYS A 18 -16.32 3.87 12.71
N TYR A 19 -16.72 2.66 12.99
CA TYR A 19 -15.72 1.59 13.26
C TYR A 19 -16.20 0.25 12.70
N ILE A 20 -15.29 -0.67 12.53
CA ILE A 20 -15.64 -2.01 11.97
C ILE A 20 -15.50 -3.08 13.05
N LEU A 21 -16.39 -4.04 13.09
CA LEU A 21 -16.28 -5.13 14.11
C LEU A 21 -15.52 -6.30 13.50
N ARG A 22 -14.35 -6.58 14.01
CA ARG A 22 -13.54 -7.72 13.48
C ARG A 22 -13.48 -8.80 14.56
N GLU A 23 -13.60 -10.05 14.19
CA GLU A 23 -13.58 -11.12 15.23
C GLU A 23 -14.59 -10.73 16.31
N GLU A 24 -15.64 -10.06 15.92
CA GLU A 24 -16.69 -9.63 16.89
C GLU A 24 -16.07 -8.62 17.87
N SER A 25 -15.22 -7.74 17.39
CA SER A 25 -14.60 -6.74 18.31
C SER A 25 -14.31 -5.42 17.55
N PRO A 26 -14.55 -4.26 18.16
CA PRO A 26 -14.28 -2.96 17.50
C PRO A 26 -12.78 -2.79 17.21
N TYR A 27 -12.45 -2.52 15.99
CA TYR A 27 -11.02 -2.28 15.61
C TYR A 27 -10.98 -0.88 15.00
N CYS A 28 -9.96 -0.12 15.25
CA CYS A 28 -9.91 1.24 14.64
C CYS A 28 -9.79 1.06 13.13
N VAL A 29 -10.33 1.98 12.38
CA VAL A 29 -10.24 1.86 10.89
C VAL A 29 -8.83 1.42 10.50
N VAL A 30 -7.86 2.14 10.97
CA VAL A 30 -6.45 1.80 10.66
C VAL A 30 -6.21 0.30 10.86
N CYS A 31 -6.53 -0.24 12.01
CA CYS A 31 -6.29 -1.70 12.24
C CYS A 31 -6.80 -2.48 11.02
N PHE A 32 -8.08 -2.45 10.79
CA PHE A 32 -8.64 -3.21 9.63
C PHE A 32 -7.79 -2.99 8.38
N GLU A 33 -7.42 -1.77 8.09
CA GLU A 33 -6.61 -1.50 6.87
C GLU A 33 -5.19 -2.02 7.05
N THR A 34 -4.44 -1.49 7.98
CA THR A 34 -3.04 -1.95 8.17
C THR A 34 -2.97 -3.48 8.29
N LEU A 35 -3.85 -4.07 9.04
CA LEU A 35 -3.81 -5.55 9.21
C LEU A 35 -3.89 -6.26 7.86
N PHE A 36 -4.91 -6.01 7.08
CA PHE A 36 -5.07 -6.72 5.77
C PHE A 36 -4.55 -5.86 4.60
N ALA A 37 -4.10 -4.67 4.85
CA ALA A 37 -3.60 -3.82 3.73
C ALA A 37 -2.40 -4.49 3.06
N ASN A 38 -2.09 -4.09 1.85
CA ASN A 38 -0.93 -4.68 1.12
C ASN A 38 0.33 -3.88 1.43
N THR A 39 1.48 -4.48 1.33
CA THR A 39 2.75 -3.74 1.62
C THR A 39 3.32 -3.13 0.33
N CYS A 40 3.81 -1.93 0.41
CA CYS A 40 4.41 -1.28 -0.80
C CYS A 40 5.90 -1.61 -0.82
N GLU A 41 6.26 -2.53 -1.66
CA GLU A 41 7.69 -2.94 -1.75
C GLU A 41 8.62 -1.72 -1.76
N GLU A 42 8.09 -0.56 -2.06
CA GLU A 42 8.95 0.67 -2.08
C GLU A 42 8.96 1.30 -0.68
N CYS A 43 7.82 1.67 -0.17
CA CYS A 43 7.77 2.29 1.19
C CYS A 43 7.92 1.21 2.26
N GLY A 44 7.26 0.10 2.08
CA GLY A 44 7.34 -1.00 3.08
C GLY A 44 6.17 -0.86 4.07
N LYS A 45 5.46 0.24 3.99
CA LYS A 45 4.30 0.45 4.91
C LYS A 45 3.01 -0.08 4.23
N PRO A 46 2.04 -0.52 5.01
CA PRO A 46 0.78 -1.02 4.42
C PRO A 46 0.13 0.05 3.54
N ILE A 47 -0.46 -0.35 2.43
CA ILE A 47 -1.13 0.64 1.53
C ILE A 47 -2.63 0.63 1.84
N GLY A 48 -3.11 1.64 2.51
CA GLY A 48 -4.56 1.69 2.85
C GLY A 48 -5.39 1.68 1.58
N CYS A 49 -6.45 0.91 1.55
CA CYS A 49 -7.30 0.85 0.33
C CYS A 49 -7.91 2.23 0.08
N ASP A 50 -7.96 3.06 1.08
CA ASP A 50 -8.55 4.42 0.89
C ASP A 50 -7.53 5.30 0.14
N CYS A 51 -6.70 4.71 -0.67
CA CYS A 51 -5.70 5.50 -1.43
C CYS A 51 -5.43 4.82 -2.78
N LYS A 52 -4.53 5.36 -3.56
CA LYS A 52 -4.22 4.75 -4.88
C LYS A 52 -3.32 3.52 -4.69
N ASP A 53 -3.88 2.34 -4.70
CA ASP A 53 -3.06 1.11 -4.52
C ASP A 53 -2.77 0.50 -5.89
N LEU A 54 -1.60 0.71 -6.42
CA LEU A 54 -1.26 0.14 -7.75
C LEU A 54 -1.02 -1.37 -7.62
N SER A 55 -1.73 -2.17 -8.37
CA SER A 55 -1.54 -3.65 -8.30
C SER A 55 -0.93 -4.15 -9.61
N TYR A 56 0.13 -4.91 -9.54
CA TYR A 56 0.77 -5.42 -10.78
C TYR A 56 1.54 -6.71 -10.45
N LYS A 57 1.48 -7.69 -11.31
CA LYS A 57 2.20 -8.97 -11.03
C LYS A 57 1.89 -9.45 -9.61
N ASP A 58 0.63 -9.50 -9.26
CA ASP A 58 0.24 -9.97 -7.90
C ASP A 58 0.96 -9.16 -6.82
N ARG A 59 1.58 -8.06 -7.18
CA ARG A 59 2.28 -7.20 -6.18
C ARG A 59 1.53 -5.89 -6.01
N HIS A 60 1.85 -5.12 -4.99
CA HIS A 60 1.15 -3.82 -4.77
C HIS A 60 2.18 -2.69 -4.78
N TRP A 61 1.76 -1.51 -5.16
CA TRP A 61 2.71 -0.36 -5.22
C TRP A 61 1.91 0.95 -5.19
N HIS A 62 2.45 1.99 -4.61
CA HIS A 62 1.74 3.29 -4.64
C HIS A 62 1.85 3.80 -6.08
N GLU A 63 0.78 4.20 -6.70
CA GLU A 63 0.88 4.69 -8.12
C GLU A 63 2.10 5.62 -8.27
N ALA A 64 2.53 6.24 -7.20
CA ALA A 64 3.71 7.16 -7.28
C ALA A 64 5.02 6.41 -7.02
N CYS A 65 4.98 5.27 -6.37
CA CYS A 65 6.25 4.54 -6.07
C CYS A 65 6.70 3.76 -7.31
N PHE A 66 5.79 3.33 -8.12
CA PHE A 66 6.16 2.57 -9.34
C PHE A 66 6.78 3.53 -10.35
N HIS A 67 8.09 3.53 -10.48
CA HIS A 67 8.74 4.46 -11.46
C HIS A 67 10.07 3.89 -11.97
N CYS A 68 10.68 4.55 -12.92
CA CYS A 68 11.99 4.06 -13.46
C CYS A 68 13.12 4.55 -12.56
N SER A 69 14.14 3.75 -12.38
CA SER A 69 15.25 4.17 -11.49
C SER A 69 16.09 5.27 -12.16
N GLN A 70 16.06 5.36 -13.47
CA GLN A 70 16.88 6.39 -14.19
C GLN A 70 16.03 7.61 -14.56
N CYS A 71 14.89 7.38 -15.15
CA CYS A 71 14.02 8.52 -15.58
C CYS A 71 13.03 8.90 -14.47
N ARG A 72 12.97 8.13 -13.42
CA ARG A 72 12.03 8.44 -12.33
C ARG A 72 10.63 8.68 -12.90
N ASN A 73 10.41 8.26 -14.11
CA ASN A 73 9.06 8.42 -14.71
C ASN A 73 8.12 7.50 -13.95
N SER A 74 6.86 7.82 -13.89
CA SER A 74 5.93 6.92 -13.15
C SER A 74 5.42 5.85 -14.12
N LEU A 75 6.01 4.68 -14.10
CA LEU A 75 5.54 3.60 -15.02
C LEU A 75 4.32 2.93 -14.41
N VAL A 76 3.19 3.06 -15.05
CA VAL A 76 1.96 2.42 -14.55
C VAL A 76 1.21 1.87 -15.75
N ASP A 77 0.80 0.64 -15.73
CA ASP A 77 0.09 0.08 -16.91
C ASP A 77 0.95 0.33 -18.15
N LYS A 78 2.19 0.73 -17.94
CA LYS A 78 3.12 1.01 -19.08
C LYS A 78 4.20 -0.09 -19.08
N PRO A 79 4.82 -0.35 -20.21
CA PRO A 79 5.87 -1.39 -20.28
C PRO A 79 7.04 -1.03 -19.35
N PHE A 80 7.55 -1.99 -18.61
CA PHE A 80 8.70 -1.71 -17.69
C PHE A 80 9.53 -2.97 -17.51
N ALA A 81 10.80 -2.83 -17.29
CA ALA A 81 11.67 -4.02 -17.06
C ALA A 81 11.79 -4.22 -15.56
N ALA A 82 11.28 -5.31 -15.05
CA ALA A 82 11.35 -5.55 -13.59
C ALA A 82 12.73 -6.09 -13.23
N LYS A 83 13.53 -5.28 -12.59
CA LYS A 83 14.89 -5.72 -12.16
C LYS A 83 14.78 -6.27 -10.75
N GLU A 84 15.75 -7.03 -10.32
CA GLU A 84 15.71 -7.66 -8.97
C GLU A 84 15.07 -6.72 -7.93
N ASP A 85 15.60 -5.54 -7.75
CA ASP A 85 15.01 -4.60 -6.74
C ASP A 85 14.64 -3.27 -7.39
N GLN A 86 14.81 -3.13 -8.68
CA GLN A 86 14.48 -1.82 -9.36
C GLN A 86 13.56 -2.03 -10.56
N LEU A 87 13.08 -0.92 -11.09
CA LEU A 87 12.20 -0.96 -12.29
C LEU A 87 12.80 0.02 -13.30
N LEU A 88 12.90 -0.35 -14.54
CA LEU A 88 13.51 0.54 -15.56
C LEU A 88 12.65 0.57 -16.81
N CYS A 89 12.90 1.49 -17.71
CA CYS A 89 12.09 1.55 -18.95
C CYS A 89 12.71 0.58 -19.95
N THR A 90 11.91 -0.17 -20.67
CA THR A 90 12.49 -1.13 -21.65
C THR A 90 13.56 -0.41 -22.48
N ASP A 91 13.55 0.91 -22.45
CA ASP A 91 14.57 1.68 -23.20
C ASP A 91 15.84 1.74 -22.34
N CYS A 92 15.70 2.05 -21.08
CA CYS A 92 16.89 2.12 -20.19
C CYS A 92 17.35 0.69 -19.87
N TYR A 93 16.42 -0.19 -19.62
CA TYR A 93 16.80 -1.60 -19.30
C TYR A 93 17.63 -2.18 -20.45
N SER A 94 17.18 -2.03 -21.65
CA SER A 94 17.93 -2.58 -22.81
C SER A 94 19.27 -1.86 -22.95
N ASN A 95 19.41 -0.70 -22.38
CA ASN A 95 20.70 0.04 -22.50
C ASN A 95 21.74 -0.59 -21.58
N GLU A 96 21.33 -1.08 -20.43
CA GLU A 96 22.31 -1.71 -19.48
C GLU A 96 22.19 -3.24 -19.56
N TYR A 97 20.99 -3.73 -19.68
CA TYR A 97 20.80 -5.21 -19.76
C TYR A 97 21.71 -5.78 -20.85
N SER A 98 21.91 -5.05 -21.91
CA SER A 98 22.79 -5.54 -23.01
C SER A 98 24.24 -5.56 -22.53
N MET A 1 -23.76 3.26 26.01
CA MET A 1 -22.55 3.49 26.85
C MET A 1 -22.27 2.25 27.69
N THR A 2 -23.21 1.36 27.77
CA THR A 2 -23.00 0.12 28.59
C THR A 2 -21.78 -0.62 28.06
N GLU A 3 -21.74 -0.88 26.80
CA GLU A 3 -20.57 -1.60 26.21
C GLU A 3 -19.38 -0.64 26.12
N ARG A 4 -18.26 -1.15 25.69
CA ARG A 4 -17.04 -0.30 25.58
C ARG A 4 -16.89 0.18 24.14
N PHE A 5 -16.45 1.40 23.96
CA PHE A 5 -16.28 1.95 22.58
C PHE A 5 -14.80 2.25 22.34
N ASP A 6 -13.99 1.23 22.32
CA ASP A 6 -12.53 1.41 22.07
C ASP A 6 -12.05 0.34 21.09
N CYS A 7 -11.03 0.66 20.33
CA CYS A 7 -10.52 -0.33 19.36
C CYS A 7 -10.04 -1.57 20.14
N HIS A 8 -10.81 -2.61 20.14
CA HIS A 8 -10.41 -3.83 20.89
C HIS A 8 -8.96 -4.21 20.63
N HIS A 9 -8.37 -3.70 19.56
CA HIS A 9 -6.95 -4.06 19.26
C HIS A 9 -6.01 -3.01 19.89
N CYS A 10 -6.05 -1.78 19.44
CA CYS A 10 -5.15 -0.74 20.01
C CYS A 10 -5.74 -0.24 21.32
N ASN A 11 -6.94 -0.67 21.63
CA ASN A 11 -7.62 -0.25 22.89
C ASN A 11 -7.68 1.29 22.96
N GLU A 12 -7.58 1.96 21.85
CA GLU A 12 -7.66 3.46 21.87
C GLU A 12 -9.08 3.88 21.48
N SER A 13 -9.64 4.83 22.20
CA SER A 13 -11.02 5.28 21.86
C SER A 13 -11.13 5.53 20.35
N LEU A 14 -12.17 5.06 19.72
CA LEU A 14 -12.30 5.30 18.25
C LEU A 14 -12.24 6.82 18.05
N PHE A 15 -11.45 7.24 17.11
CA PHE A 15 -11.26 8.70 16.91
C PHE A 15 -12.36 9.39 16.09
N GLY A 16 -13.30 10.03 16.76
CA GLY A 16 -14.30 10.86 16.03
C GLY A 16 -14.90 10.18 14.79
N LYS A 17 -14.66 8.91 14.55
CA LYS A 17 -15.19 8.30 13.27
C LYS A 17 -15.85 6.94 13.47
N LYS A 18 -16.69 6.57 12.53
CA LYS A 18 -17.38 5.26 12.61
C LYS A 18 -16.34 4.17 12.84
N TYR A 19 -16.75 2.97 13.11
CA TYR A 19 -15.76 1.88 13.38
C TYR A 19 -16.26 0.56 12.81
N ILE A 20 -15.35 -0.37 12.61
CA ILE A 20 -15.72 -1.69 12.03
C ILE A 20 -15.60 -2.79 13.10
N LEU A 21 -16.49 -3.73 13.12
CA LEU A 21 -16.40 -4.83 14.13
C LEU A 21 -15.65 -6.01 13.52
N ARG A 22 -14.49 -6.30 14.02
CA ARG A 22 -13.69 -7.45 13.49
C ARG A 22 -13.66 -8.55 14.56
N GLU A 23 -13.80 -9.78 14.16
CA GLU A 23 -13.80 -10.87 15.17
C GLU A 23 -14.80 -10.50 16.27
N GLU A 24 -15.86 -9.81 15.88
CA GLU A 24 -16.89 -9.38 16.86
C GLU A 24 -16.25 -8.40 17.84
N SER A 25 -15.39 -7.53 17.38
CA SER A 25 -14.74 -6.55 18.31
C SER A 25 -14.42 -5.23 17.54
N PRO A 26 -14.64 -4.07 18.17
CA PRO A 26 -14.36 -2.78 17.52
C PRO A 26 -12.86 -2.62 17.22
N TYR A 27 -12.53 -2.34 15.99
CA TYR A 27 -11.10 -2.10 15.60
C TYR A 27 -11.05 -0.70 15.02
N CYS A 28 -10.01 0.04 15.26
CA CYS A 28 -9.95 1.41 14.69
C CYS A 28 -9.85 1.26 13.17
N VAL A 29 -10.37 2.19 12.43
CA VAL A 29 -10.30 2.09 10.94
C VAL A 29 -8.90 1.63 10.52
N VAL A 30 -7.91 2.32 10.99
CA VAL A 30 -6.51 1.97 10.66
C VAL A 30 -6.28 0.46 10.83
N CYS A 31 -6.59 -0.07 11.99
CA CYS A 31 -6.36 -1.54 12.21
C CYS A 31 -6.88 -2.32 10.98
N PHE A 32 -8.15 -2.28 10.76
CA PHE A 32 -8.73 -3.02 9.60
C PHE A 32 -7.88 -2.80 8.34
N GLU A 33 -7.52 -1.58 8.06
CA GLU A 33 -6.70 -1.32 6.84
C GLU A 33 -5.26 -1.84 7.02
N THR A 34 -4.53 -1.30 7.95
CA THR A 34 -3.11 -1.76 8.14
C THR A 34 -3.05 -3.29 8.24
N LEU A 35 -3.95 -3.89 8.99
CA LEU A 35 -3.92 -5.37 9.15
C LEU A 35 -3.97 -6.06 7.79
N PHE A 36 -4.99 -5.81 7.02
CA PHE A 36 -5.14 -6.50 5.69
C PHE A 36 -4.59 -5.65 4.54
N ALA A 37 -4.13 -4.46 4.81
CA ALA A 37 -3.61 -3.61 3.70
C ALA A 37 -2.39 -4.29 3.06
N ASN A 38 -2.07 -3.93 1.84
CA ASN A 38 -0.91 -4.53 1.15
C ASN A 38 0.35 -3.69 1.43
N THR A 39 1.51 -4.30 1.36
CA THR A 39 2.77 -3.53 1.62
C THR A 39 3.32 -2.94 0.32
N CYS A 40 3.77 -1.72 0.36
CA CYS A 40 4.37 -1.10 -0.87
C CYS A 40 5.86 -1.38 -0.88
N GLU A 41 6.26 -2.33 -1.67
CA GLU A 41 7.70 -2.70 -1.74
C GLU A 41 8.58 -1.44 -1.79
N GLU A 42 8.02 -0.31 -2.14
CA GLU A 42 8.85 0.94 -2.20
C GLU A 42 8.85 1.62 -0.82
N CYS A 43 7.69 2.00 -0.35
CA CYS A 43 7.62 2.67 0.98
C CYS A 43 7.81 1.64 2.09
N GLY A 44 7.19 0.50 1.96
CA GLY A 44 7.32 -0.56 2.99
C GLY A 44 6.15 -0.42 3.98
N LYS A 45 5.39 0.64 3.86
CA LYS A 45 4.22 0.84 4.78
C LYS A 45 2.96 0.26 4.11
N PRO A 46 2.00 -0.21 4.89
CA PRO A 46 0.76 -0.77 4.32
C PRO A 46 0.08 0.26 3.40
N ILE A 47 -0.50 -0.19 2.32
CA ILE A 47 -1.21 0.74 1.39
C ILE A 47 -2.71 0.70 1.71
N GLY A 48 -3.21 1.72 2.36
CA GLY A 48 -4.65 1.73 2.72
C GLY A 48 -5.50 1.81 1.46
N CYS A 49 -6.70 1.29 1.53
CA CYS A 49 -7.60 1.35 0.35
C CYS A 49 -8.02 2.80 0.13
N ASP A 50 -7.82 3.63 1.12
CA ASP A 50 -8.19 5.06 0.99
C ASP A 50 -7.21 5.77 0.05
N CYS A 51 -6.48 5.02 -0.72
CA CYS A 51 -5.50 5.64 -1.67
C CYS A 51 -5.41 4.81 -2.95
N LYS A 52 -4.58 5.21 -3.87
CA LYS A 52 -4.45 4.44 -5.14
C LYS A 52 -3.48 3.28 -4.94
N ASP A 53 -3.99 2.07 -4.88
CA ASP A 53 -3.09 0.88 -4.69
C ASP A 53 -2.81 0.24 -6.04
N LEU A 54 -1.63 0.46 -6.57
CA LEU A 54 -1.28 -0.14 -7.89
C LEU A 54 -1.01 -1.64 -7.69
N SER A 55 -1.72 -2.49 -8.40
CA SER A 55 -1.50 -3.97 -8.26
C SER A 55 -0.88 -4.52 -9.54
N TYR A 56 0.22 -5.22 -9.43
CA TYR A 56 0.88 -5.78 -10.66
C TYR A 56 1.64 -7.06 -10.28
N LYS A 57 1.56 -8.08 -11.09
CA LYS A 57 2.27 -9.36 -10.78
C LYS A 57 2.00 -9.76 -9.32
N ASP A 58 0.76 -9.82 -8.93
CA ASP A 58 0.40 -10.21 -7.53
C ASP A 58 1.14 -9.33 -6.51
N ARG A 59 1.71 -8.23 -6.94
CA ARG A 59 2.42 -7.32 -5.98
C ARG A 59 1.64 -6.01 -5.88
N HIS A 60 1.95 -5.19 -4.91
CA HIS A 60 1.22 -3.90 -4.73
C HIS A 60 2.21 -2.73 -4.78
N TRP A 61 1.76 -1.58 -5.23
CA TRP A 61 2.67 -0.41 -5.32
C TRP A 61 1.83 0.88 -5.34
N HIS A 62 2.33 1.95 -4.81
CA HIS A 62 1.56 3.22 -4.89
C HIS A 62 1.68 3.69 -6.35
N GLU A 63 0.59 4.00 -7.00
CA GLU A 63 0.68 4.45 -8.44
C GLU A 63 1.87 5.40 -8.62
N ALA A 64 2.27 6.09 -7.58
CA ALA A 64 3.42 7.06 -7.70
C ALA A 64 4.76 6.37 -7.38
N CYS A 65 4.74 5.26 -6.68
CA CYS A 65 6.03 4.59 -6.33
C CYS A 65 6.53 3.77 -7.52
N PHE A 66 5.64 3.26 -8.32
CA PHE A 66 6.05 2.45 -9.49
C PHE A 66 6.64 3.39 -10.55
N HIS A 67 7.95 3.43 -10.68
CA HIS A 67 8.56 4.34 -11.68
C HIS A 67 9.92 3.81 -12.15
N CYS A 68 10.51 4.46 -13.13
CA CYS A 68 11.84 4.01 -13.66
C CYS A 68 12.94 4.57 -12.74
N SER A 69 13.98 3.83 -12.53
CA SER A 69 15.07 4.33 -11.65
C SER A 69 15.85 5.46 -12.35
N GLN A 70 15.83 5.51 -13.66
CA GLN A 70 16.60 6.56 -14.39
C GLN A 70 15.69 7.72 -14.81
N CYS A 71 14.58 7.42 -15.42
CA CYS A 71 13.66 8.51 -15.89
C CYS A 71 12.63 8.85 -14.81
N ARG A 72 12.64 8.14 -13.72
CA ARG A 72 11.65 8.42 -12.63
C ARG A 72 10.26 8.57 -13.24
N ASN A 73 10.07 8.11 -14.44
CA ASN A 73 8.73 8.19 -15.06
C ASN A 73 7.82 7.25 -14.29
N SER A 74 6.56 7.50 -14.25
CA SER A 74 5.65 6.58 -13.51
C SER A 74 5.21 5.44 -14.42
N LEU A 75 5.84 4.30 -14.33
CA LEU A 75 5.43 3.17 -15.21
C LEU A 75 4.22 2.49 -14.58
N VAL A 76 3.10 2.54 -15.24
CA VAL A 76 1.88 1.87 -14.72
C VAL A 76 1.18 1.24 -15.92
N ASP A 77 0.77 0.00 -15.82
CA ASP A 77 0.11 -0.64 -16.99
C ASP A 77 0.99 -0.41 -18.24
N LYS A 78 2.21 0.03 -18.04
CA LYS A 78 3.15 0.29 -19.17
C LYS A 78 4.26 -0.78 -19.10
N PRO A 79 4.91 -1.07 -20.21
CA PRO A 79 5.99 -2.08 -20.22
C PRO A 79 7.16 -1.60 -19.34
N PHE A 80 7.72 -2.48 -18.54
CA PHE A 80 8.88 -2.09 -17.68
C PHE A 80 9.77 -3.30 -17.45
N ALA A 81 11.04 -3.07 -17.21
CA ALA A 81 11.96 -4.21 -16.95
C ALA A 81 12.06 -4.38 -15.44
N ALA A 82 11.61 -5.49 -14.93
CA ALA A 82 11.65 -5.71 -13.46
C ALA A 82 13.05 -6.15 -13.05
N LYS A 83 13.80 -5.27 -12.45
CA LYS A 83 15.18 -5.62 -11.99
C LYS A 83 15.09 -6.12 -10.55
N GLU A 84 16.10 -6.81 -10.09
CA GLU A 84 16.07 -7.37 -8.71
C GLU A 84 15.39 -6.43 -7.72
N ASP A 85 15.85 -5.22 -7.57
CA ASP A 85 15.22 -4.26 -6.61
C ASP A 85 14.80 -2.97 -7.32
N GLN A 86 14.97 -2.89 -8.62
CA GLN A 86 14.60 -1.63 -9.34
C GLN A 86 13.69 -1.90 -10.55
N LEU A 87 13.17 -0.85 -11.12
CA LEU A 87 12.30 -0.96 -12.32
C LEU A 87 12.86 0.02 -13.36
N LEU A 88 12.98 -0.40 -14.58
CA LEU A 88 13.56 0.48 -15.64
C LEU A 88 12.70 0.44 -16.89
N CYS A 89 12.89 1.35 -17.80
CA CYS A 89 12.10 1.34 -19.06
C CYS A 89 12.79 0.39 -20.03
N THR A 90 12.04 -0.40 -20.76
CA THR A 90 12.68 -1.33 -21.72
C THR A 90 13.74 -0.57 -22.53
N ASP A 91 13.68 0.73 -22.49
CA ASP A 91 14.68 1.55 -23.24
C ASP A 91 15.93 1.70 -22.37
N CYS A 92 15.75 1.97 -21.10
CA CYS A 92 16.93 2.12 -20.19
C CYS A 92 17.43 0.73 -19.81
N TYR A 93 16.54 -0.20 -19.62
CA TYR A 93 16.97 -1.57 -19.25
C TYR A 93 17.83 -2.16 -20.36
N SER A 94 17.37 -2.07 -21.57
CA SER A 94 18.15 -2.63 -22.72
C SER A 94 19.44 -1.82 -22.91
N ASN A 95 19.47 -0.60 -22.44
CA ASN A 95 20.69 0.23 -22.61
C ASN A 95 21.81 -0.28 -21.71
N GLU A 96 21.46 -0.76 -20.54
CA GLU A 96 22.49 -1.28 -19.59
C GLU A 96 22.46 -2.81 -19.54
N TYR A 97 21.28 -3.39 -19.57
CA TYR A 97 21.19 -4.87 -19.54
C TYR A 97 22.16 -5.47 -20.57
N SER A 98 22.31 -4.84 -21.69
CA SER A 98 23.23 -5.37 -22.74
C SER A 98 24.63 -5.50 -22.13
N MET A 1 -22.43 3.52 28.15
CA MET A 1 -23.87 3.34 27.80
C MET A 1 -24.21 1.85 27.82
N THR A 2 -24.66 1.31 26.72
CA THR A 2 -25.02 -0.14 26.68
C THR A 2 -23.77 -0.97 26.38
N GLU A 3 -23.08 -0.67 25.31
CA GLU A 3 -21.85 -1.43 24.95
C GLU A 3 -20.63 -0.51 25.06
N ARG A 4 -19.48 -1.04 24.76
CA ARG A 4 -18.23 -0.24 24.85
C ARG A 4 -17.84 0.24 23.45
N PHE A 5 -17.30 1.43 23.35
CA PHE A 5 -16.91 1.99 22.02
C PHE A 5 -15.40 2.19 21.97
N ASP A 6 -14.65 1.11 22.04
CA ASP A 6 -13.16 1.21 21.99
C ASP A 6 -12.62 0.16 21.02
N CYS A 7 -11.54 0.47 20.36
CA CYS A 7 -10.96 -0.51 19.41
C CYS A 7 -10.60 -1.79 20.18
N HIS A 8 -11.40 -2.80 20.04
CA HIS A 8 -11.15 -4.07 20.78
C HIS A 8 -9.67 -4.48 20.68
N HIS A 9 -8.95 -3.98 19.70
CA HIS A 9 -7.52 -4.38 19.56
C HIS A 9 -6.62 -3.41 20.37
N CYS A 10 -6.59 -2.15 20.02
CA CYS A 10 -5.73 -1.19 20.78
C CYS A 10 -6.50 -0.68 22.00
N ASN A 11 -7.74 -1.05 22.09
CA ASN A 11 -8.59 -0.61 23.23
C ASN A 11 -8.57 0.91 23.35
N GLU A 12 -8.22 1.60 22.29
CA GLU A 12 -8.21 3.09 22.32
C GLU A 12 -9.56 3.60 21.81
N SER A 13 -10.16 4.54 22.50
CA SER A 13 -11.48 5.06 22.03
C SER A 13 -11.40 5.36 20.53
N LEU A 14 -12.38 4.95 19.77
CA LEU A 14 -12.34 5.25 18.31
C LEU A 14 -12.19 6.76 18.16
N PHE A 15 -11.29 7.19 17.33
CA PHE A 15 -11.02 8.64 17.21
C PHE A 15 -11.99 9.40 16.29
N GLY A 16 -12.97 10.05 16.86
CA GLY A 16 -13.86 10.94 16.06
C GLY A 16 -14.33 10.32 14.74
N LYS A 17 -14.10 9.05 14.47
CA LYS A 17 -14.49 8.51 13.12
C LYS A 17 -15.21 7.17 13.21
N LYS A 18 -15.94 6.86 12.16
CA LYS A 18 -16.68 5.57 12.09
C LYS A 18 -15.71 4.44 12.42
N TYR A 19 -16.20 3.25 12.58
CA TYR A 19 -15.31 2.11 12.93
C TYR A 19 -15.80 0.83 12.26
N ILE A 20 -14.92 -0.15 12.15
CA ILE A 20 -15.28 -1.44 11.50
C ILE A 20 -15.34 -2.56 12.54
N LEU A 21 -16.30 -3.45 12.42
CA LEU A 21 -16.39 -4.58 13.39
C LEU A 21 -15.64 -5.78 12.82
N ARG A 22 -14.56 -6.17 13.45
CA ARG A 22 -13.78 -7.34 12.96
C ARG A 22 -13.91 -8.46 13.99
N GLU A 23 -14.09 -9.68 13.55
CA GLU A 23 -14.26 -10.79 14.53
C GLU A 23 -15.35 -10.37 15.52
N GLU A 24 -16.33 -9.64 15.04
CA GLU A 24 -17.43 -9.15 15.92
C GLU A 24 -16.84 -8.24 17.00
N SER A 25 -15.87 -7.42 16.64
CA SER A 25 -15.26 -6.50 17.65
C SER A 25 -14.80 -5.18 16.99
N PRO A 26 -15.04 -4.03 17.62
CA PRO A 26 -14.62 -2.73 17.05
C PRO A 26 -13.10 -2.63 16.92
N TYR A 27 -12.62 -2.31 15.76
CA TYR A 27 -11.15 -2.13 15.54
C TYR A 27 -10.96 -0.71 15.02
N CYS A 28 -9.93 -0.02 15.42
CA CYS A 28 -9.74 1.36 14.91
C CYS A 28 -9.46 1.25 13.42
N VAL A 29 -9.86 2.23 12.65
CA VAL A 29 -9.61 2.17 11.17
C VAL A 29 -8.18 1.68 10.92
N VAL A 30 -7.23 2.33 11.53
CA VAL A 30 -5.82 1.93 11.36
C VAL A 30 -5.67 0.41 11.50
N CYS A 31 -6.14 -0.16 12.58
CA CYS A 31 -6.00 -1.64 12.76
C CYS A 31 -6.42 -2.34 11.46
N PHE A 32 -7.67 -2.21 11.10
CA PHE A 32 -8.17 -2.87 9.87
C PHE A 32 -7.18 -2.64 8.71
N GLU A 33 -6.72 -1.44 8.54
CA GLU A 33 -5.78 -1.17 7.42
C GLU A 33 -4.41 -1.81 7.69
N THR A 34 -3.72 -1.38 8.70
CA THR A 34 -2.37 -1.95 8.99
C THR A 34 -2.42 -3.48 9.03
N LEU A 35 -3.41 -4.04 9.68
CA LEU A 35 -3.50 -5.52 9.77
C LEU A 35 -3.50 -6.17 8.38
N PHE A 36 -4.42 -5.80 7.53
CA PHE A 36 -4.50 -6.43 6.18
C PHE A 36 -3.84 -5.56 5.10
N ALA A 37 -3.35 -4.41 5.46
CA ALA A 37 -2.72 -3.54 4.43
C ALA A 37 -1.56 -4.28 3.76
N ASN A 38 -1.22 -3.90 2.55
CA ASN A 38 -0.10 -4.57 1.83
C ASN A 38 1.16 -3.74 2.02
N THR A 39 2.32 -4.34 1.92
CA THR A 39 3.59 -3.58 2.11
C THR A 39 4.07 -3.02 0.76
N CYS A 40 4.54 -1.80 0.76
CA CYS A 40 5.07 -1.19 -0.50
C CYS A 40 6.56 -1.47 -0.58
N GLU A 41 6.93 -2.41 -1.38
CA GLU A 41 8.37 -2.78 -1.53
C GLU A 41 9.24 -1.53 -1.63
N GLU A 42 8.66 -0.40 -1.95
CA GLU A 42 9.46 0.85 -2.06
C GLU A 42 9.53 1.56 -0.69
N CYS A 43 8.39 1.84 -0.11
CA CYS A 43 8.37 2.53 1.21
C CYS A 43 8.61 1.51 2.33
N GLY A 44 7.97 0.37 2.24
CA GLY A 44 8.14 -0.67 3.29
C GLY A 44 7.02 -0.52 4.33
N LYS A 45 6.25 0.52 4.22
CA LYS A 45 5.12 0.74 5.19
C LYS A 45 3.84 0.17 4.58
N PRO A 46 2.88 -0.26 5.41
CA PRO A 46 1.62 -0.81 4.89
C PRO A 46 0.93 0.23 3.98
N ILE A 47 0.33 -0.22 2.92
CA ILE A 47 -0.37 0.72 1.99
C ILE A 47 -1.85 0.79 2.40
N GLY A 48 -2.24 1.84 3.06
CA GLY A 48 -3.66 1.96 3.50
C GLY A 48 -4.58 2.16 2.29
N CYS A 49 -5.80 1.72 2.41
CA CYS A 49 -6.76 1.89 1.29
C CYS A 49 -7.06 3.38 1.11
N ASP A 50 -6.66 4.18 2.06
CA ASP A 50 -6.89 5.65 1.96
C ASP A 50 -6.02 6.23 0.85
N CYS A 51 -5.40 5.38 0.07
CA CYS A 51 -4.52 5.87 -1.03
C CYS A 51 -4.69 4.97 -2.25
N LYS A 52 -3.95 5.22 -3.30
CA LYS A 52 -4.07 4.37 -4.52
C LYS A 52 -3.12 3.17 -4.39
N ASP A 53 -3.65 2.03 -4.05
CA ASP A 53 -2.77 0.82 -3.90
C ASP A 53 -2.54 0.19 -5.27
N LEU A 54 -1.35 0.32 -5.80
CA LEU A 54 -1.05 -0.29 -7.13
C LEU A 54 -0.75 -1.78 -6.95
N SER A 55 -1.46 -2.64 -7.63
CA SER A 55 -1.20 -4.11 -7.51
C SER A 55 -0.65 -4.62 -8.83
N TYR A 56 0.44 -5.34 -8.80
CA TYR A 56 1.03 -5.87 -10.07
C TYR A 56 1.83 -7.13 -9.76
N LYS A 57 1.51 -8.23 -10.42
CA LYS A 57 2.25 -9.49 -10.17
C LYS A 57 2.19 -9.85 -8.68
N ASP A 58 1.00 -10.06 -8.16
CA ASP A 58 0.84 -10.44 -6.73
C ASP A 58 1.63 -9.51 -5.80
N ARG A 59 2.12 -8.40 -6.30
CA ARG A 59 2.89 -7.44 -5.44
C ARG A 59 2.09 -6.16 -5.30
N HIS A 60 2.47 -5.30 -4.37
CA HIS A 60 1.73 -4.02 -4.17
C HIS A 60 2.71 -2.85 -4.28
N TRP A 61 2.22 -1.71 -4.69
CA TRP A 61 3.12 -0.52 -4.85
C TRP A 61 2.27 0.76 -4.82
N HIS A 62 2.83 1.86 -4.39
CA HIS A 62 2.06 3.13 -4.43
C HIS A 62 2.09 3.58 -5.89
N GLU A 63 0.98 3.95 -6.47
CA GLU A 63 1.01 4.39 -7.90
C GLU A 63 2.19 5.34 -8.13
N ALA A 64 2.64 6.01 -7.11
CA ALA A 64 3.78 6.97 -7.27
C ALA A 64 5.13 6.27 -7.04
N CYS A 65 5.14 5.16 -6.35
CA CYS A 65 6.44 4.46 -6.10
C CYS A 65 6.85 3.66 -7.33
N PHE A 66 5.90 3.16 -8.07
CA PHE A 66 6.24 2.37 -9.27
C PHE A 66 6.73 3.32 -10.36
N HIS A 67 8.01 3.37 -10.59
CA HIS A 67 8.54 4.30 -11.64
C HIS A 67 9.86 3.79 -12.23
N CYS A 68 10.36 4.44 -13.25
CA CYS A 68 11.65 4.02 -13.88
C CYS A 68 12.81 4.60 -13.07
N SER A 69 13.87 3.88 -12.94
CA SER A 69 15.02 4.41 -12.16
C SER A 69 15.71 5.55 -12.91
N GLN A 70 15.59 5.60 -14.21
CA GLN A 70 16.26 6.67 -15.01
C GLN A 70 15.28 7.79 -15.37
N CYS A 71 14.14 7.44 -15.88
CA CYS A 71 13.14 8.49 -16.29
C CYS A 71 12.21 8.83 -15.13
N ARG A 72 12.39 8.21 -14.00
CA ARG A 72 11.51 8.48 -12.82
C ARG A 72 10.05 8.64 -13.27
N ASN A 73 9.72 8.13 -14.42
CA ASN A 73 8.32 8.22 -14.90
C ASN A 73 7.51 7.23 -14.10
N SER A 74 6.25 7.46 -13.92
CA SER A 74 5.42 6.51 -13.12
C SER A 74 4.94 5.37 -14.04
N LEU A 75 5.60 4.25 -14.03
CA LEU A 75 5.16 3.13 -14.89
C LEU A 75 4.01 2.42 -14.20
N VAL A 76 2.85 2.47 -14.78
CA VAL A 76 1.67 1.77 -14.18
C VAL A 76 0.90 1.14 -15.34
N ASP A 77 0.58 -0.12 -15.25
CA ASP A 77 -0.15 -0.77 -16.38
C ASP A 77 0.64 -0.48 -17.67
N LYS A 78 1.87 -0.02 -17.53
CA LYS A 78 2.73 0.28 -18.71
C LYS A 78 3.86 -0.76 -18.74
N PRO A 79 4.44 -1.02 -19.90
CA PRO A 79 5.54 -2.00 -19.99
C PRO A 79 6.74 -1.54 -19.15
N PHE A 80 7.33 -2.43 -18.40
CA PHE A 80 8.52 -2.05 -17.57
C PHE A 80 9.42 -3.27 -17.39
N ALA A 81 10.71 -3.06 -17.29
CA ALA A 81 11.64 -4.19 -17.08
C ALA A 81 11.88 -4.33 -15.58
N ALA A 82 11.48 -5.41 -14.99
CA ALA A 82 11.66 -5.60 -13.53
C ALA A 82 13.10 -6.02 -13.24
N LYS A 83 13.89 -5.13 -12.71
CA LYS A 83 15.30 -5.46 -12.37
C LYS A 83 15.33 -5.96 -10.92
N GLU A 84 16.38 -6.63 -10.54
CA GLU A 84 16.48 -7.19 -9.16
C GLU A 84 15.85 -6.24 -8.12
N ASP A 85 16.31 -5.03 -8.02
CA ASP A 85 15.75 -4.07 -7.01
C ASP A 85 15.23 -2.80 -7.69
N GLN A 86 15.30 -2.71 -8.99
CA GLN A 86 14.85 -1.47 -9.70
C GLN A 86 13.86 -1.78 -10.82
N LEU A 87 13.25 -0.74 -11.35
CA LEU A 87 12.30 -0.88 -12.49
C LEU A 87 12.75 0.09 -13.57
N LEU A 88 12.76 -0.34 -14.81
CA LEU A 88 13.23 0.55 -15.92
C LEU A 88 12.27 0.46 -17.10
N CYS A 89 12.38 1.33 -18.05
CA CYS A 89 11.47 1.28 -19.22
C CYS A 89 12.08 0.32 -20.23
N THR A 90 11.29 -0.51 -20.86
CA THR A 90 11.87 -1.46 -21.86
C THR A 90 12.77 -0.68 -22.81
N ASP A 91 12.66 0.62 -22.80
CA ASP A 91 13.53 1.46 -23.67
C ASP A 91 14.86 1.67 -22.96
N CYS A 92 14.82 1.91 -21.67
CA CYS A 92 16.08 2.12 -20.90
C CYS A 92 16.68 0.76 -20.58
N TYR A 93 15.87 -0.18 -20.19
CA TYR A 93 16.40 -1.53 -19.87
C TYR A 93 17.17 -2.08 -21.06
N SER A 94 16.56 -2.04 -22.21
CA SER A 94 17.24 -2.57 -23.43
C SER A 94 18.45 -1.68 -23.76
N ASN A 95 18.46 -0.48 -23.24
CA ASN A 95 19.60 0.45 -23.52
C ASN A 95 20.85 -0.03 -22.78
N GLU A 96 20.67 -0.54 -21.59
CA GLU A 96 21.83 -1.02 -20.78
C GLU A 96 21.91 -2.55 -20.81
N TYR A 97 20.78 -3.22 -20.75
CA TYR A 97 20.83 -4.71 -20.79
C TYR A 97 21.67 -5.15 -21.98
N SER A 98 21.57 -4.45 -23.08
CA SER A 98 22.36 -4.84 -24.29
C SER A 98 22.24 -6.34 -24.53
N MET A 1 -21.98 3.39 27.17
CA MET A 1 -22.48 3.19 28.56
C MET A 1 -22.50 1.69 28.89
N THR A 2 -23.19 0.92 28.11
CA THR A 2 -23.25 -0.55 28.39
C THR A 2 -21.95 -1.21 27.90
N GLU A 3 -21.61 -1.01 26.65
CA GLU A 3 -20.37 -1.60 26.10
C GLU A 3 -19.28 -0.54 26.01
N ARG A 4 -18.10 -0.95 25.62
CA ARG A 4 -16.98 0.01 25.50
C ARG A 4 -16.80 0.42 24.05
N PHE A 5 -16.52 1.67 23.80
CA PHE A 5 -16.35 2.14 22.40
C PHE A 5 -14.88 2.46 22.16
N ASP A 6 -14.04 1.45 22.19
CA ASP A 6 -12.58 1.67 21.96
C ASP A 6 -12.06 0.58 21.04
N CYS A 7 -11.07 0.89 20.25
CA CYS A 7 -10.51 -0.14 19.33
C CYS A 7 -10.00 -1.32 20.15
N HIS A 8 -10.73 -2.39 20.18
CA HIS A 8 -10.31 -3.58 20.98
C HIS A 8 -8.84 -3.92 20.71
N HIS A 9 -8.29 -3.48 19.62
CA HIS A 9 -6.86 -3.81 19.32
C HIS A 9 -5.93 -2.75 19.92
N CYS A 10 -5.99 -1.52 19.46
CA CYS A 10 -5.11 -0.47 20.04
C CYS A 10 -5.68 -0.01 21.39
N ASN A 11 -6.95 -0.14 21.54
CA ASN A 11 -7.64 0.28 22.82
C ASN A 11 -7.78 1.80 22.83
N GLU A 12 -7.66 2.43 21.70
CA GLU A 12 -7.81 3.92 21.64
C GLU A 12 -9.25 4.26 21.25
N SER A 13 -9.84 5.22 21.90
CA SER A 13 -11.24 5.59 21.54
C SER A 13 -11.35 5.75 20.03
N LEU A 14 -12.37 5.22 19.42
CA LEU A 14 -12.50 5.38 17.94
C LEU A 14 -12.49 6.88 17.66
N PHE A 15 -11.71 7.29 16.71
CA PHE A 15 -11.57 8.76 16.45
C PHE A 15 -12.69 9.36 15.59
N GLY A 16 -13.65 9.98 16.20
CA GLY A 16 -14.68 10.74 15.43
C GLY A 16 -15.23 9.99 14.22
N LYS A 17 -14.95 8.71 14.04
CA LYS A 17 -15.44 8.03 12.79
C LYS A 17 -16.07 6.67 13.06
N LYS A 18 -16.88 6.22 12.12
CA LYS A 18 -17.53 4.90 12.25
C LYS A 18 -16.46 3.86 12.54
N TYR A 19 -16.84 2.66 12.87
CA TYR A 19 -15.83 1.61 13.20
C TYR A 19 -16.28 0.25 12.70
N ILE A 20 -15.33 -0.65 12.54
CA ILE A 20 -15.66 -2.01 12.02
C ILE A 20 -15.51 -3.03 13.15
N LEU A 21 -16.37 -4.02 13.22
CA LEU A 21 -16.26 -5.05 14.28
C LEU A 21 -15.48 -6.24 13.72
N ARG A 22 -14.30 -6.45 14.23
CA ARG A 22 -13.46 -7.60 13.77
C ARG A 22 -13.34 -8.58 14.93
N GLU A 23 -13.43 -9.86 14.67
CA GLU A 23 -13.37 -10.83 15.80
C GLU A 23 -14.39 -10.36 16.84
N GLU A 24 -15.56 -10.01 16.37
CA GLU A 24 -16.62 -9.48 17.28
C GLU A 24 -16.02 -8.44 18.22
N SER A 25 -15.17 -7.59 17.70
CA SER A 25 -14.55 -6.53 18.57
C SER A 25 -14.27 -5.25 17.74
N PRO A 26 -14.52 -4.06 18.29
CA PRO A 26 -14.28 -2.80 17.56
C PRO A 26 -12.79 -2.60 17.27
N TYR A 27 -12.45 -2.37 16.04
CA TYR A 27 -11.04 -2.10 15.64
C TYR A 27 -11.03 -0.71 14.99
N CYS A 28 -10.01 0.07 15.22
CA CYS A 28 -9.99 1.41 14.57
C CYS A 28 -9.87 1.20 13.07
N VAL A 29 -10.42 2.07 12.29
CA VAL A 29 -10.34 1.91 10.81
C VAL A 29 -8.92 1.49 10.42
N VAL A 30 -7.97 2.25 10.88
CA VAL A 30 -6.54 1.93 10.58
C VAL A 30 -6.27 0.44 10.81
N CYS A 31 -6.58 -0.07 11.97
CA CYS A 31 -6.31 -1.52 12.24
C CYS A 31 -6.81 -2.35 11.05
N PHE A 32 -8.09 -2.34 10.82
CA PHE A 32 -8.65 -3.13 9.68
C PHE A 32 -7.80 -2.93 8.43
N GLU A 33 -7.45 -1.71 8.11
CA GLU A 33 -6.63 -1.47 6.90
C GLU A 33 -5.21 -1.99 7.08
N THR A 34 -4.47 -1.42 8.00
CA THR A 34 -3.05 -1.86 8.20
C THR A 34 -2.99 -3.39 8.33
N LEU A 35 -3.87 -3.98 9.08
CA LEU A 35 -3.83 -5.46 9.27
C LEU A 35 -3.89 -6.19 7.93
N PHE A 36 -4.91 -5.95 7.16
CA PHE A 36 -5.06 -6.67 5.85
C PHE A 36 -4.56 -5.83 4.67
N ALA A 37 -4.11 -4.63 4.91
CA ALA A 37 -3.62 -3.79 3.79
C ALA A 37 -2.42 -4.47 3.11
N ASN A 38 -2.13 -4.10 1.89
CA ASN A 38 -0.99 -4.71 1.16
C ASN A 38 0.28 -3.91 1.45
N THR A 39 1.44 -4.54 1.34
CA THR A 39 2.71 -3.82 1.63
C THR A 39 3.28 -3.22 0.33
N CYS A 40 3.73 -1.99 0.38
CA CYS A 40 4.32 -1.36 -0.83
C CYS A 40 5.81 -1.71 -0.88
N GLU A 41 6.15 -2.64 -1.73
CA GLU A 41 7.56 -3.07 -1.85
C GLU A 41 8.51 -1.86 -1.86
N GLU A 42 7.99 -0.69 -2.15
CA GLU A 42 8.87 0.52 -2.18
C GLU A 42 8.93 1.14 -0.77
N CYS A 43 7.80 1.52 -0.24
CA CYS A 43 7.79 2.14 1.13
C CYS A 43 7.94 1.04 2.18
N GLY A 44 7.26 -0.05 2.01
CA GLY A 44 7.34 -1.17 3.00
C GLY A 44 6.19 -1.02 4.01
N LYS A 45 5.49 0.08 3.94
CA LYS A 45 4.36 0.30 4.88
C LYS A 45 3.05 -0.20 4.23
N PRO A 46 2.08 -0.61 5.01
CA PRO A 46 0.80 -1.09 4.46
C PRO A 46 0.16 -0.01 3.56
N ILE A 47 -0.47 -0.40 2.49
CA ILE A 47 -1.11 0.60 1.58
C ILE A 47 -2.60 0.68 1.94
N GLY A 48 -3.01 1.72 2.61
CA GLY A 48 -4.43 1.85 2.99
C GLY A 48 -5.28 2.12 1.74
N CYS A 49 -6.48 1.59 1.70
CA CYS A 49 -7.34 1.83 0.52
C CYS A 49 -7.66 3.32 0.41
N ASP A 50 -7.31 4.07 1.41
CA ASP A 50 -7.58 5.54 1.37
C ASP A 50 -6.58 6.22 0.42
N CYS A 51 -6.04 5.46 -0.50
CA CYS A 51 -5.06 6.04 -1.46
C CYS A 51 -5.07 5.22 -2.76
N LYS A 52 -4.28 5.60 -3.72
CA LYS A 52 -4.24 4.84 -5.00
C LYS A 52 -3.36 3.60 -4.85
N ASP A 53 -3.96 2.47 -4.57
CA ASP A 53 -3.15 1.23 -4.41
C ASP A 53 -2.91 0.61 -5.78
N LEU A 54 -1.72 0.77 -6.32
CA LEU A 54 -1.43 0.19 -7.66
C LEU A 54 -1.22 -1.32 -7.51
N SER A 55 -1.96 -2.11 -8.26
CA SER A 55 -1.80 -3.60 -8.18
C SER A 55 -1.26 -4.13 -9.52
N TYR A 56 -0.18 -4.86 -9.48
CA TYR A 56 0.41 -5.39 -10.75
C TYR A 56 1.06 -6.76 -10.49
N LYS A 57 0.80 -7.72 -11.33
CA LYS A 57 1.39 -9.09 -11.13
C LYS A 57 1.20 -9.52 -9.67
N ASP A 58 -0.01 -9.55 -9.20
CA ASP A 58 -0.28 -9.99 -7.80
C ASP A 58 0.55 -9.18 -6.79
N ARG A 59 1.17 -8.09 -7.20
CA ARG A 59 1.97 -7.27 -6.24
C ARG A 59 1.25 -5.93 -6.03
N HIS A 60 1.65 -5.18 -5.04
CA HIS A 60 0.99 -3.86 -4.75
C HIS A 60 2.03 -2.75 -4.78
N TRP A 61 1.62 -1.56 -5.15
CA TRP A 61 2.58 -0.42 -5.19
C TRP A 61 1.80 0.89 -5.15
N HIS A 62 2.35 1.92 -4.57
CA HIS A 62 1.64 3.22 -4.57
C HIS A 62 1.73 3.75 -6.00
N GLU A 63 0.63 4.13 -6.60
CA GLU A 63 0.69 4.62 -8.02
C GLU A 63 1.89 5.56 -8.20
N ALA A 64 2.36 6.17 -7.15
CA ALA A 64 3.53 7.10 -7.25
C ALA A 64 4.86 6.35 -7.01
N CYS A 65 4.82 5.22 -6.36
CA CYS A 65 6.11 4.48 -6.08
C CYS A 65 6.55 3.71 -7.32
N PHE A 66 5.63 3.26 -8.11
CA PHE A 66 6.02 2.49 -9.32
C PHE A 66 6.63 3.44 -10.35
N HIS A 67 7.93 3.44 -10.46
CA HIS A 67 8.59 4.37 -11.44
C HIS A 67 9.93 3.80 -11.91
N CYS A 68 10.56 4.45 -12.86
CA CYS A 68 11.88 3.97 -13.37
C CYS A 68 12.99 4.44 -12.44
N SER A 69 14.01 3.66 -12.25
CA SER A 69 15.11 4.08 -11.33
C SER A 69 15.95 5.19 -11.98
N GLN A 70 15.93 5.30 -13.29
CA GLN A 70 16.77 6.35 -13.96
C GLN A 70 15.92 7.56 -14.34
N CYS A 71 14.79 7.35 -14.96
CA CYS A 71 13.93 8.50 -15.38
C CYS A 71 12.90 8.83 -14.30
N ARG A 72 12.84 8.05 -13.26
CA ARG A 72 11.83 8.33 -12.20
C ARG A 72 10.47 8.54 -12.83
N ASN A 73 10.31 8.13 -14.06
CA ASN A 73 8.99 8.29 -14.72
C ASN A 73 8.02 7.37 -14.00
N SER A 74 6.77 7.71 -13.95
CA SER A 74 5.81 6.81 -13.25
C SER A 74 5.33 5.72 -14.20
N LEU A 75 5.91 4.55 -14.13
CA LEU A 75 5.47 3.46 -15.05
C LEU A 75 4.24 2.79 -14.43
N VAL A 76 3.12 2.90 -15.08
CA VAL A 76 1.89 2.25 -14.57
C VAL A 76 1.15 1.69 -15.78
N ASP A 77 0.69 0.46 -15.72
CA ASP A 77 0.00 -0.12 -16.90
C ASP A 77 0.87 0.11 -18.15
N LYS A 78 2.11 0.50 -17.95
CA LYS A 78 3.05 0.76 -19.08
C LYS A 78 4.12 -0.35 -19.06
N PRO A 79 4.74 -0.63 -20.18
CA PRO A 79 5.79 -1.68 -20.24
C PRO A 79 6.97 -1.29 -19.35
N PHE A 80 7.52 -2.21 -18.60
CA PHE A 80 8.69 -1.89 -17.73
C PHE A 80 9.55 -3.14 -17.54
N ALA A 81 10.81 -2.96 -17.33
CA ALA A 81 11.71 -4.13 -17.10
C ALA A 81 11.82 -4.34 -15.59
N ALA A 82 11.33 -5.45 -15.11
CA ALA A 82 11.39 -5.72 -13.65
C ALA A 82 12.78 -6.22 -13.27
N LYS A 83 13.55 -5.39 -12.62
CA LYS A 83 14.91 -5.80 -12.19
C LYS A 83 14.80 -6.38 -10.77
N GLU A 84 15.79 -7.13 -10.36
CA GLU A 84 15.73 -7.78 -9.01
C GLU A 84 15.06 -6.86 -7.96
N ASP A 85 15.56 -5.67 -7.76
CA ASP A 85 14.95 -4.76 -6.74
C ASP A 85 14.55 -3.42 -7.38
N GLN A 86 14.74 -3.26 -8.68
CA GLN A 86 14.39 -1.96 -9.34
C GLN A 86 13.49 -2.15 -10.55
N LEU A 87 12.99 -1.05 -11.07
CA LEU A 87 12.13 -1.07 -12.28
C LEU A 87 12.74 -0.08 -13.25
N LEU A 88 12.85 -0.44 -14.50
CA LEU A 88 13.48 0.48 -15.51
C LEU A 88 12.62 0.53 -16.77
N CYS A 89 12.89 1.46 -17.64
CA CYS A 89 12.11 1.55 -18.90
C CYS A 89 12.75 0.60 -19.91
N THR A 90 11.96 -0.11 -20.67
CA THR A 90 12.57 -1.04 -21.67
C THR A 90 13.67 -0.32 -22.45
N ASP A 91 13.69 0.98 -22.36
CA ASP A 91 14.75 1.76 -23.05
C ASP A 91 15.99 1.79 -22.16
N CYS A 92 15.82 2.13 -20.91
CA CYS A 92 16.97 2.17 -19.98
C CYS A 92 17.40 0.73 -19.68
N TYR A 93 16.46 -0.15 -19.50
CA TYR A 93 16.84 -1.57 -19.23
C TYR A 93 17.69 -2.10 -20.36
N SER A 94 17.26 -1.92 -21.57
CA SER A 94 18.04 -2.41 -22.73
C SER A 94 19.45 -1.79 -22.69
N ASN A 95 19.59 -0.68 -22.02
CA ASN A 95 20.93 -0.03 -21.94
C ASN A 95 21.83 -0.82 -21.00
N GLU A 96 21.26 -1.49 -20.02
CA GLU A 96 22.09 -2.30 -19.07
C GLU A 96 22.15 -3.73 -19.58
N TYR A 97 21.05 -4.23 -20.06
CA TYR A 97 21.03 -5.62 -20.60
C TYR A 97 21.85 -5.63 -21.87
N SER A 98 22.11 -4.47 -22.41
CA SER A 98 22.92 -4.39 -23.65
C SER A 98 24.37 -4.77 -23.36
N MET A 1 -25.20 3.46 25.39
CA MET A 1 -23.79 3.94 25.42
C MET A 1 -23.07 3.31 26.61
N THR A 2 -23.59 2.24 27.15
CA THR A 2 -22.93 1.59 28.31
C THR A 2 -21.74 0.76 27.82
N GLU A 3 -21.90 0.06 26.73
CA GLU A 3 -20.79 -0.77 26.21
C GLU A 3 -19.53 0.09 26.06
N ARG A 4 -18.44 -0.52 25.70
CA ARG A 4 -17.17 0.22 25.53
C ARG A 4 -16.98 0.58 24.06
N PHE A 5 -16.47 1.75 23.79
CA PHE A 5 -16.25 2.20 22.38
C PHE A 5 -14.76 2.44 22.15
N ASP A 6 -13.97 1.40 22.23
CA ASP A 6 -12.49 1.55 22.02
C ASP A 6 -12.00 0.44 21.10
N CYS A 7 -10.99 0.71 20.33
CA CYS A 7 -10.45 -0.33 19.42
C CYS A 7 -10.00 -1.54 20.24
N HIS A 8 -10.78 -2.59 20.23
CA HIS A 8 -10.42 -3.79 21.02
C HIS A 8 -8.96 -4.20 20.77
N HIS A 9 -8.38 -3.78 19.69
CA HIS A 9 -6.96 -4.17 19.41
C HIS A 9 -5.99 -3.16 20.05
N CYS A 10 -6.00 -1.92 19.61
CA CYS A 10 -5.07 -0.91 20.22
C CYS A 10 -5.64 -0.46 21.56
N ASN A 11 -6.93 -0.52 21.69
CA ASN A 11 -7.60 -0.08 22.96
C ASN A 11 -7.68 1.45 23.00
N GLU A 12 -7.54 2.09 21.86
CA GLU A 12 -7.61 3.58 21.81
C GLU A 12 -9.02 3.99 21.39
N SER A 13 -9.60 4.97 22.05
CA SER A 13 -10.97 5.40 21.66
C SER A 13 -11.04 5.59 20.14
N LEU A 14 -12.07 5.11 19.51
CA LEU A 14 -12.17 5.29 18.03
C LEU A 14 -12.08 6.79 17.76
N PHE A 15 -11.24 7.17 16.86
CA PHE A 15 -11.03 8.63 16.61
C PHE A 15 -12.08 9.29 15.70
N GLY A 16 -13.04 9.95 16.28
CA GLY A 16 -13.99 10.76 15.47
C GLY A 16 -14.51 10.02 14.22
N LYS A 17 -14.30 8.74 14.07
CA LYS A 17 -14.74 8.06 12.80
C LYS A 17 -15.46 6.75 13.04
N LYS A 18 -16.24 6.34 12.07
CA LYS A 18 -16.99 5.06 12.17
C LYS A 18 -15.98 3.96 12.49
N TYR A 19 -16.45 2.78 12.81
CA TYR A 19 -15.50 1.69 13.16
C TYR A 19 -16.02 0.35 12.64
N ILE A 20 -15.13 -0.60 12.49
CA ILE A 20 -15.51 -1.94 11.96
C ILE A 20 -15.43 -2.99 13.08
N LEU A 21 -16.34 -3.91 13.12
CA LEU A 21 -16.30 -4.97 14.18
C LEU A 21 -15.56 -6.18 13.63
N ARG A 22 -14.41 -6.47 14.16
CA ARG A 22 -13.61 -7.64 13.69
C ARG A 22 -13.60 -8.68 14.80
N GLU A 23 -13.75 -9.94 14.48
CA GLU A 23 -13.78 -10.98 15.54
C GLU A 23 -14.79 -10.54 16.59
N GLU A 24 -15.84 -9.89 16.15
CA GLU A 24 -16.89 -9.39 17.09
C GLU A 24 -16.26 -8.36 18.05
N SER A 25 -15.37 -7.53 17.56
CA SER A 25 -14.74 -6.52 18.46
C SER A 25 -14.39 -5.24 17.66
N PRO A 26 -14.60 -4.05 18.23
CA PRO A 26 -14.28 -2.79 17.53
C PRO A 26 -12.77 -2.66 17.27
N TYR A 27 -12.41 -2.43 16.04
CA TYR A 27 -10.97 -2.22 15.68
C TYR A 27 -10.89 -0.83 15.05
N CYS A 28 -9.83 -0.09 15.31
CA CYS A 28 -9.74 1.25 14.68
C CYS A 28 -9.59 1.04 13.19
N VAL A 29 -10.10 1.96 12.40
CA VAL A 29 -9.99 1.81 10.92
C VAL A 29 -8.58 1.34 10.56
N VAL A 30 -7.60 2.03 11.05
CA VAL A 30 -6.19 1.67 10.78
C VAL A 30 -5.99 0.16 10.99
N CYS A 31 -6.34 -0.35 12.14
CA CYS A 31 -6.15 -1.82 12.39
C CYS A 31 -6.67 -2.60 11.17
N PHE A 32 -7.94 -2.53 10.93
CA PHE A 32 -8.52 -3.27 9.77
C PHE A 32 -7.66 -3.07 8.53
N GLU A 33 -7.27 -1.86 8.25
CA GLU A 33 -6.44 -1.61 7.03
C GLU A 33 -5.03 -2.17 7.21
N THR A 34 -4.28 -1.67 8.14
CA THR A 34 -2.88 -2.16 8.33
C THR A 34 -2.86 -3.70 8.43
N LEU A 35 -3.77 -4.26 9.18
CA LEU A 35 -3.78 -5.75 9.34
C LEU A 35 -3.86 -6.45 7.98
N PHE A 36 -4.87 -6.16 7.20
CA PHE A 36 -5.03 -6.85 5.88
C PHE A 36 -4.50 -6.00 4.72
N ALA A 37 -4.01 -4.82 4.99
CA ALA A 37 -3.49 -3.97 3.86
C ALA A 37 -2.31 -4.67 3.18
N ASN A 38 -2.04 -4.31 1.95
CA ASN A 38 -0.90 -4.92 1.21
C ASN A 38 0.38 -4.15 1.50
N THR A 39 1.51 -4.77 1.38
CA THR A 39 2.80 -4.06 1.65
C THR A 39 3.35 -3.43 0.36
N CYS A 40 3.83 -2.22 0.44
CA CYS A 40 4.40 -1.56 -0.76
C CYS A 40 5.89 -1.88 -0.84
N GLU A 41 6.24 -2.79 -1.70
CA GLU A 41 7.66 -3.20 -1.82
C GLU A 41 8.58 -1.97 -1.83
N GLU A 42 8.06 -0.81 -2.11
CA GLU A 42 8.93 0.41 -2.12
C GLU A 42 8.99 1.01 -0.71
N CYS A 43 7.86 1.37 -0.15
CA CYS A 43 7.87 1.95 1.23
C CYS A 43 8.04 0.84 2.26
N GLY A 44 7.35 -0.26 2.07
CA GLY A 44 7.45 -1.39 3.04
C GLY A 44 6.32 -1.26 4.05
N LYS A 45 5.60 -0.16 4.01
CA LYS A 45 4.47 0.05 4.95
C LYS A 45 3.17 -0.46 4.30
N PRO A 46 2.20 -0.91 5.08
CA PRO A 46 0.93 -1.40 4.52
C PRO A 46 0.28 -0.30 3.67
N ILE A 47 -0.37 -0.68 2.59
CA ILE A 47 -1.05 0.33 1.71
C ILE A 47 -2.53 0.37 2.06
N GLY A 48 -2.97 1.39 2.75
CA GLY A 48 -4.40 1.48 3.13
C GLY A 48 -5.26 1.57 1.87
N CYS A 49 -6.49 1.12 1.95
CA CYS A 49 -7.38 1.18 0.77
C CYS A 49 -7.82 2.63 0.54
N ASP A 50 -7.66 3.47 1.53
CA ASP A 50 -8.07 4.89 1.38
C ASP A 50 -7.03 5.61 0.51
N CYS A 51 -6.36 4.90 -0.35
CA CYS A 51 -5.34 5.53 -1.23
C CYS A 51 -5.26 4.78 -2.56
N LYS A 52 -4.44 5.21 -3.46
CA LYS A 52 -4.33 4.51 -4.77
C LYS A 52 -3.41 3.29 -4.63
N ASP A 53 -3.97 2.13 -4.43
CA ASP A 53 -3.13 0.91 -4.28
C ASP A 53 -2.86 0.33 -5.67
N LEU A 54 -1.69 0.56 -6.21
CA LEU A 54 -1.38 0.02 -7.57
C LEU A 54 -1.15 -1.49 -7.45
N SER A 55 -1.87 -2.29 -8.20
CA SER A 55 -1.70 -3.78 -8.14
C SER A 55 -1.18 -4.29 -9.49
N TYR A 56 -0.07 -4.99 -9.48
CA TYR A 56 0.48 -5.53 -10.76
C TYR A 56 1.26 -6.81 -10.47
N LYS A 57 1.17 -7.78 -11.34
CA LYS A 57 1.91 -9.06 -11.12
C LYS A 57 1.66 -9.56 -9.69
N ASP A 58 0.41 -9.62 -9.29
CA ASP A 58 0.08 -10.12 -7.92
C ASP A 58 0.84 -9.32 -6.85
N ARG A 59 1.43 -8.20 -7.22
CA ARG A 59 2.19 -7.37 -6.23
C ARG A 59 1.42 -6.06 -6.01
N HIS A 60 1.78 -5.32 -4.99
CA HIS A 60 1.08 -4.02 -4.70
C HIS A 60 2.10 -2.89 -4.70
N TRP A 61 1.68 -1.69 -5.05
CA TRP A 61 2.63 -0.54 -5.09
C TRP A 61 1.83 0.76 -5.01
N HIS A 62 2.39 1.78 -4.42
CA HIS A 62 1.65 3.08 -4.40
C HIS A 62 1.74 3.62 -5.83
N GLU A 63 0.64 3.97 -6.42
CA GLU A 63 0.69 4.50 -7.83
C GLU A 63 1.87 5.47 -8.00
N ALA A 64 2.32 6.06 -6.92
CA ALA A 64 3.47 7.02 -7.00
C ALA A 64 4.82 6.30 -6.79
N CYS A 65 4.82 5.15 -6.16
CA CYS A 65 6.11 4.43 -5.90
C CYS A 65 6.57 3.69 -7.15
N PHE A 66 5.64 3.25 -7.96
CA PHE A 66 6.03 2.50 -9.18
C PHE A 66 6.63 3.48 -10.19
N HIS A 67 7.93 3.48 -10.35
CA HIS A 67 8.56 4.43 -11.31
C HIS A 67 9.90 3.87 -11.83
N CYS A 68 10.50 4.55 -12.79
CA CYS A 68 11.81 4.08 -13.34
C CYS A 68 12.94 4.55 -12.41
N SER A 69 13.96 3.76 -12.24
CA SER A 69 15.07 4.18 -11.35
C SER A 69 15.89 5.30 -12.00
N GLN A 70 15.87 5.41 -13.30
CA GLN A 70 16.67 6.47 -14.00
C GLN A 70 15.80 7.68 -14.35
N CYS A 71 14.67 7.45 -14.96
CA CYS A 71 13.79 8.58 -15.36
C CYS A 71 12.80 8.93 -14.24
N ARG A 72 12.77 8.16 -13.21
CA ARG A 72 11.82 8.44 -12.11
C ARG A 72 10.42 8.68 -12.67
N ASN A 73 10.20 8.28 -13.89
CA ASN A 73 8.85 8.44 -14.48
C ASN A 73 7.92 7.48 -13.75
N SER A 74 6.66 7.78 -13.69
CA SER A 74 5.73 6.84 -12.98
C SER A 74 5.24 5.77 -13.96
N LEU A 75 5.84 4.61 -13.94
CA LEU A 75 5.38 3.54 -14.88
C LEU A 75 4.16 2.87 -14.28
N VAL A 76 3.03 3.00 -14.91
CA VAL A 76 1.80 2.34 -14.41
C VAL A 76 1.04 1.82 -15.62
N ASP A 77 0.64 0.59 -15.62
CA ASP A 77 -0.06 0.05 -16.82
C ASP A 77 0.79 0.34 -18.06
N LYS A 78 2.03 0.73 -17.84
CA LYS A 78 2.97 1.03 -18.97
C LYS A 78 4.06 -0.04 -18.97
N PRO A 79 4.70 -0.29 -20.10
CA PRO A 79 5.76 -1.31 -20.16
C PRO A 79 6.91 -0.94 -19.22
N PHE A 80 7.42 -1.90 -18.48
CA PHE A 80 8.57 -1.63 -17.55
C PHE A 80 9.39 -2.90 -17.38
N ALA A 81 10.67 -2.75 -17.15
CA ALA A 81 11.53 -3.95 -16.94
C ALA A 81 11.64 -4.19 -15.44
N ALA A 82 11.11 -5.29 -14.96
CA ALA A 82 11.17 -5.56 -13.50
C ALA A 82 12.55 -6.10 -13.13
N LYS A 83 13.36 -5.28 -12.50
CA LYS A 83 14.71 -5.73 -12.08
C LYS A 83 14.61 -6.28 -10.67
N GLU A 84 15.58 -7.05 -10.24
CA GLU A 84 15.53 -7.67 -8.89
C GLU A 84 14.90 -6.74 -7.85
N ASP A 85 15.43 -5.55 -7.66
CA ASP A 85 14.85 -4.62 -6.64
C ASP A 85 14.48 -3.28 -7.29
N GLN A 86 14.65 -3.15 -8.58
CA GLN A 86 14.34 -1.84 -9.26
C GLN A 86 13.41 -2.02 -10.46
N LEU A 87 12.94 -0.92 -10.98
CA LEU A 87 12.06 -0.94 -12.19
C LEU A 87 12.66 0.05 -13.18
N LEU A 88 12.76 -0.32 -14.42
CA LEU A 88 13.37 0.59 -15.44
C LEU A 88 12.49 0.62 -16.69
N CYS A 89 12.74 1.54 -17.58
CA CYS A 89 11.93 1.61 -18.83
C CYS A 89 12.55 0.64 -19.83
N THR A 90 11.75 -0.08 -20.55
CA THR A 90 12.33 -1.05 -21.54
C THR A 90 13.41 -0.34 -22.35
N ASP A 91 13.44 0.97 -22.30
CA ASP A 91 14.49 1.73 -23.03
C ASP A 91 15.74 1.78 -22.15
N CYS A 92 15.59 2.19 -20.92
CA CYS A 92 16.75 2.24 -19.99
C CYS A 92 17.20 0.83 -19.68
N TYR A 93 16.27 -0.07 -19.48
CA TYR A 93 16.65 -1.47 -19.18
C TYR A 93 17.49 -2.01 -20.32
N SER A 94 17.03 -1.87 -21.52
CA SER A 94 17.79 -2.37 -22.69
C SER A 94 19.22 -1.82 -22.62
N ASN A 95 19.39 -0.70 -21.97
CA ASN A 95 20.76 -0.11 -21.86
C ASN A 95 21.60 -0.95 -20.88
N GLU A 96 20.95 -1.59 -19.93
CA GLU A 96 21.71 -2.43 -18.96
C GLU A 96 21.83 -3.85 -19.51
N TYR A 97 20.78 -4.32 -20.12
CA TYR A 97 20.82 -5.69 -20.70
C TYR A 97 21.75 -5.69 -21.93
N SER A 98 21.90 -4.55 -22.54
CA SER A 98 22.79 -4.46 -23.73
C SER A 98 24.23 -4.76 -23.32
N MET A 1 -25.38 3.98 25.44
CA MET A 1 -23.98 4.31 25.84
C MET A 1 -23.51 3.28 26.88
N THR A 2 -24.14 2.14 26.95
CA THR A 2 -23.73 1.11 27.94
C THR A 2 -22.61 0.25 27.36
N GLU A 3 -22.74 -0.15 26.13
CA GLU A 3 -21.69 -1.00 25.51
C GLU A 3 -20.36 -0.24 25.49
N ARG A 4 -19.32 -0.91 25.10
CA ARG A 4 -17.98 -0.27 25.05
C ARG A 4 -17.68 0.18 23.63
N PHE A 5 -17.04 1.30 23.48
CA PHE A 5 -16.70 1.83 22.11
C PHE A 5 -15.19 2.06 22.03
N ASP A 6 -14.42 1.01 22.10
CA ASP A 6 -12.94 1.15 22.00
C ASP A 6 -12.38 0.10 21.06
N CYS A 7 -11.29 0.40 20.41
CA CYS A 7 -10.70 -0.59 19.47
C CYS A 7 -10.31 -1.83 20.26
N HIS A 8 -11.09 -2.87 20.16
CA HIS A 8 -10.79 -4.11 20.92
C HIS A 8 -9.31 -4.50 20.78
N HIS A 9 -8.62 -4.00 19.78
CA HIS A 9 -7.19 -4.37 19.60
C HIS A 9 -6.29 -3.35 20.35
N CYS A 10 -6.28 -2.11 19.93
CA CYS A 10 -5.42 -1.10 20.63
C CYS A 10 -6.14 -0.62 21.89
N ASN A 11 -7.35 -1.03 22.06
CA ASN A 11 -8.17 -0.62 23.25
C ASN A 11 -8.22 0.91 23.37
N GLU A 12 -8.00 1.60 22.28
CA GLU A 12 -8.07 3.10 22.32
C GLU A 12 -9.44 3.56 21.81
N SER A 13 -10.03 4.52 22.45
CA SER A 13 -11.36 5.01 21.99
C SER A 13 -11.31 5.27 20.48
N LEU A 14 -12.29 4.83 19.74
CA LEU A 14 -12.26 5.10 18.27
C LEU A 14 -12.15 6.60 18.09
N PHE A 15 -11.25 7.03 17.26
CA PHE A 15 -11.01 8.48 17.10
C PHE A 15 -12.00 9.21 16.17
N GLY A 16 -12.98 9.84 16.72
CA GLY A 16 -13.88 10.71 15.90
C GLY A 16 -14.34 10.05 14.60
N LYS A 17 -14.10 8.78 14.37
CA LYS A 17 -14.47 8.19 13.03
C LYS A 17 -15.19 6.86 13.15
N LYS A 18 -15.91 6.51 12.11
CA LYS A 18 -16.64 5.22 12.09
C LYS A 18 -15.68 4.10 12.43
N TYR A 19 -16.17 2.92 12.63
CA TYR A 19 -15.27 1.79 12.99
C TYR A 19 -15.76 0.49 12.36
N ILE A 20 -14.88 -0.47 12.25
CA ILE A 20 -15.25 -1.78 11.62
C ILE A 20 -15.24 -2.88 12.68
N LEU A 21 -16.16 -3.79 12.62
CA LEU A 21 -16.19 -4.91 13.61
C LEU A 21 -15.43 -6.09 13.03
N ARG A 22 -14.33 -6.45 13.61
CA ARG A 22 -13.53 -7.61 13.12
C ARG A 22 -13.58 -8.71 14.17
N GLU A 23 -13.72 -9.94 13.76
CA GLU A 23 -13.82 -11.04 14.77
C GLU A 23 -14.90 -10.64 15.78
N GLU A 24 -15.89 -9.92 15.32
CA GLU A 24 -16.98 -9.46 16.22
C GLU A 24 -16.41 -8.52 17.28
N SER A 25 -15.49 -7.66 16.89
CA SER A 25 -14.90 -6.71 17.89
C SER A 25 -14.49 -5.38 17.19
N PRO A 26 -14.75 -4.23 17.81
CA PRO A 26 -14.37 -2.93 17.21
C PRO A 26 -12.86 -2.80 17.06
N TYR A 27 -12.40 -2.50 15.88
CA TYR A 27 -10.95 -2.29 15.64
C TYR A 27 -10.81 -0.87 15.07
N CYS A 28 -9.79 -0.16 15.45
CA CYS A 28 -9.64 1.21 14.90
C CYS A 28 -9.40 1.08 13.40
N VAL A 29 -9.84 2.03 12.62
CA VAL A 29 -9.64 1.95 11.15
C VAL A 29 -8.21 1.47 10.86
N VAL A 30 -7.26 2.13 11.43
CA VAL A 30 -5.84 1.74 11.23
C VAL A 30 -5.67 0.24 11.39
N CYS A 31 -6.11 -0.32 12.49
CA CYS A 31 -5.95 -1.79 12.69
C CYS A 31 -6.41 -2.53 11.44
N PHE A 32 -7.67 -2.43 11.12
CA PHE A 32 -8.19 -3.12 9.92
C PHE A 32 -7.27 -2.89 8.72
N GLU A 33 -6.83 -1.68 8.52
CA GLU A 33 -5.94 -1.40 7.37
C GLU A 33 -4.54 -1.99 7.60
N THR A 34 -3.82 -1.51 8.58
CA THR A 34 -2.45 -2.04 8.84
C THR A 34 -2.46 -3.57 8.90
N LEU A 35 -3.41 -4.15 9.59
CA LEU A 35 -3.44 -5.63 9.72
C LEU A 35 -3.47 -6.30 8.34
N PHE A 36 -4.44 -5.99 7.53
CA PHE A 36 -4.56 -6.64 6.19
C PHE A 36 -3.98 -5.78 5.07
N ALA A 37 -3.50 -4.61 5.37
CA ALA A 37 -2.94 -3.74 4.30
C ALA A 37 -1.77 -4.45 3.60
N ASN A 38 -1.49 -4.07 2.38
CA ASN A 38 -0.37 -4.69 1.62
C ASN A 38 0.90 -3.87 1.83
N THR A 39 2.05 -4.47 1.70
CA THR A 39 3.32 -3.71 1.89
C THR A 39 3.80 -3.11 0.56
N CYS A 40 4.28 -1.90 0.59
CA CYS A 40 4.80 -1.26 -0.65
C CYS A 40 6.30 -1.53 -0.75
N GLU A 41 6.66 -2.46 -1.57
CA GLU A 41 8.10 -2.82 -1.71
C GLU A 41 8.97 -1.56 -1.80
N GLU A 42 8.39 -0.43 -2.10
CA GLU A 42 9.21 0.83 -2.18
C GLU A 42 9.27 1.48 -0.80
N CYS A 43 8.14 1.77 -0.21
CA CYS A 43 8.14 2.42 1.14
C CYS A 43 8.39 1.36 2.22
N GLY A 44 7.75 0.23 2.08
CA GLY A 44 7.92 -0.85 3.10
C GLY A 44 6.81 -0.72 4.15
N LYS A 45 6.04 0.34 4.07
CA LYS A 45 4.94 0.55 5.05
C LYS A 45 3.64 -0.01 4.45
N PRO A 46 2.70 -0.46 5.26
CA PRO A 46 1.43 -1.00 4.75
C PRO A 46 0.73 0.06 3.88
N ILE A 47 0.10 -0.36 2.81
CA ILE A 47 -0.63 0.60 1.93
C ILE A 47 -2.10 0.66 2.36
N GLY A 48 -2.49 1.70 3.04
CA GLY A 48 -3.90 1.79 3.51
C GLY A 48 -4.82 2.09 2.32
N CYS A 49 -6.09 1.81 2.46
CA CYS A 49 -7.05 2.08 1.35
C CYS A 49 -7.15 3.59 1.14
N ASP A 50 -6.65 4.36 2.05
CA ASP A 50 -6.71 5.85 1.90
C ASP A 50 -5.70 6.29 0.84
N CYS A 51 -5.25 5.37 0.03
CA CYS A 51 -4.26 5.72 -1.04
C CYS A 51 -4.46 4.80 -2.24
N LYS A 52 -3.97 5.18 -3.38
CA LYS A 52 -4.13 4.32 -4.59
C LYS A 52 -3.20 3.11 -4.48
N ASP A 53 -3.74 1.97 -4.14
CA ASP A 53 -2.89 0.76 -4.02
C ASP A 53 -2.66 0.15 -5.41
N LEU A 54 -1.52 0.37 -5.98
CA LEU A 54 -1.23 -0.19 -7.33
C LEU A 54 -0.94 -1.69 -7.19
N SER A 55 -1.67 -2.53 -7.89
CA SER A 55 -1.45 -4.01 -7.81
C SER A 55 -0.87 -4.52 -9.12
N TYR A 56 0.24 -5.21 -9.08
CA TYR A 56 0.86 -5.76 -10.32
C TYR A 56 1.63 -7.04 -9.99
N LYS A 57 1.52 -8.05 -10.80
CA LYS A 57 2.23 -9.34 -10.54
C LYS A 57 2.04 -9.74 -9.07
N ASP A 58 0.81 -9.86 -8.64
CA ASP A 58 0.53 -10.28 -7.23
C ASP A 58 1.29 -9.40 -6.24
N ARG A 59 1.85 -8.30 -6.66
CA ARG A 59 2.60 -7.39 -5.72
C ARG A 59 1.82 -6.09 -5.56
N HIS A 60 2.17 -5.29 -4.59
CA HIS A 60 1.44 -4.00 -4.36
C HIS A 60 2.44 -2.83 -4.44
N TRP A 61 1.97 -1.69 -4.83
CA TRP A 61 2.88 -0.50 -4.95
C TRP A 61 2.03 0.77 -4.91
N HIS A 62 2.56 1.83 -4.37
CA HIS A 62 1.78 3.10 -4.38
C HIS A 62 1.81 3.59 -5.84
N GLU A 63 0.68 3.87 -6.43
CA GLU A 63 0.68 4.33 -7.85
C GLU A 63 1.81 5.34 -8.09
N ALA A 64 2.27 5.99 -7.04
CA ALA A 64 3.38 7.00 -7.19
C ALA A 64 4.76 6.33 -6.99
N CYS A 65 4.82 5.21 -6.31
CA CYS A 65 6.14 4.56 -6.07
C CYS A 65 6.58 3.77 -7.30
N PHE A 66 5.66 3.25 -8.05
CA PHE A 66 6.03 2.47 -9.26
C PHE A 66 6.56 3.43 -10.32
N HIS A 67 7.87 3.48 -10.51
CA HIS A 67 8.43 4.42 -11.53
C HIS A 67 9.77 3.89 -12.06
N CYS A 68 10.32 4.56 -13.05
CA CYS A 68 11.64 4.12 -13.62
C CYS A 68 12.76 4.67 -12.75
N SER A 69 13.82 3.93 -12.60
CA SER A 69 14.94 4.41 -11.74
C SER A 69 15.69 5.56 -12.46
N GLN A 70 15.63 5.62 -13.76
CA GLN A 70 16.36 6.69 -14.50
C GLN A 70 15.43 7.84 -14.88
N CYS A 71 14.30 7.55 -15.44
CA CYS A 71 13.36 8.64 -15.87
C CYS A 71 12.38 8.97 -14.74
N ARG A 72 12.42 8.25 -13.67
CA ARG A 72 11.48 8.51 -12.54
C ARG A 72 10.07 8.66 -13.10
N ASN A 73 9.85 8.21 -14.30
CA ASN A 73 8.48 8.29 -14.87
C ASN A 73 7.61 7.34 -14.08
N SER A 74 6.34 7.57 -14.00
CA SER A 74 5.46 6.65 -13.23
C SER A 74 5.00 5.51 -14.14
N LEU A 75 5.63 4.37 -14.09
CA LEU A 75 5.20 3.25 -14.96
C LEU A 75 4.01 2.55 -14.30
N VAL A 76 2.87 2.63 -14.90
CA VAL A 76 1.67 1.95 -14.34
C VAL A 76 0.90 1.35 -15.51
N ASP A 77 0.56 0.09 -15.44
CA ASP A 77 -0.16 -0.54 -16.58
C ASP A 77 0.64 -0.26 -17.87
N LYS A 78 1.87 0.18 -17.71
CA LYS A 78 2.75 0.48 -18.88
C LYS A 78 3.89 -0.56 -18.87
N PRO A 79 4.49 -0.83 -20.00
CA PRO A 79 5.59 -1.81 -20.06
C PRO A 79 6.77 -1.36 -19.17
N PHE A 80 7.34 -2.27 -18.42
CA PHE A 80 8.51 -1.89 -17.55
C PHE A 80 9.41 -3.11 -17.37
N ALA A 81 10.68 -2.91 -17.21
CA ALA A 81 11.60 -4.04 -17.00
C ALA A 81 11.80 -4.21 -15.49
N ALA A 82 11.37 -5.31 -14.94
CA ALA A 82 11.51 -5.52 -13.47
C ALA A 82 12.93 -5.96 -13.14
N LYS A 83 13.71 -5.09 -12.57
CA LYS A 83 15.10 -5.44 -12.19
C LYS A 83 15.09 -5.96 -10.75
N GLU A 84 16.11 -6.65 -10.35
CA GLU A 84 16.16 -7.24 -8.98
C GLU A 84 15.51 -6.31 -7.94
N ASP A 85 15.97 -5.09 -7.81
CA ASP A 85 15.38 -4.15 -6.80
C ASP A 85 14.90 -2.87 -7.48
N GLN A 86 15.02 -2.75 -8.78
CA GLN A 86 14.60 -1.50 -9.47
C GLN A 86 13.64 -1.77 -10.63
N LEU A 87 13.07 -0.72 -11.17
CA LEU A 87 12.16 -0.83 -12.34
C LEU A 87 12.67 0.14 -13.39
N LEU A 88 12.74 -0.27 -14.63
CA LEU A 88 13.27 0.62 -15.70
C LEU A 88 12.35 0.59 -16.91
N CYS A 89 12.53 1.49 -17.84
CA CYS A 89 11.68 1.49 -19.05
C CYS A 89 12.29 0.54 -20.05
N THR A 90 11.50 -0.25 -20.74
CA THR A 90 12.08 -1.20 -21.73
C THR A 90 13.09 -0.45 -22.61
N ASP A 91 13.05 0.86 -22.57
CA ASP A 91 14.02 1.65 -23.37
C ASP A 91 15.31 1.79 -22.55
N CYS A 92 15.19 2.14 -21.29
CA CYS A 92 16.40 2.27 -20.44
C CYS A 92 16.93 0.87 -20.13
N TYR A 93 16.05 -0.05 -19.87
CA TYR A 93 16.49 -1.44 -19.56
C TYR A 93 17.27 -2.00 -20.75
N SER A 94 16.73 -1.86 -21.92
CA SER A 94 17.42 -2.38 -23.13
C SER A 94 18.76 -1.65 -23.30
N ASN A 95 18.93 -0.55 -22.64
CA ASN A 95 20.20 0.21 -22.75
C ASN A 95 21.28 -0.45 -21.89
N GLU A 96 20.90 -1.00 -20.76
CA GLU A 96 21.90 -1.65 -19.86
C GLU A 96 21.82 -3.18 -20.05
N TYR A 97 20.65 -3.71 -20.21
CA TYR A 97 20.51 -5.18 -20.40
C TYR A 97 21.43 -5.62 -21.55
N SER A 98 21.58 -4.80 -22.56
CA SER A 98 22.46 -5.17 -23.70
C SER A 98 23.91 -5.08 -23.27
N MET A 1 -25.56 3.43 24.20
CA MET A 1 -24.25 4.03 24.57
C MET A 1 -23.71 3.32 25.82
N THR A 2 -24.27 2.19 26.15
CA THR A 2 -23.79 1.45 27.34
C THR A 2 -22.55 0.64 26.98
N GLU A 3 -22.57 0.01 25.84
CA GLU A 3 -21.39 -0.80 25.41
C GLU A 3 -20.16 0.09 25.33
N ARG A 4 -19.03 -0.50 25.05
CA ARG A 4 -17.77 0.28 24.97
C ARG A 4 -17.48 0.63 23.51
N PHE A 5 -16.99 1.81 23.28
CA PHE A 5 -16.68 2.24 21.88
C PHE A 5 -15.18 2.53 21.75
N ASP A 6 -14.37 1.50 21.88
CA ASP A 6 -12.89 1.67 21.76
C ASP A 6 -12.33 0.56 20.89
N CYS A 7 -11.25 0.84 20.20
CA CYS A 7 -10.64 -0.20 19.32
C CYS A 7 -10.22 -1.38 20.19
N HIS A 8 -10.97 -2.44 20.16
CA HIS A 8 -10.64 -3.63 20.99
C HIS A 8 -9.17 -4.01 20.83
N HIS A 9 -8.53 -3.60 19.78
CA HIS A 9 -7.09 -3.97 19.60
C HIS A 9 -6.18 -2.93 20.26
N CYS A 10 -6.19 -1.70 19.80
CA CYS A 10 -5.31 -0.67 20.44
C CYS A 10 -5.96 -0.19 21.74
N ASN A 11 -7.26 -0.27 21.80
CA ASN A 11 -8.01 0.17 23.02
C ASN A 11 -8.13 1.69 23.02
N GLU A 12 -7.93 2.32 21.90
CA GLU A 12 -8.03 3.81 21.82
C GLU A 12 -9.42 4.18 21.31
N SER A 13 -10.05 5.15 21.90
CA SER A 13 -11.42 5.55 21.44
C SER A 13 -11.40 5.70 19.92
N LEU A 14 -12.38 5.19 19.22
CA LEU A 14 -12.39 5.35 17.74
C LEU A 14 -12.33 6.84 17.46
N PHE A 15 -11.46 7.23 16.57
CA PHE A 15 -11.28 8.68 16.31
C PHE A 15 -12.31 9.31 15.36
N GLY A 16 -13.30 9.95 15.89
CA GLY A 16 -14.25 10.72 15.03
C GLY A 16 -14.72 9.97 13.79
N LYS A 17 -14.43 8.69 13.64
CA LYS A 17 -14.82 8.01 12.35
C LYS A 17 -15.50 6.66 12.57
N LYS A 18 -16.22 6.22 11.58
CA LYS A 18 -16.90 4.90 11.66
C LYS A 18 -15.87 3.85 12.04
N TYR A 19 -16.32 2.66 12.32
CA TYR A 19 -15.36 1.59 12.75
C TYR A 19 -15.80 0.24 12.22
N ILE A 20 -14.88 -0.69 12.14
CA ILE A 20 -15.19 -2.05 11.62
C ILE A 20 -15.15 -3.07 12.76
N LEU A 21 -16.05 -4.03 12.76
CA LEU A 21 -16.04 -5.06 13.84
C LEU A 21 -15.23 -6.26 13.35
N ARG A 22 -14.12 -6.52 13.97
CA ARG A 22 -13.26 -7.68 13.58
C ARG A 22 -13.28 -8.69 14.73
N GLU A 23 -13.31 -9.96 14.44
CA GLU A 23 -13.35 -10.95 15.54
C GLU A 23 -14.48 -10.55 16.50
N GLU A 24 -15.51 -9.94 15.95
CA GLU A 24 -16.65 -9.48 16.79
C GLU A 24 -16.15 -8.42 17.77
N SER A 25 -15.25 -7.56 17.34
CA SER A 25 -14.72 -6.51 18.26
C SER A 25 -14.35 -5.23 17.44
N PRO A 26 -14.64 -4.04 17.98
CA PRO A 26 -14.30 -2.78 17.27
C PRO A 26 -12.80 -2.62 17.10
N TYR A 27 -12.35 -2.40 15.89
CA TYR A 27 -10.91 -2.17 15.61
C TYR A 27 -10.81 -0.78 14.97
N CYS A 28 -9.80 -0.03 15.26
CA CYS A 28 -9.69 1.30 14.62
C CYS A 28 -9.44 1.08 13.14
N VAL A 29 -9.92 1.96 12.30
CA VAL A 29 -9.71 1.79 10.84
C VAL A 29 -8.26 1.35 10.58
N VAL A 30 -7.34 2.08 11.12
CA VAL A 30 -5.90 1.76 10.94
C VAL A 30 -5.68 0.26 11.18
N CYS A 31 -6.09 -0.26 12.32
CA CYS A 31 -5.88 -1.72 12.58
C CYS A 31 -6.31 -2.52 11.35
N PHE A 32 -7.58 -2.47 11.04
CA PHE A 32 -8.08 -3.24 9.86
C PHE A 32 -7.14 -3.02 8.65
N GLU A 33 -6.77 -1.80 8.39
CA GLU A 33 -5.89 -1.53 7.23
C GLU A 33 -4.48 -2.09 7.47
N THR A 34 -3.78 -1.58 8.44
CA THR A 34 -2.39 -2.07 8.70
C THR A 34 -2.36 -3.60 8.81
N LEU A 35 -3.29 -4.18 9.53
CA LEU A 35 -3.30 -5.66 9.70
C LEU A 35 -3.30 -6.36 8.34
N PHE A 36 -4.27 -6.09 7.51
CA PHE A 36 -4.36 -6.80 6.18
C PHE A 36 -3.81 -5.93 5.04
N ALA A 37 -3.37 -4.74 5.32
CA ALA A 37 -2.85 -3.88 4.22
C ALA A 37 -1.69 -4.59 3.51
N ASN A 38 -1.43 -4.23 2.28
CA ASN A 38 -0.32 -4.86 1.51
C ASN A 38 0.96 -4.08 1.76
N THR A 39 2.10 -4.72 1.64
CA THR A 39 3.39 -4.00 1.87
C THR A 39 3.91 -3.41 0.56
N CYS A 40 4.32 -2.16 0.59
CA CYS A 40 4.86 -1.53 -0.65
C CYS A 40 6.35 -1.85 -0.73
N GLU A 41 6.68 -2.77 -1.57
CA GLU A 41 8.11 -3.19 -1.74
C GLU A 41 9.02 -1.95 -1.77
N GLU A 42 8.47 -0.80 -2.04
CA GLU A 42 9.33 0.43 -2.09
C GLU A 42 9.41 1.06 -0.70
N CYS A 43 8.29 1.44 -0.13
CA CYS A 43 8.30 2.05 1.23
C CYS A 43 8.50 0.97 2.29
N GLY A 44 7.83 -0.14 2.13
CA GLY A 44 7.94 -1.22 3.14
C GLY A 44 6.82 -1.05 4.17
N LYS A 45 6.11 0.05 4.07
CA LYS A 45 4.99 0.31 5.03
C LYS A 45 3.70 -0.25 4.42
N PRO A 46 2.76 -0.70 5.25
CA PRO A 46 1.50 -1.25 4.73
C PRO A 46 0.80 -0.19 3.85
N ILE A 47 0.17 -0.60 2.77
CA ILE A 47 -0.54 0.38 1.89
C ILE A 47 -2.01 0.44 2.27
N GLY A 48 -2.42 1.49 2.92
CA GLY A 48 -3.86 1.61 3.33
C GLY A 48 -4.73 1.62 2.08
N CYS A 49 -5.91 1.07 2.16
CA CYS A 49 -6.81 1.05 0.97
C CYS A 49 -7.36 2.46 0.74
N ASP A 50 -7.34 3.28 1.75
CA ASP A 50 -7.85 4.68 1.58
C ASP A 50 -6.88 5.45 0.68
N CYS A 51 -5.71 4.93 0.48
CA CYS A 51 -4.70 5.62 -0.39
C CYS A 51 -4.64 4.91 -1.75
N LYS A 52 -3.79 5.38 -2.63
CA LYS A 52 -3.68 4.73 -3.96
C LYS A 52 -2.90 3.42 -3.83
N ASP A 53 -3.55 2.30 -4.05
CA ASP A 53 -2.86 0.97 -3.96
C ASP A 53 -2.67 0.38 -5.35
N LEU A 54 -1.47 0.47 -5.88
CA LEU A 54 -1.21 -0.08 -7.24
C LEU A 54 -1.00 -1.60 -7.12
N SER A 55 -1.73 -2.39 -7.86
CA SER A 55 -1.57 -3.87 -7.81
C SER A 55 -1.05 -4.36 -9.17
N TYR A 56 0.07 -5.04 -9.19
CA TYR A 56 0.63 -5.54 -10.49
C TYR A 56 1.35 -6.87 -10.26
N LYS A 57 0.97 -7.90 -10.97
CA LYS A 57 1.63 -9.22 -10.80
C LYS A 57 1.57 -9.66 -9.33
N ASP A 58 0.39 -9.85 -8.81
CA ASP A 58 0.22 -10.29 -7.40
C ASP A 58 1.08 -9.46 -6.44
N ARG A 59 1.62 -8.35 -6.89
CA ARG A 59 2.45 -7.49 -5.98
C ARG A 59 1.71 -6.17 -5.74
N HIS A 60 2.13 -5.40 -4.77
CA HIS A 60 1.45 -4.10 -4.47
C HIS A 60 2.47 -2.96 -4.52
N TRP A 61 2.02 -1.79 -4.87
CA TRP A 61 2.95 -0.63 -4.97
C TRP A 61 2.14 0.67 -4.88
N HIS A 62 2.72 1.72 -4.35
CA HIS A 62 1.98 3.00 -4.32
C HIS A 62 2.03 3.56 -5.74
N GLU A 63 0.92 3.97 -6.30
CA GLU A 63 0.95 4.49 -7.71
C GLU A 63 2.15 5.44 -7.89
N ALA A 64 2.62 6.04 -6.82
CA ALA A 64 3.78 6.98 -6.94
C ALA A 64 5.12 6.24 -6.74
N CYS A 65 5.10 5.09 -6.14
CA CYS A 65 6.38 4.34 -5.92
C CYS A 65 6.77 3.58 -7.18
N PHE A 66 5.81 3.14 -7.94
CA PHE A 66 6.14 2.40 -9.18
C PHE A 66 6.68 3.39 -10.22
N HIS A 67 7.97 3.42 -10.40
CA HIS A 67 8.55 4.37 -11.39
C HIS A 67 9.88 3.84 -11.96
N CYS A 68 10.43 4.54 -12.93
CA CYS A 68 11.72 4.10 -13.54
C CYS A 68 12.88 4.59 -12.67
N SER A 69 13.92 3.82 -12.55
CA SER A 69 15.06 4.25 -11.70
C SER A 69 15.83 5.40 -12.38
N GLN A 70 15.73 5.51 -13.68
CA GLN A 70 16.48 6.60 -14.40
C GLN A 70 15.57 7.79 -14.71
N CYS A 71 14.42 7.55 -15.25
CA CYS A 71 13.50 8.67 -15.61
C CYS A 71 12.53 8.97 -14.46
N ARG A 72 12.60 8.22 -13.41
CA ARG A 72 11.67 8.45 -12.26
C ARG A 72 10.25 8.65 -12.77
N ASN A 73 10.00 8.27 -14.00
CA ASN A 73 8.62 8.41 -14.55
C ASN A 73 7.73 7.45 -13.79
N SER A 74 6.48 7.74 -13.63
CA SER A 74 5.59 6.80 -12.89
C SER A 74 5.08 5.73 -13.86
N LEU A 75 5.70 4.59 -13.90
CA LEU A 75 5.21 3.52 -14.82
C LEU A 75 4.03 2.81 -14.17
N VAL A 76 2.87 2.93 -14.74
CA VAL A 76 1.68 2.23 -14.19
C VAL A 76 0.88 1.70 -15.38
N ASP A 77 0.50 0.45 -15.35
CA ASP A 77 -0.25 -0.09 -16.51
C ASP A 77 0.55 0.22 -17.79
N LYS A 78 1.79 0.61 -17.63
CA LYS A 78 2.68 0.93 -18.79
C LYS A 78 3.76 -0.16 -18.86
N PRO A 79 4.34 -0.39 -20.01
CA PRO A 79 5.39 -1.42 -20.15
C PRO A 79 6.60 -1.05 -19.28
N PHE A 80 7.17 -2.00 -18.57
CA PHE A 80 8.36 -1.69 -17.72
C PHE A 80 9.23 -2.93 -17.59
N ALA A 81 10.51 -2.74 -17.44
CA ALA A 81 11.43 -3.91 -17.28
C ALA A 81 11.63 -4.14 -15.78
N ALA A 82 11.17 -5.26 -15.29
CA ALA A 82 11.32 -5.54 -13.84
C ALA A 82 12.73 -6.04 -13.55
N LYS A 83 13.54 -5.22 -12.94
CA LYS A 83 14.93 -5.63 -12.60
C LYS A 83 14.91 -6.21 -11.19
N GLU A 84 15.93 -6.95 -10.83
CA GLU A 84 15.96 -7.61 -9.49
C GLU A 84 15.33 -6.71 -8.41
N ASP A 85 15.84 -5.52 -8.21
CA ASP A 85 15.27 -4.63 -7.14
C ASP A 85 14.83 -3.29 -7.75
N GLN A 86 14.95 -3.12 -9.05
CA GLN A 86 14.56 -1.81 -9.68
C GLN A 86 13.60 -2.00 -10.84
N LEU A 87 13.05 -0.90 -11.32
CA LEU A 87 12.12 -0.92 -12.49
C LEU A 87 12.65 0.09 -13.49
N LEU A 88 12.69 -0.26 -14.74
CA LEU A 88 13.23 0.67 -15.77
C LEU A 88 12.30 0.71 -16.99
N CYS A 89 12.49 1.65 -17.87
CA CYS A 89 11.62 1.72 -19.07
C CYS A 89 12.21 0.79 -20.13
N THR A 90 11.40 0.05 -20.83
CA THR A 90 11.95 -0.87 -21.86
C THR A 90 12.96 -0.10 -22.72
N ASP A 91 12.94 1.20 -22.64
CA ASP A 91 13.90 2.02 -23.42
C ASP A 91 15.21 2.10 -22.62
N CYS A 92 15.11 2.36 -21.34
CA CYS A 92 16.35 2.44 -20.50
C CYS A 92 16.86 1.02 -20.25
N TYR A 93 15.96 0.11 -19.98
CA TYR A 93 16.37 -1.29 -19.71
C TYR A 93 17.17 -1.82 -20.90
N SER A 94 16.65 -1.65 -22.08
CA SER A 94 17.37 -2.14 -23.28
C SER A 94 18.67 -1.36 -23.45
N ASN A 95 18.79 -0.24 -22.80
CA ASN A 95 20.03 0.57 -22.92
C ASN A 95 21.15 -0.06 -22.09
N GLU A 96 20.81 -0.65 -20.97
CA GLU A 96 21.85 -1.28 -20.09
C GLU A 96 21.78 -2.81 -20.26
N TYR A 97 20.60 -3.36 -20.35
CA TYR A 97 20.47 -4.83 -20.50
C TYR A 97 21.37 -5.30 -21.65
N SER A 98 21.49 -4.51 -22.68
CA SER A 98 22.34 -4.90 -23.84
C SER A 98 23.73 -5.28 -23.33
N MET A 1 -23.95 0.81 24.89
CA MET A 1 -23.72 1.89 25.88
C MET A 1 -22.90 1.35 27.05
N THR A 2 -23.23 0.17 27.52
CA THR A 2 -22.48 -0.42 28.66
C THR A 2 -21.15 -1.00 28.16
N GLU A 3 -21.18 -1.67 27.04
CA GLU A 3 -19.93 -2.26 26.50
C GLU A 3 -18.87 -1.17 26.35
N ARG A 4 -17.69 -1.55 25.96
CA ARG A 4 -16.59 -0.56 25.80
C ARG A 4 -16.50 -0.13 24.35
N PHE A 5 -16.23 1.13 24.11
CA PHE A 5 -16.13 1.63 22.70
C PHE A 5 -14.67 2.02 22.42
N ASP A 6 -13.79 1.07 22.42
CA ASP A 6 -12.35 1.35 22.14
C ASP A 6 -11.81 0.31 21.16
N CYS A 7 -10.88 0.69 20.34
CA CYS A 7 -10.31 -0.28 19.38
C CYS A 7 -9.71 -1.44 20.16
N HIS A 8 -10.38 -2.55 20.18
CA HIS A 8 -9.87 -3.72 20.94
C HIS A 8 -8.40 -3.96 20.66
N HIS A 9 -7.88 -3.45 19.58
CA HIS A 9 -6.43 -3.69 19.26
C HIS A 9 -5.57 -2.56 19.85
N CYS A 10 -5.74 -1.33 19.42
CA CYS A 10 -4.92 -0.22 19.99
C CYS A 10 -5.56 0.28 21.28
N ASN A 11 -6.71 -0.23 21.58
CA ASN A 11 -7.45 0.19 22.82
C ASN A 11 -7.61 1.71 22.84
N GLU A 12 -7.51 2.36 21.70
CA GLU A 12 -7.70 3.84 21.67
C GLU A 12 -9.15 4.13 21.33
N SER A 13 -9.77 5.03 22.05
CA SER A 13 -11.20 5.36 21.76
C SER A 13 -11.37 5.56 20.25
N LEU A 14 -12.40 4.99 19.66
CA LEU A 14 -12.59 5.18 18.20
C LEU A 14 -12.66 6.68 17.95
N PHE A 15 -11.92 7.15 17.00
CA PHE A 15 -11.86 8.62 16.77
C PHE A 15 -13.02 9.19 15.94
N GLY A 16 -14.00 9.75 16.60
CA GLY A 16 -15.08 10.48 15.87
C GLY A 16 -15.61 9.73 14.66
N LYS A 17 -15.28 8.48 14.44
CA LYS A 17 -15.77 7.80 13.18
C LYS A 17 -16.32 6.40 13.43
N LYS A 18 -17.14 5.95 12.50
CA LYS A 18 -17.73 4.58 12.62
C LYS A 18 -16.60 3.59 12.86
N TYR A 19 -16.93 2.38 13.18
CA TYR A 19 -15.86 1.37 13.47
C TYR A 19 -16.27 0.00 12.94
N ILE A 20 -15.30 -0.86 12.73
CA ILE A 20 -15.59 -2.23 12.20
C ILE A 20 -15.35 -3.28 13.28
N LEU A 21 -16.18 -4.29 13.36
CA LEU A 21 -15.98 -5.34 14.39
C LEU A 21 -15.17 -6.48 13.75
N ARG A 22 -13.96 -6.67 14.20
CA ARG A 22 -13.10 -7.76 13.65
C ARG A 22 -12.90 -8.80 14.74
N GLU A 23 -12.93 -10.06 14.39
CA GLU A 23 -12.78 -11.11 15.44
C GLU A 23 -13.78 -10.80 16.56
N GLU A 24 -14.91 -10.26 16.19
CA GLU A 24 -15.94 -9.89 17.20
C GLU A 24 -15.37 -8.82 18.15
N SER A 25 -14.59 -7.90 17.64
CA SER A 25 -14.01 -6.84 18.52
C SER A 25 -13.83 -5.52 17.73
N PRO A 26 -14.13 -4.37 18.34
CA PRO A 26 -13.97 -3.07 17.66
C PRO A 26 -12.50 -2.80 17.33
N TYR A 27 -12.22 -2.51 16.09
CA TYR A 27 -10.82 -2.17 15.67
C TYR A 27 -10.90 -0.77 15.06
N CYS A 28 -9.93 0.06 15.27
CA CYS A 28 -9.99 1.41 14.66
C CYS A 28 -9.91 1.23 13.15
N VAL A 29 -10.52 2.10 12.40
CA VAL A 29 -10.48 1.97 10.92
C VAL A 29 -9.06 1.62 10.48
N VAL A 30 -8.11 2.40 10.92
CA VAL A 30 -6.70 2.14 10.56
C VAL A 30 -6.35 0.66 10.76
N CYS A 31 -6.60 0.13 11.93
CA CYS A 31 -6.28 -1.31 12.18
C CYS A 31 -6.77 -2.14 10.99
N PHE A 32 -8.06 -2.18 10.79
CA PHE A 32 -8.62 -2.99 9.67
C PHE A 32 -7.81 -2.76 8.38
N GLU A 33 -7.50 -1.53 8.06
CA GLU A 33 -6.74 -1.26 6.82
C GLU A 33 -5.28 -1.70 6.98
N THR A 34 -4.55 -1.09 7.87
CA THR A 34 -3.12 -1.46 8.05
C THR A 34 -2.95 -2.99 8.19
N LEU A 35 -3.81 -3.62 8.96
CA LEU A 35 -3.69 -5.10 9.15
C LEU A 35 -3.76 -5.84 7.82
N PHE A 36 -4.82 -5.67 7.08
CA PHE A 36 -4.98 -6.40 5.78
C PHE A 36 -4.54 -5.54 4.59
N ALA A 37 -4.13 -4.33 4.81
CA ALA A 37 -3.69 -3.47 3.67
C ALA A 37 -2.50 -4.13 2.96
N ASN A 38 -2.26 -3.75 1.73
CA ASN A 38 -1.12 -4.34 0.97
C ASN A 38 0.16 -3.58 1.28
N THR A 39 1.30 -4.20 1.14
CA THR A 39 2.59 -3.50 1.44
C THR A 39 3.16 -2.89 0.15
N CYS A 40 3.62 -1.66 0.22
CA CYS A 40 4.22 -1.03 -0.99
C CYS A 40 5.71 -1.39 -1.03
N GLU A 41 6.05 -2.32 -1.86
CA GLU A 41 7.47 -2.77 -1.96
C GLU A 41 8.41 -1.56 -1.99
N GLU A 42 7.91 -0.39 -2.31
CA GLU A 42 8.79 0.82 -2.34
C GLU A 42 8.85 1.44 -0.95
N CYS A 43 7.74 1.87 -0.42
CA CYS A 43 7.72 2.49 0.93
C CYS A 43 7.88 1.41 2.00
N GLY A 44 7.20 0.31 1.84
CA GLY A 44 7.29 -0.79 2.85
C GLY A 44 6.15 -0.62 3.86
N LYS A 45 5.43 0.47 3.78
CA LYS A 45 4.30 0.70 4.73
C LYS A 45 2.99 0.21 4.07
N PRO A 46 2.03 -0.26 4.85
CA PRO A 46 0.76 -0.74 4.28
C PRO A 46 0.12 0.34 3.39
N ILE A 47 -0.53 -0.06 2.33
CA ILE A 47 -1.20 0.92 1.43
C ILE A 47 -2.68 0.97 1.78
N GLY A 48 -3.10 2.01 2.44
CA GLY A 48 -4.54 2.12 2.84
C GLY A 48 -5.38 2.49 1.62
N CYS A 49 -6.67 2.48 1.79
CA CYS A 49 -7.57 2.83 0.65
C CYS A 49 -7.55 4.34 0.43
N ASP A 50 -7.06 5.08 1.37
CA ASP A 50 -7.01 6.56 1.22
C ASP A 50 -5.93 6.94 0.19
N CYS A 51 -5.53 6.02 -0.64
CA CYS A 51 -4.49 6.32 -1.66
C CYS A 51 -4.64 5.38 -2.85
N LYS A 52 -4.33 5.84 -4.03
CA LYS A 52 -4.46 4.96 -5.23
C LYS A 52 -3.46 3.82 -5.11
N ASP A 53 -3.89 2.67 -4.64
CA ASP A 53 -2.97 1.52 -4.52
C ASP A 53 -2.78 0.86 -5.89
N LEU A 54 -1.69 1.14 -6.54
CA LEU A 54 -1.44 0.54 -7.87
C LEU A 54 -1.31 -0.99 -7.72
N SER A 55 -2.07 -1.75 -8.47
CA SER A 55 -1.99 -3.24 -8.39
C SER A 55 -1.41 -3.79 -9.69
N TYR A 56 -0.33 -4.52 -9.63
CA TYR A 56 0.28 -5.08 -10.87
C TYR A 56 0.87 -6.46 -10.58
N LYS A 57 0.59 -7.44 -11.41
CA LYS A 57 1.12 -8.81 -11.18
C LYS A 57 0.95 -9.21 -9.71
N ASP A 58 -0.27 -9.28 -9.26
CA ASP A 58 -0.54 -9.68 -7.84
C ASP A 58 0.32 -8.88 -6.85
N ARG A 59 0.97 -7.82 -7.29
CA ARG A 59 1.80 -6.99 -6.35
C ARG A 59 1.11 -5.65 -6.16
N HIS A 60 1.53 -4.88 -5.18
CA HIS A 60 0.89 -3.55 -4.93
C HIS A 60 1.95 -2.44 -4.95
N TRP A 61 1.55 -1.26 -5.32
CA TRP A 61 2.51 -0.12 -5.37
C TRP A 61 1.73 1.19 -5.33
N HIS A 62 2.28 2.22 -4.76
CA HIS A 62 1.57 3.53 -4.77
C HIS A 62 1.68 4.06 -6.20
N GLU A 63 0.58 4.43 -6.81
CA GLU A 63 0.66 4.93 -8.22
C GLU A 63 1.87 5.86 -8.41
N ALA A 64 2.33 6.48 -7.35
CA ALA A 64 3.51 7.40 -7.47
C ALA A 64 4.82 6.65 -7.20
N CYS A 65 4.78 5.53 -6.54
CA CYS A 65 6.05 4.79 -6.24
C CYS A 65 6.52 3.99 -7.46
N PHE A 66 5.60 3.56 -8.27
CA PHE A 66 6.00 2.77 -9.46
C PHE A 66 6.66 3.71 -10.49
N HIS A 67 7.96 3.68 -10.60
CA HIS A 67 8.65 4.57 -11.57
C HIS A 67 9.98 3.97 -12.04
N CYS A 68 10.63 4.60 -12.99
CA CYS A 68 11.95 4.09 -13.48
C CYS A 68 13.04 4.58 -12.54
N SER A 69 14.04 3.79 -12.31
CA SER A 69 15.14 4.22 -11.39
C SER A 69 15.99 5.31 -12.05
N GLN A 70 16.02 5.37 -13.36
CA GLN A 70 16.85 6.39 -14.07
C GLN A 70 16.02 7.59 -14.51
N CYS A 71 14.90 7.34 -15.15
CA CYS A 71 14.04 8.47 -15.62
C CYS A 71 13.02 8.87 -14.57
N ARG A 72 12.98 8.16 -13.47
CA ARG A 72 11.99 8.50 -12.41
C ARG A 72 10.61 8.73 -13.02
N ASN A 73 10.42 8.29 -14.23
CA ASN A 73 9.09 8.46 -14.87
C ASN A 73 8.13 7.54 -14.14
N SER A 74 6.87 7.85 -14.12
CA SER A 74 5.91 6.96 -13.40
C SER A 74 5.43 5.87 -14.35
N LEU A 75 6.01 4.69 -14.27
CA LEU A 75 5.55 3.61 -15.17
C LEU A 75 4.31 2.97 -14.58
N VAL A 76 3.19 3.09 -15.24
CA VAL A 76 1.94 2.47 -14.75
C VAL A 76 1.21 1.91 -15.95
N ASP A 77 0.80 0.68 -15.91
CA ASP A 77 0.12 0.09 -17.09
C ASP A 77 0.99 0.31 -18.32
N LYS A 78 2.24 0.69 -18.09
CA LYS A 78 3.21 0.92 -19.22
C LYS A 78 4.29 -0.16 -19.14
N PRO A 79 4.95 -0.47 -20.24
CA PRO A 79 5.99 -1.51 -20.24
C PRO A 79 7.14 -1.12 -19.29
N PHE A 80 7.63 -2.04 -18.50
CA PHE A 80 8.77 -1.74 -17.58
C PHE A 80 9.57 -3.02 -17.32
N ALA A 81 10.84 -2.88 -17.06
CA ALA A 81 11.68 -4.07 -16.77
C ALA A 81 11.75 -4.24 -15.25
N ALA A 82 11.23 -5.31 -14.74
CA ALA A 82 11.24 -5.51 -13.26
C ALA A 82 12.61 -6.03 -12.82
N LYS A 83 13.40 -5.19 -12.20
CA LYS A 83 14.73 -5.60 -11.71
C LYS A 83 14.58 -6.12 -10.27
N GLU A 84 15.54 -6.85 -9.79
CA GLU A 84 15.44 -7.42 -8.41
C GLU A 84 14.75 -6.46 -7.44
N ASP A 85 15.27 -5.27 -7.26
CA ASP A 85 14.64 -4.30 -6.31
C ASP A 85 14.30 -2.98 -7.02
N GLN A 86 14.52 -2.90 -8.32
CA GLN A 86 14.24 -1.62 -9.05
C GLN A 86 13.37 -1.86 -10.28
N LEU A 87 12.92 -0.78 -10.87
CA LEU A 87 12.09 -0.84 -12.10
C LEU A 87 12.74 0.09 -13.12
N LEU A 88 12.87 -0.34 -14.34
CA LEU A 88 13.53 0.50 -15.38
C LEU A 88 12.71 0.49 -16.66
N CYS A 89 12.99 1.37 -17.58
CA CYS A 89 12.23 1.39 -18.86
C CYS A 89 12.88 0.38 -19.79
N THR A 90 12.11 -0.39 -20.51
CA THR A 90 12.72 -1.39 -21.43
C THR A 90 13.83 -0.71 -22.23
N ASP A 91 13.84 0.60 -22.23
CA ASP A 91 14.90 1.34 -22.97
C ASP A 91 16.13 1.44 -22.06
N CYS A 92 15.94 1.77 -20.81
CA CYS A 92 17.10 1.88 -19.88
C CYS A 92 17.53 0.47 -19.46
N TYR A 93 16.59 -0.41 -19.28
CA TYR A 93 16.94 -1.80 -18.88
C TYR A 93 17.81 -2.43 -19.95
N SER A 94 17.40 -2.36 -21.19
CA SER A 94 18.20 -2.97 -22.28
C SER A 94 19.52 -2.22 -22.45
N ASN A 95 19.61 -1.02 -21.96
CA ASN A 95 20.88 -0.24 -22.10
C ASN A 95 21.93 -0.78 -21.13
N GLU A 96 21.51 -1.44 -20.09
CA GLU A 96 22.47 -1.99 -19.08
C GLU A 96 22.32 -3.51 -19.00
N TYR A 97 21.12 -4.01 -19.08
CA TYR A 97 20.94 -5.49 -19.01
C TYR A 97 21.88 -6.16 -20.02
N SER A 98 22.04 -5.56 -21.17
CA SER A 98 22.94 -6.14 -22.20
C SER A 98 22.72 -7.65 -22.31
N MET A 1 -25.18 1.12 25.48
CA MET A 1 -23.79 1.65 25.39
C MET A 1 -22.95 1.07 26.54
N THR A 2 -23.51 0.17 27.29
CA THR A 2 -22.74 -0.43 28.42
C THR A 2 -21.44 -1.04 27.88
N GLU A 3 -21.51 -1.69 26.76
CA GLU A 3 -20.29 -2.31 26.18
C GLU A 3 -19.15 -1.30 26.16
N ARG A 4 -17.99 -1.72 25.76
CA ARG A 4 -16.82 -0.81 25.72
C ARG A 4 -16.66 -0.25 24.31
N PHE A 5 -16.22 0.98 24.19
CA PHE A 5 -16.04 1.60 22.84
C PHE A 5 -14.56 1.88 22.62
N ASP A 6 -13.75 0.85 22.54
CA ASP A 6 -12.29 1.04 22.30
C ASP A 6 -11.81 0.04 21.26
N CYS A 7 -10.79 0.38 20.52
CA CYS A 7 -10.29 -0.55 19.49
C CYS A 7 -9.81 -1.82 20.18
N HIS A 8 -10.58 -2.86 20.13
CA HIS A 8 -10.19 -4.13 20.81
C HIS A 8 -8.73 -4.48 20.52
N HIS A 9 -8.16 -3.94 19.46
CA HIS A 9 -6.73 -4.27 19.15
C HIS A 9 -5.79 -3.25 19.80
N CYS A 10 -5.83 -2.01 19.40
CA CYS A 10 -4.92 -1.00 20.03
C CYS A 10 -5.50 -0.57 21.38
N ASN A 11 -6.68 -1.03 21.68
CA ASN A 11 -7.35 -0.68 22.96
C ASN A 11 -7.41 0.85 23.15
N GLU A 12 -7.33 1.58 22.07
CA GLU A 12 -7.40 3.08 22.18
C GLU A 12 -8.83 3.52 21.84
N SER A 13 -9.37 4.45 22.58
CA SER A 13 -10.76 4.92 22.28
C SER A 13 -10.86 5.24 20.79
N LEU A 14 -11.92 4.82 20.15
CA LEU A 14 -12.07 5.13 18.69
C LEU A 14 -12.00 6.65 18.57
N PHE A 15 -11.23 7.13 17.63
CA PHE A 15 -11.04 8.60 17.52
C PHE A 15 -12.15 9.33 16.74
N GLY A 16 -13.08 9.92 17.44
CA GLY A 16 -14.10 10.79 16.77
C GLY A 16 -14.69 10.16 15.50
N LYS A 17 -14.45 8.91 15.19
CA LYS A 17 -14.99 8.37 13.89
C LYS A 17 -15.66 7.01 14.04
N LYS A 18 -16.49 6.68 13.06
CA LYS A 18 -17.19 5.39 13.06
C LYS A 18 -16.14 4.30 13.23
N TYR A 19 -16.57 3.08 13.44
CA TYR A 19 -15.58 1.98 13.65
C TYR A 19 -16.09 0.69 13.03
N ILE A 20 -15.20 -0.24 12.79
CA ILE A 20 -15.58 -1.54 12.15
C ILE A 20 -15.45 -2.68 13.17
N LEU A 21 -16.37 -3.61 13.16
CA LEU A 21 -16.28 -4.76 14.12
C LEU A 21 -15.56 -5.91 13.43
N ARG A 22 -14.40 -6.27 13.91
CA ARG A 22 -13.62 -7.40 13.31
C ARG A 22 -13.57 -8.53 14.33
N GLU A 23 -13.72 -9.75 13.88
CA GLU A 23 -13.70 -10.88 14.84
C GLU A 23 -14.68 -10.55 15.97
N GLU A 24 -15.73 -9.84 15.63
CA GLU A 24 -16.74 -9.44 16.65
C GLU A 24 -16.08 -8.51 17.67
N SER A 25 -15.22 -7.63 17.21
CA SER A 25 -14.55 -6.69 18.17
C SER A 25 -14.24 -5.33 17.47
N PRO A 26 -14.45 -4.21 18.15
CA PRO A 26 -14.17 -2.88 17.56
C PRO A 26 -12.68 -2.72 17.25
N TYR A 27 -12.36 -2.37 16.04
CA TYR A 27 -10.94 -2.12 15.65
C TYR A 27 -10.88 -0.68 15.13
N CYS A 28 -9.83 0.03 15.40
CA CYS A 28 -9.77 1.43 14.89
C CYS A 28 -9.69 1.35 13.37
N VAL A 29 -10.21 2.34 12.68
CA VAL A 29 -10.16 2.31 11.19
C VAL A 29 -8.77 1.86 10.72
N VAL A 30 -7.77 2.53 11.20
CA VAL A 30 -6.38 2.18 10.81
C VAL A 30 -6.16 0.67 10.92
N CYS A 31 -6.46 0.08 12.05
CA CYS A 31 -6.24 -1.39 12.20
C CYS A 31 -6.78 -2.11 10.96
N PHE A 32 -8.06 -2.04 10.76
CA PHE A 32 -8.67 -2.73 9.57
C PHE A 32 -7.82 -2.50 8.31
N GLU A 33 -7.44 -1.28 8.04
CA GLU A 33 -6.63 -1.01 6.82
C GLU A 33 -5.21 -1.56 6.98
N THR A 34 -4.46 -1.05 7.92
CA THR A 34 -3.05 -1.54 8.08
C THR A 34 -3.01 -3.07 8.15
N LEU A 35 -3.91 -3.67 8.88
CA LEU A 35 -3.89 -5.16 9.01
C LEU A 35 -3.98 -5.82 7.63
N PHE A 36 -5.01 -5.55 6.88
CA PHE A 36 -5.19 -6.20 5.55
C PHE A 36 -4.63 -5.33 4.41
N ALA A 37 -4.16 -4.16 4.71
CA ALA A 37 -3.62 -3.30 3.61
C ALA A 37 -2.41 -3.98 2.98
N ASN A 38 -2.10 -3.64 1.76
CA ASN A 38 -0.94 -4.26 1.07
C ASN A 38 0.33 -3.45 1.37
N THR A 39 1.47 -4.07 1.30
CA THR A 39 2.74 -3.32 1.59
C THR A 39 3.32 -2.75 0.28
N CYS A 40 3.74 -1.51 0.31
CA CYS A 40 4.34 -0.90 -0.91
C CYS A 40 5.83 -1.23 -0.93
N GLU A 41 6.20 -2.17 -1.75
CA GLU A 41 7.62 -2.59 -1.83
C GLU A 41 8.54 -1.36 -1.87
N GLU A 42 8.02 -0.21 -2.22
CA GLU A 42 8.87 1.01 -2.27
C GLU A 42 8.89 1.67 -0.88
N CYS A 43 7.76 2.10 -0.39
CA CYS A 43 7.73 2.75 0.95
C CYS A 43 7.88 1.70 2.05
N GLY A 44 7.22 0.59 1.90
CA GLY A 44 7.30 -0.49 2.94
C GLY A 44 6.14 -0.34 3.91
N LYS A 45 5.42 0.75 3.81
CA LYS A 45 4.26 0.98 4.73
C LYS A 45 2.98 0.42 4.07
N PRO A 46 2.02 -0.03 4.86
CA PRO A 46 0.77 -0.57 4.29
C PRO A 46 0.10 0.48 3.39
N ILE A 47 -0.49 0.06 2.29
CA ILE A 47 -1.16 1.03 1.38
C ILE A 47 -2.66 1.03 1.70
N GLY A 48 -3.13 2.03 2.38
CA GLY A 48 -4.58 2.08 2.72
C GLY A 48 -5.41 2.05 1.45
N CYS A 49 -6.40 1.20 1.41
CA CYS A 49 -7.25 1.11 0.18
C CYS A 49 -7.84 2.49 -0.13
N ASP A 50 -7.89 3.36 0.85
CA ASP A 50 -8.44 4.72 0.61
C ASP A 50 -7.37 5.58 -0.08
N CYS A 51 -6.53 4.97 -0.86
CA CYS A 51 -5.45 5.73 -1.56
C CYS A 51 -5.14 5.06 -2.90
N LYS A 52 -4.19 5.59 -3.62
CA LYS A 52 -3.83 4.99 -4.94
C LYS A 52 -3.08 3.68 -4.73
N ASP A 53 -3.77 2.56 -4.79
CA ASP A 53 -3.09 1.23 -4.61
C ASP A 53 -2.82 0.61 -5.98
N LEU A 54 -1.68 0.87 -6.56
CA LEU A 54 -1.36 0.29 -7.90
C LEU A 54 -1.12 -1.22 -7.72
N SER A 55 -1.88 -2.03 -8.43
CA SER A 55 -1.70 -3.52 -8.32
C SER A 55 -1.13 -4.07 -9.62
N TYR A 56 -0.04 -4.80 -9.56
CA TYR A 56 0.57 -5.37 -10.80
C TYR A 56 1.22 -6.72 -10.48
N LYS A 57 0.77 -7.78 -11.13
CA LYS A 57 1.35 -9.13 -10.88
C LYS A 57 1.22 -9.49 -9.39
N ASP A 58 0.02 -9.49 -8.87
CA ASP A 58 -0.21 -9.85 -7.45
C ASP A 58 0.65 -8.99 -6.51
N ARG A 59 1.25 -7.93 -7.01
CA ARG A 59 2.08 -7.05 -6.12
C ARG A 59 1.36 -5.71 -5.97
N HIS A 60 1.78 -4.89 -5.04
CA HIS A 60 1.09 -3.57 -4.82
C HIS A 60 2.11 -2.43 -4.87
N TRP A 61 1.68 -1.27 -5.28
CA TRP A 61 2.62 -0.11 -5.36
C TRP A 61 1.81 1.19 -5.37
N HIS A 62 2.35 2.25 -4.83
CA HIS A 62 1.61 3.54 -4.88
C HIS A 62 1.73 4.03 -6.31
N GLU A 63 0.65 4.37 -6.97
CA GLU A 63 0.73 4.83 -8.39
C GLU A 63 1.95 5.77 -8.59
N ALA A 64 2.38 6.43 -7.55
CA ALA A 64 3.55 7.36 -7.67
C ALA A 64 4.87 6.65 -7.36
N CYS A 65 4.84 5.53 -6.68
CA CYS A 65 6.12 4.82 -6.35
C CYS A 65 6.59 4.01 -7.55
N PHE A 66 5.68 3.54 -8.35
CA PHE A 66 6.09 2.73 -9.54
C PHE A 66 6.72 3.64 -10.58
N HIS A 67 8.02 3.63 -10.71
CA HIS A 67 8.68 4.50 -11.73
C HIS A 67 10.02 3.91 -12.19
N CYS A 68 10.64 4.52 -13.18
CA CYS A 68 11.96 4.01 -13.68
C CYS A 68 13.08 4.56 -12.79
N SER A 69 14.10 3.79 -12.55
CA SER A 69 15.19 4.29 -11.68
C SER A 69 16.03 5.36 -12.41
N GLN A 70 16.01 5.36 -13.72
CA GLN A 70 16.83 6.36 -14.49
C GLN A 70 15.95 7.53 -14.96
N CYS A 71 14.82 7.24 -15.55
CA CYS A 71 13.94 8.34 -16.06
C CYS A 71 12.94 8.76 -14.98
N ARG A 72 12.92 8.10 -13.87
CA ARG A 72 11.96 8.46 -12.80
C ARG A 72 10.57 8.66 -13.39
N ASN A 73 10.35 8.16 -14.57
CA ASN A 73 9.01 8.29 -15.18
C ASN A 73 8.07 7.38 -14.39
N SER A 74 6.81 7.67 -14.35
CA SER A 74 5.88 6.80 -13.59
C SER A 74 5.40 5.66 -14.48
N LEU A 75 5.99 4.49 -14.39
CA LEU A 75 5.53 3.37 -15.25
C LEU A 75 4.29 2.74 -14.62
N VAL A 76 3.18 2.83 -15.27
CA VAL A 76 1.94 2.22 -14.74
C VAL A 76 1.20 1.60 -15.92
N ASP A 77 0.81 0.36 -15.82
CA ASP A 77 0.13 -0.29 -16.97
C ASP A 77 1.01 -0.09 -18.22
N LYS A 78 2.24 0.31 -18.01
CA LYS A 78 3.19 0.53 -19.15
C LYS A 78 4.29 -0.56 -19.07
N PRO A 79 4.93 -0.89 -20.16
CA PRO A 79 5.99 -1.91 -20.14
C PRO A 79 7.15 -1.48 -19.22
N PHE A 80 7.65 -2.38 -18.41
CA PHE A 80 8.79 -2.03 -17.50
C PHE A 80 9.62 -3.28 -17.22
N ALA A 81 10.89 -3.12 -16.99
CA ALA A 81 11.75 -4.29 -16.67
C ALA A 81 11.83 -4.41 -15.16
N ALA A 82 11.33 -5.48 -14.62
CA ALA A 82 11.35 -5.66 -13.15
C ALA A 82 12.73 -6.15 -12.69
N LYS A 83 13.51 -5.27 -12.11
CA LYS A 83 14.85 -5.66 -11.61
C LYS A 83 14.72 -6.10 -10.15
N GLU A 84 15.68 -6.82 -9.65
CA GLU A 84 15.60 -7.34 -8.25
C GLU A 84 14.94 -6.32 -7.30
N ASP A 85 15.47 -5.13 -7.20
CA ASP A 85 14.88 -4.11 -6.27
C ASP A 85 14.54 -2.83 -7.03
N GLN A 86 14.73 -2.80 -8.33
CA GLN A 86 14.44 -1.56 -9.12
C GLN A 86 13.53 -1.83 -10.31
N LEU A 87 13.07 -0.78 -10.93
CA LEU A 87 12.22 -0.90 -12.15
C LEU A 87 12.82 0.01 -13.21
N LEU A 88 12.94 -0.46 -14.42
CA LEU A 88 13.56 0.37 -15.49
C LEU A 88 12.69 0.30 -16.76
N CYS A 89 12.95 1.15 -17.71
CA CYS A 89 12.16 1.12 -18.97
C CYS A 89 12.81 0.09 -19.88
N THR A 90 12.02 -0.70 -20.56
CA THR A 90 12.63 -1.72 -21.47
C THR A 90 13.71 -1.06 -22.32
N ASP A 91 13.71 0.25 -22.36
CA ASP A 91 14.74 0.98 -23.15
C ASP A 91 15.99 1.13 -22.28
N CYS A 92 15.82 1.52 -21.04
CA CYS A 92 17.00 1.66 -20.13
C CYS A 92 17.45 0.27 -19.69
N TYR A 93 16.52 -0.61 -19.42
CA TYR A 93 16.89 -1.98 -18.99
C TYR A 93 17.74 -2.64 -20.07
N SER A 94 17.29 -2.58 -21.29
CA SER A 94 18.05 -3.22 -22.40
C SER A 94 19.39 -2.49 -22.56
N ASN A 95 19.51 -1.31 -22.02
CA ASN A 95 20.78 -0.55 -22.15
C ASN A 95 21.83 -1.16 -21.21
N GLU A 96 21.41 -1.66 -20.07
CA GLU A 96 22.39 -2.27 -19.11
C GLU A 96 22.27 -3.80 -19.17
N TYR A 97 21.07 -4.30 -19.30
CA TYR A 97 20.89 -5.77 -19.37
C TYR A 97 21.66 -6.32 -20.58
N SER A 98 21.78 -5.54 -21.62
CA SER A 98 22.51 -6.01 -22.82
C SER A 98 24.02 -6.00 -22.54
N MET A 1 -24.60 4.05 28.08
CA MET A 1 -23.15 3.76 27.95
C MET A 1 -22.80 2.54 28.78
N THR A 2 -23.20 1.37 28.34
CA THR A 2 -22.90 0.12 29.11
C THR A 2 -21.69 -0.59 28.50
N GLU A 3 -21.70 -0.76 27.20
CA GLU A 3 -20.57 -1.45 26.53
C GLU A 3 -19.43 -0.46 26.31
N ARG A 4 -18.31 -0.94 25.87
CA ARG A 4 -17.15 -0.05 25.63
C ARG A 4 -17.05 0.27 24.14
N PHE A 5 -16.66 1.47 23.81
CA PHE A 5 -16.55 1.87 22.38
C PHE A 5 -15.09 2.26 22.08
N ASP A 6 -14.20 1.31 22.16
CA ASP A 6 -12.76 1.60 21.87
C ASP A 6 -12.19 0.52 20.96
N CYS A 7 -11.25 0.88 20.14
CA CYS A 7 -10.66 -0.12 19.22
C CYS A 7 -10.05 -1.24 20.07
N HIS A 8 -10.72 -2.35 20.15
CA HIS A 8 -10.22 -3.48 20.96
C HIS A 8 -8.73 -3.71 20.74
N HIS A 9 -8.20 -3.25 19.64
CA HIS A 9 -6.75 -3.47 19.37
C HIS A 9 -5.91 -2.30 19.93
N CYS A 10 -6.07 -1.11 19.41
CA CYS A 10 -5.27 0.05 19.94
C CYS A 10 -5.96 0.60 21.20
N ASN A 11 -7.12 0.09 21.50
CA ASN A 11 -7.88 0.54 22.69
C ASN A 11 -8.09 2.06 22.63
N GLU A 12 -7.95 2.65 21.48
CA GLU A 12 -8.16 4.12 21.36
C GLU A 12 -9.62 4.38 20.98
N SER A 13 -10.26 5.31 21.63
CA SER A 13 -11.69 5.60 21.28
C SER A 13 -11.83 5.72 19.76
N LEU A 14 -12.84 5.10 19.19
CA LEU A 14 -13.01 5.21 17.71
C LEU A 14 -13.10 6.69 17.39
N PHE A 15 -12.38 7.13 16.41
CA PHE A 15 -12.34 8.58 16.10
C PHE A 15 -13.51 9.09 15.24
N GLY A 16 -14.50 9.66 15.86
CA GLY A 16 -15.60 10.33 15.09
C GLY A 16 -16.11 9.49 13.92
N LYS A 17 -15.73 8.24 13.76
CA LYS A 17 -16.18 7.49 12.54
C LYS A 17 -16.69 6.09 12.86
N LYS A 18 -17.48 5.57 11.95
CA LYS A 18 -18.03 4.19 12.11
C LYS A 18 -16.87 3.26 12.42
N TYR A 19 -17.17 2.04 12.78
CA TYR A 19 -16.08 1.08 13.12
C TYR A 19 -16.44 -0.33 12.66
N ILE A 20 -15.45 -1.16 12.49
CA ILE A 20 -15.68 -2.56 12.02
C ILE A 20 -15.45 -3.54 13.16
N LEU A 21 -16.27 -4.57 13.27
CA LEU A 21 -16.08 -5.57 14.35
C LEU A 21 -15.22 -6.72 13.81
N ARG A 22 -14.05 -6.88 14.34
CA ARG A 22 -13.15 -7.99 13.88
C ARG A 22 -13.01 -8.98 15.02
N GLU A 23 -13.03 -10.26 14.74
CA GLU A 23 -12.93 -11.25 15.84
C GLU A 23 -13.97 -10.89 16.90
N GLU A 24 -15.08 -10.33 16.47
CA GLU A 24 -16.14 -9.91 17.42
C GLU A 24 -15.61 -8.80 18.33
N SER A 25 -14.83 -7.90 17.79
CA SER A 25 -14.27 -6.79 18.64
C SER A 25 -14.08 -5.50 17.78
N PRO A 26 -14.40 -4.33 18.33
CA PRO A 26 -14.25 -3.06 17.59
C PRO A 26 -12.78 -2.79 17.27
N TYR A 27 -12.47 -2.57 16.03
CA TYR A 27 -11.06 -2.22 15.62
C TYR A 27 -11.15 -0.86 14.93
N CYS A 28 -10.19 -0.01 15.12
CA CYS A 28 -10.26 1.32 14.43
C CYS A 28 -10.13 1.06 12.94
N VAL A 29 -10.74 1.88 12.12
CA VAL A 29 -10.64 1.67 10.65
C VAL A 29 -9.20 1.35 10.28
N VAL A 30 -8.29 2.17 10.71
CA VAL A 30 -6.86 1.94 10.42
C VAL A 30 -6.47 0.48 10.70
N CYS A 31 -6.75 -0.01 11.88
CA CYS A 31 -6.38 -1.44 12.19
C CYS A 31 -6.82 -2.33 11.02
N PHE A 32 -8.09 -2.42 10.79
CA PHE A 32 -8.60 -3.28 9.68
C PHE A 32 -7.76 -3.07 8.41
N GLU A 33 -7.49 -1.83 8.07
CA GLU A 33 -6.69 -1.57 6.84
C GLU A 33 -5.23 -1.98 7.04
N THR A 34 -4.53 -1.32 7.94
CA THR A 34 -3.09 -1.66 8.15
C THR A 34 -2.91 -3.17 8.35
N LEU A 35 -3.75 -3.79 9.12
CA LEU A 35 -3.60 -5.25 9.38
C LEU A 35 -3.61 -6.04 8.06
N PHE A 36 -4.65 -5.91 7.28
CA PHE A 36 -4.74 -6.70 6.00
C PHE A 36 -4.30 -5.86 4.79
N ALA A 37 -3.94 -4.62 4.99
CA ALA A 37 -3.53 -3.78 3.82
C ALA A 37 -2.33 -4.43 3.10
N ASN A 38 -2.08 -4.03 1.88
CA ASN A 38 -0.94 -4.59 1.12
C ASN A 38 0.33 -3.82 1.45
N THR A 39 1.48 -4.43 1.30
CA THR A 39 2.76 -3.72 1.62
C THR A 39 3.35 -3.11 0.35
N CYS A 40 3.82 -1.89 0.41
CA CYS A 40 4.44 -1.25 -0.78
C CYS A 40 5.91 -1.62 -0.81
N GLU A 41 6.27 -2.51 -1.67
CA GLU A 41 7.69 -2.95 -1.77
C GLU A 41 8.62 -1.73 -1.77
N GLU A 42 8.12 -0.56 -2.05
CA GLU A 42 9.01 0.65 -2.06
C GLU A 42 9.04 1.26 -0.65
N CYS A 43 7.91 1.71 -0.16
CA CYS A 43 7.88 2.31 1.21
C CYS A 43 7.98 1.22 2.27
N GLY A 44 7.28 0.12 2.07
CA GLY A 44 7.31 -0.98 3.06
C GLY A 44 6.16 -0.81 4.03
N LYS A 45 5.49 0.32 3.97
CA LYS A 45 4.34 0.57 4.89
C LYS A 45 3.06 0.02 4.22
N PRO A 46 2.07 -0.38 5.01
CA PRO A 46 0.82 -0.92 4.45
C PRO A 46 0.16 0.13 3.53
N ILE A 47 -0.43 -0.30 2.44
CA ILE A 47 -1.12 0.66 1.52
C ILE A 47 -2.62 0.62 1.81
N GLY A 48 -3.13 1.63 2.45
CA GLY A 48 -4.58 1.65 2.77
C GLY A 48 -5.40 1.77 1.49
N CYS A 49 -6.68 1.54 1.58
CA CYS A 49 -7.56 1.65 0.38
C CYS A 49 -7.96 3.11 0.17
N ASP A 50 -7.88 3.91 1.20
CA ASP A 50 -8.25 5.35 1.06
C ASP A 50 -7.13 6.08 0.32
N CYS A 51 -6.41 5.39 -0.52
CA CYS A 51 -5.30 6.04 -1.28
C CYS A 51 -5.14 5.35 -2.64
N LYS A 52 -4.18 5.77 -3.41
CA LYS A 52 -3.97 5.15 -4.75
C LYS A 52 -3.10 3.89 -4.59
N ASP A 53 -3.71 2.73 -4.61
CA ASP A 53 -2.93 1.45 -4.48
C ASP A 53 -2.69 0.84 -5.86
N LEU A 54 -1.50 0.96 -6.37
CA LEU A 54 -1.19 0.37 -7.71
C LEU A 54 -1.01 -1.14 -7.57
N SER A 55 -1.73 -1.93 -8.33
CA SER A 55 -1.59 -3.42 -8.24
C SER A 55 -1.06 -3.95 -9.59
N TYR A 56 0.02 -4.69 -9.55
CA TYR A 56 0.61 -5.23 -10.82
C TYR A 56 1.24 -6.59 -10.55
N LYS A 57 1.01 -7.56 -11.40
CA LYS A 57 1.60 -8.92 -11.20
C LYS A 57 1.38 -9.37 -9.75
N ASP A 58 0.16 -9.34 -9.30
CA ASP A 58 -0.15 -9.78 -7.90
C ASP A 58 0.69 -9.01 -6.88
N ARG A 59 1.33 -7.94 -7.28
CA ARG A 59 2.14 -7.13 -6.30
C ARG A 59 1.43 -5.79 -6.08
N HIS A 60 1.83 -5.04 -5.09
CA HIS A 60 1.17 -3.72 -4.80
C HIS A 60 2.21 -2.61 -4.79
N TRP A 61 1.82 -1.42 -5.17
CA TRP A 61 2.78 -0.28 -5.21
C TRP A 61 1.99 1.04 -5.18
N HIS A 62 2.55 2.07 -4.60
CA HIS A 62 1.84 3.37 -4.62
C HIS A 62 1.95 3.92 -6.04
N GLU A 63 0.87 4.33 -6.66
CA GLU A 63 0.97 4.85 -8.05
C GLU A 63 2.19 5.77 -8.20
N ALA A 64 2.63 6.36 -7.13
CA ALA A 64 3.82 7.28 -7.21
C ALA A 64 5.13 6.52 -6.95
N CYS A 65 5.08 5.37 -6.32
CA CYS A 65 6.34 4.62 -6.04
C CYS A 65 6.80 3.85 -7.28
N PHE A 66 5.88 3.42 -8.09
CA PHE A 66 6.25 2.66 -9.31
C PHE A 66 6.87 3.62 -10.33
N HIS A 67 8.17 3.61 -10.46
CA HIS A 67 8.83 4.53 -11.44
C HIS A 67 10.16 3.94 -11.93
N CYS A 68 10.79 4.60 -12.87
CA CYS A 68 12.10 4.10 -13.40
C CYS A 68 13.23 4.58 -12.49
N SER A 69 14.24 3.78 -12.31
CA SER A 69 15.35 4.19 -11.41
C SER A 69 16.20 5.28 -12.08
N GLN A 70 16.17 5.38 -13.39
CA GLN A 70 17.01 6.40 -14.10
C GLN A 70 16.17 7.63 -14.48
N CYS A 71 15.03 7.42 -15.07
CA CYS A 71 14.18 8.57 -15.50
C CYS A 71 13.17 8.94 -14.41
N ARG A 72 13.13 8.20 -13.34
CA ARG A 72 12.15 8.50 -12.26
C ARG A 72 10.78 8.72 -12.88
N ASN A 73 10.59 8.31 -14.10
CA ASN A 73 9.26 8.45 -14.74
C ASN A 73 8.29 7.56 -13.98
N SER A 74 7.04 7.90 -13.93
CA SER A 74 6.08 7.03 -13.20
C SER A 74 5.55 5.96 -14.15
N LEU A 75 6.12 4.77 -14.11
CA LEU A 75 5.64 3.70 -15.02
C LEU A 75 4.41 3.05 -14.40
N VAL A 76 3.28 3.18 -15.03
CA VAL A 76 2.05 2.53 -14.52
C VAL A 76 1.29 2.00 -15.73
N ASP A 77 0.87 0.77 -15.71
CA ASP A 77 0.16 0.22 -16.89
C ASP A 77 1.02 0.47 -18.14
N LYS A 78 2.27 0.84 -17.93
CA LYS A 78 3.20 1.12 -19.05
C LYS A 78 4.28 0.00 -19.06
N PRO A 79 4.90 -0.26 -20.18
CA PRO A 79 5.93 -1.32 -20.25
C PRO A 79 7.10 -0.97 -19.32
N PHE A 80 7.60 -1.93 -18.58
CA PHE A 80 8.75 -1.66 -17.66
C PHE A 80 9.56 -2.93 -17.48
N ALA A 81 10.85 -2.79 -17.25
CA ALA A 81 11.71 -3.99 -17.04
C ALA A 81 11.81 -4.22 -15.52
N ALA A 82 11.30 -5.31 -15.05
CA ALA A 82 11.34 -5.58 -13.60
C ALA A 82 12.72 -6.12 -13.21
N LYS A 83 13.52 -5.30 -12.58
CA LYS A 83 14.88 -5.74 -12.15
C LYS A 83 14.77 -6.30 -10.72
N GLU A 84 15.74 -7.07 -10.31
CA GLU A 84 15.68 -7.70 -8.96
C GLU A 84 15.05 -6.76 -7.92
N ASP A 85 15.58 -5.58 -7.72
CA ASP A 85 15.00 -4.64 -6.70
C ASP A 85 14.64 -3.30 -7.35
N GLN A 86 14.81 -3.16 -8.64
CA GLN A 86 14.51 -1.85 -9.32
C GLN A 86 13.59 -2.02 -10.51
N LEU A 87 13.13 -0.92 -11.04
CA LEU A 87 12.25 -0.93 -12.25
C LEU A 87 12.87 0.06 -13.24
N LEU A 88 12.97 -0.32 -14.48
CA LEU A 88 13.60 0.57 -15.50
C LEU A 88 12.74 0.62 -16.76
N CYS A 89 13.02 1.53 -17.66
CA CYS A 89 12.22 1.61 -18.90
C CYS A 89 12.83 0.64 -19.90
N THR A 90 12.01 -0.08 -20.63
CA THR A 90 12.57 -1.04 -21.61
C THR A 90 13.66 -0.34 -22.43
N ASP A 91 13.68 0.95 -22.38
CA ASP A 91 14.73 1.71 -23.11
C ASP A 91 15.99 1.74 -22.25
N CYS A 92 15.85 2.10 -21.01
CA CYS A 92 17.03 2.13 -20.09
C CYS A 92 17.46 0.69 -19.81
N TYR A 93 16.51 -0.17 -19.56
CA TYR A 93 16.85 -1.58 -19.28
C TYR A 93 17.64 -2.15 -20.45
N SER A 94 17.14 -1.96 -21.64
CA SER A 94 17.84 -2.48 -22.84
C SER A 94 19.30 -2.00 -22.81
N ASN A 95 19.53 -0.83 -22.27
CA ASN A 95 20.92 -0.30 -22.21
C ASN A 95 21.76 -1.16 -21.27
N GLU A 96 21.14 -1.78 -20.30
CA GLU A 96 21.90 -2.65 -19.35
C GLU A 96 21.86 -4.08 -19.86
N TYR A 97 20.74 -4.49 -20.35
CA TYR A 97 20.61 -5.87 -20.89
C TYR A 97 21.34 -5.91 -22.22
N SER A 98 21.61 -4.76 -22.77
CA SER A 98 22.31 -4.70 -24.08
C SER A 98 23.60 -5.53 -24.00
N MET A 1 -25.08 0.24 24.93
CA MET A 1 -23.99 1.02 25.57
C MET A 1 -23.31 0.16 26.63
N THR A 2 -23.88 -0.96 26.97
CA THR A 2 -23.27 -1.84 28.00
C THR A 2 -21.94 -2.38 27.48
N GLU A 3 -21.89 -2.77 26.24
CA GLU A 3 -20.63 -3.30 25.67
C GLU A 3 -19.53 -2.26 25.79
N ARG A 4 -18.34 -2.60 25.38
CA ARG A 4 -17.21 -1.65 25.47
C ARG A 4 -16.99 -0.99 24.11
N PHE A 5 -16.64 0.28 24.11
CA PHE A 5 -16.42 1.00 22.82
C PHE A 5 -14.94 1.35 22.68
N ASP A 6 -14.10 0.35 22.57
CA ASP A 6 -12.63 0.59 22.42
C ASP A 6 -12.09 -0.34 21.35
N CYS A 7 -11.09 0.09 20.65
CA CYS A 7 -10.51 -0.78 19.59
C CYS A 7 -10.02 -2.06 20.25
N HIS A 8 -10.76 -3.12 20.11
CA HIS A 8 -10.36 -4.41 20.75
C HIS A 8 -8.87 -4.69 20.53
N HIS A 9 -8.27 -4.09 19.54
CA HIS A 9 -6.82 -4.36 19.29
C HIS A 9 -5.94 -3.36 20.07
N CYS A 10 -6.01 -2.09 19.75
CA CYS A 10 -5.17 -1.09 20.48
C CYS A 10 -5.87 -0.72 21.80
N ASN A 11 -7.05 -1.21 21.97
CA ASN A 11 -7.83 -0.92 23.21
C ASN A 11 -7.94 0.60 23.43
N GLU A 12 -7.72 1.37 22.39
CA GLU A 12 -7.83 2.85 22.53
C GLU A 12 -9.26 3.26 22.17
N SER A 13 -9.86 4.10 22.95
CA SER A 13 -11.26 4.54 22.63
C SER A 13 -11.33 4.94 21.16
N LEU A 14 -12.34 4.51 20.45
CA LEU A 14 -12.44 4.89 19.01
C LEU A 14 -12.42 6.41 18.96
N PHE A 15 -11.62 6.96 18.09
CA PHE A 15 -11.47 8.44 18.06
C PHE A 15 -12.58 9.19 17.29
N GLY A 16 -13.53 9.71 17.99
CA GLY A 16 -14.55 10.60 17.34
C GLY A 16 -15.10 10.05 16.03
N LYS A 17 -14.81 8.81 15.65
CA LYS A 17 -15.30 8.34 14.30
C LYS A 17 -15.92 6.95 14.35
N LYS A 18 -16.72 6.66 13.35
CA LYS A 18 -17.37 5.33 13.26
C LYS A 18 -16.30 4.26 13.40
N TYR A 19 -16.70 3.03 13.52
CA TYR A 19 -15.69 1.94 13.71
C TYR A 19 -16.14 0.67 13.00
N ILE A 20 -15.21 -0.21 12.73
CA ILE A 20 -15.53 -1.48 12.02
C ILE A 20 -15.39 -2.67 12.97
N LEU A 21 -16.28 -3.63 12.88
CA LEU A 21 -16.19 -4.82 13.78
C LEU A 21 -15.40 -5.91 13.06
N ARG A 22 -14.23 -6.23 13.55
CA ARG A 22 -13.40 -7.30 12.91
C ARG A 22 -13.38 -8.51 13.84
N GLU A 23 -13.50 -9.69 13.31
CA GLU A 23 -13.51 -10.89 14.20
C GLU A 23 -14.53 -10.64 15.32
N GLU A 24 -15.60 -9.96 14.99
CA GLU A 24 -16.64 -9.64 16.00
C GLU A 24 -16.03 -8.77 17.10
N SER A 25 -15.16 -7.86 16.74
CA SER A 25 -14.53 -6.97 17.77
C SER A 25 -14.21 -5.58 17.15
N PRO A 26 -14.48 -4.50 17.89
CA PRO A 26 -14.21 -3.14 17.37
C PRO A 26 -12.72 -2.91 17.14
N TYR A 27 -12.34 -2.50 15.97
CA TYR A 27 -10.91 -2.18 15.66
C TYR A 27 -10.89 -0.72 15.21
N CYS A 28 -9.88 0.02 15.58
CA CYS A 28 -9.85 1.44 15.14
C CYS A 28 -9.71 1.45 13.62
N VAL A 29 -10.25 2.43 12.96
CA VAL A 29 -10.15 2.49 11.47
C VAL A 29 -8.74 2.10 11.02
N VAL A 30 -7.76 2.78 11.55
CA VAL A 30 -6.35 2.49 11.18
C VAL A 30 -6.08 0.98 11.24
N CYS A 31 -6.38 0.35 12.36
CA CYS A 31 -6.12 -1.12 12.47
C CYS A 31 -6.59 -1.83 11.20
N PHE A 32 -7.87 -1.80 10.95
CA PHE A 32 -8.42 -2.49 9.74
C PHE A 32 -7.53 -2.20 8.51
N GLU A 33 -7.16 -0.98 8.29
CA GLU A 33 -6.32 -0.66 7.09
C GLU A 33 -4.89 -1.18 7.29
N THR A 34 -4.18 -0.67 8.25
CA THR A 34 -2.77 -1.12 8.45
C THR A 34 -2.69 -2.65 8.51
N LEU A 35 -3.59 -3.29 9.21
CA LEU A 35 -3.54 -4.77 9.32
C LEU A 35 -3.59 -5.44 7.93
N PHE A 36 -4.61 -5.17 7.17
CA PHE A 36 -4.72 -5.84 5.82
C PHE A 36 -4.18 -4.94 4.71
N ALA A 37 -3.75 -3.75 5.02
CA ALA A 37 -3.21 -2.86 3.95
C ALA A 37 -2.01 -3.56 3.30
N ASN A 38 -1.71 -3.19 2.09
CA ASN A 38 -0.55 -3.82 1.38
C ASN A 38 0.71 -2.99 1.63
N THR A 39 1.86 -3.61 1.55
CA THR A 39 3.13 -2.84 1.79
C THR A 39 3.69 -2.31 0.46
N CYS A 40 4.10 -1.07 0.44
CA CYS A 40 4.68 -0.49 -0.81
C CYS A 40 6.17 -0.82 -0.84
N GLU A 41 6.54 -1.73 -1.68
CA GLU A 41 7.98 -2.13 -1.76
C GLU A 41 8.87 -0.89 -1.89
N GLU A 42 8.31 0.24 -2.25
CA GLU A 42 9.15 1.47 -2.39
C GLU A 42 9.22 2.21 -1.04
N CYS A 43 8.09 2.45 -0.42
CA CYS A 43 8.07 3.17 0.88
C CYS A 43 8.25 2.17 2.02
N GLY A 44 7.57 1.06 1.96
CA GLY A 44 7.69 0.03 3.03
C GLY A 44 6.55 0.21 4.03
N LYS A 45 5.79 1.27 3.90
CA LYS A 45 4.65 1.50 4.85
C LYS A 45 3.35 0.94 4.22
N PRO A 46 2.42 0.47 5.03
CA PRO A 46 1.16 -0.08 4.49
C PRO A 46 0.49 0.95 3.56
N ILE A 47 -0.11 0.50 2.49
CA ILE A 47 -0.81 1.44 1.55
C ILE A 47 -2.30 1.43 1.89
N GLY A 48 -2.76 2.44 2.57
CA GLY A 48 -4.21 2.48 2.94
C GLY A 48 -5.05 2.61 1.67
N CYS A 49 -6.31 2.30 1.76
CA CYS A 49 -7.19 2.41 0.57
C CYS A 49 -7.45 3.88 0.26
N ASP A 50 -7.23 4.74 1.22
CA ASP A 50 -7.46 6.20 0.98
C ASP A 50 -6.27 6.78 0.24
N CYS A 51 -5.63 5.99 -0.58
CA CYS A 51 -4.45 6.50 -1.35
C CYS A 51 -4.36 5.77 -2.69
N LYS A 52 -3.47 6.20 -3.54
CA LYS A 52 -3.31 5.55 -4.87
C LYS A 52 -2.67 4.17 -4.68
N ASP A 53 -3.47 3.13 -4.61
CA ASP A 53 -2.90 1.75 -4.42
C ASP A 53 -2.71 1.08 -5.79
N LEU A 54 -1.50 1.06 -6.29
CA LEU A 54 -1.24 0.42 -7.62
C LEU A 54 -0.99 -1.08 -7.42
N SER A 55 -1.73 -1.93 -8.07
CA SER A 55 -1.53 -3.41 -7.92
C SER A 55 -1.00 -4.01 -9.23
N TYR A 56 0.09 -4.72 -9.16
CA TYR A 56 0.67 -5.33 -10.40
C TYR A 56 1.37 -6.66 -10.06
N LYS A 57 1.00 -7.73 -10.70
CA LYS A 57 1.64 -9.04 -10.41
C LYS A 57 1.53 -9.37 -8.91
N ASP A 58 0.34 -9.41 -8.40
CA ASP A 58 0.13 -9.73 -6.95
C ASP A 58 0.99 -8.83 -6.05
N ARG A 59 1.56 -7.77 -6.57
CA ARG A 59 2.40 -6.85 -5.73
C ARG A 59 1.66 -5.52 -5.62
N HIS A 60 2.08 -4.66 -4.71
CA HIS A 60 1.39 -3.34 -4.55
C HIS A 60 2.40 -2.20 -4.64
N TRP A 61 1.96 -1.06 -5.07
CA TRP A 61 2.89 0.11 -5.22
C TRP A 61 2.07 1.40 -5.23
N HIS A 62 2.60 2.46 -4.72
CA HIS A 62 1.84 3.74 -4.79
C HIS A 62 1.88 4.16 -6.26
N GLU A 63 0.76 4.41 -6.88
CA GLU A 63 0.79 4.80 -8.33
C GLU A 63 1.91 5.82 -8.57
N ALA A 64 2.37 6.49 -7.55
CA ALA A 64 3.47 7.48 -7.72
C ALA A 64 4.85 6.83 -7.49
N CYS A 65 4.91 5.74 -6.76
CA CYS A 65 6.22 5.08 -6.49
C CYS A 65 6.66 4.22 -7.69
N PHE A 66 5.74 3.72 -8.44
CA PHE A 66 6.10 2.86 -9.60
C PHE A 66 6.69 3.74 -10.70
N HIS A 67 8.00 3.71 -10.86
CA HIS A 67 8.63 4.55 -11.93
C HIS A 67 9.96 3.93 -12.39
N CYS A 68 10.57 4.49 -13.40
CA CYS A 68 11.88 3.96 -13.91
C CYS A 68 13.00 4.52 -13.04
N SER A 69 14.02 3.75 -12.79
CA SER A 69 15.13 4.24 -11.94
C SER A 69 15.97 5.29 -12.71
N GLN A 70 15.94 5.25 -14.01
CA GLN A 70 16.76 6.23 -14.81
C GLN A 70 15.90 7.40 -15.30
N CYS A 71 14.77 7.11 -15.89
CA CYS A 71 13.90 8.21 -16.42
C CYS A 71 12.90 8.66 -15.36
N ARG A 72 12.88 8.03 -14.23
CA ARG A 72 11.93 8.43 -13.17
C ARG A 72 10.52 8.60 -13.76
N ASN A 73 10.31 8.06 -14.93
CA ASN A 73 8.96 8.16 -15.54
C ASN A 73 8.03 7.30 -14.70
N SER A 74 6.76 7.60 -14.67
CA SER A 74 5.83 6.76 -13.86
C SER A 74 5.33 5.60 -14.70
N LEU A 75 5.90 4.43 -14.55
CA LEU A 75 5.43 3.27 -15.36
C LEU A 75 4.21 2.66 -14.68
N VAL A 76 3.08 2.73 -15.30
CA VAL A 76 1.85 2.14 -14.72
C VAL A 76 1.08 1.49 -15.88
N ASP A 77 0.67 0.26 -15.73
CA ASP A 77 -0.05 -0.40 -16.86
C ASP A 77 0.80 -0.25 -18.13
N LYS A 78 2.05 0.15 -17.96
CA LYS A 78 2.97 0.32 -19.13
C LYS A 78 4.05 -0.78 -19.04
N PRO A 79 4.67 -1.15 -20.14
CA PRO A 79 5.71 -2.20 -20.11
C PRO A 79 6.91 -1.73 -19.26
N PHE A 80 7.44 -2.59 -18.42
CA PHE A 80 8.62 -2.21 -17.58
C PHE A 80 9.45 -3.45 -17.28
N ALA A 81 10.72 -3.29 -17.08
CA ALA A 81 11.58 -4.45 -16.75
C ALA A 81 11.70 -4.52 -15.22
N ALA A 82 11.20 -5.57 -14.63
CA ALA A 82 11.26 -5.68 -13.15
C ALA A 82 12.65 -6.16 -12.72
N LYS A 83 13.43 -5.28 -12.18
CA LYS A 83 14.80 -5.66 -11.71
C LYS A 83 14.69 -6.07 -10.24
N GLU A 84 15.67 -6.79 -9.74
CA GLU A 84 15.63 -7.27 -8.34
C GLU A 84 14.98 -6.24 -7.39
N ASP A 85 15.51 -5.04 -7.33
CA ASP A 85 14.92 -4.01 -6.41
C ASP A 85 14.55 -2.74 -7.19
N GLN A 86 14.72 -2.74 -8.49
CA GLN A 86 14.40 -1.50 -9.29
C GLN A 86 13.47 -1.82 -10.47
N LEU A 87 13.00 -0.78 -11.10
CA LEU A 87 12.11 -0.92 -12.30
C LEU A 87 12.72 -0.04 -13.39
N LEU A 88 12.82 -0.54 -14.60
CA LEU A 88 13.44 0.25 -15.69
C LEU A 88 12.57 0.17 -16.94
N CYS A 89 12.81 1.01 -17.91
CA CYS A 89 12.02 0.96 -19.16
C CYS A 89 12.65 -0.08 -20.06
N THR A 90 11.86 -0.87 -20.74
CA THR A 90 12.45 -1.91 -21.65
C THR A 90 13.56 -1.28 -22.49
N ASP A 91 13.59 0.03 -22.54
CA ASP A 91 14.66 0.72 -23.31
C ASP A 91 15.91 0.83 -22.44
N CYS A 92 15.75 1.28 -21.23
CA CYS A 92 16.91 1.41 -20.31
C CYS A 92 17.33 0.01 -19.84
N TYR A 93 16.38 -0.85 -19.60
CA TYR A 93 16.72 -2.22 -19.15
C TYR A 93 17.57 -2.91 -20.20
N SER A 94 17.14 -2.87 -21.43
CA SER A 94 17.90 -3.54 -22.52
C SER A 94 19.27 -2.86 -22.70
N ASN A 95 19.44 -1.68 -22.17
CA ASN A 95 20.75 -0.98 -22.32
C ASN A 95 21.76 -1.54 -21.33
N GLU A 96 21.29 -2.07 -20.21
CA GLU A 96 22.23 -2.65 -19.18
C GLU A 96 21.95 -4.14 -19.02
N TYR A 97 20.81 -4.60 -19.46
CA TYR A 97 20.48 -6.04 -19.33
C TYR A 97 21.17 -6.81 -20.46
N SER A 98 21.41 -6.17 -21.56
CA SER A 98 22.07 -6.86 -22.70
C SER A 98 23.58 -6.95 -22.43
N MET A 1 -24.69 2.34 24.48
CA MET A 1 -23.94 3.47 25.12
C MET A 1 -23.16 2.94 26.33
N THR A 2 -23.57 1.82 26.87
CA THR A 2 -22.85 1.26 28.05
C THR A 2 -21.60 0.51 27.59
N GLU A 3 -21.72 -0.25 26.53
CA GLU A 3 -20.54 -1.01 26.03
C GLU A 3 -19.35 -0.08 25.88
N ARG A 4 -18.22 -0.63 25.53
CA ARG A 4 -16.99 0.19 25.37
C ARG A 4 -16.81 0.54 23.90
N PHE A 5 -16.31 1.72 23.63
CA PHE A 5 -16.09 2.16 22.22
C PHE A 5 -14.61 2.42 22.00
N ASP A 6 -13.82 1.37 22.06
CA ASP A 6 -12.34 1.53 21.84
C ASP A 6 -11.86 0.42 20.91
N CYS A 7 -10.85 0.71 20.14
CA CYS A 7 -10.32 -0.33 19.22
C CYS A 7 -9.87 -1.53 20.04
N HIS A 8 -10.63 -2.58 20.05
CA HIS A 8 -10.26 -3.77 20.85
C HIS A 8 -8.80 -4.15 20.63
N HIS A 9 -8.19 -3.70 19.57
CA HIS A 9 -6.76 -4.07 19.32
C HIS A 9 -5.82 -3.02 19.95
N CYS A 10 -5.87 -1.79 19.51
CA CYS A 10 -4.98 -0.74 20.11
C CYS A 10 -5.64 -0.17 21.37
N ASN A 11 -6.86 -0.55 21.61
CA ASN A 11 -7.61 -0.06 22.80
C ASN A 11 -7.66 1.48 22.79
N GLU A 12 -7.41 2.08 21.66
CA GLU A 12 -7.47 3.57 21.58
C GLU A 12 -8.87 3.99 21.16
N SER A 13 -9.45 4.95 21.83
CA SER A 13 -10.82 5.40 21.46
C SER A 13 -10.90 5.59 19.94
N LEU A 14 -11.94 5.10 19.31
CA LEU A 14 -12.04 5.28 17.83
C LEU A 14 -11.98 6.77 17.56
N PHE A 15 -11.14 7.17 16.65
CA PHE A 15 -10.94 8.62 16.39
C PHE A 15 -12.00 9.27 15.49
N GLY A 16 -12.96 9.92 16.09
CA GLY A 16 -13.94 10.72 15.29
C GLY A 16 -14.47 9.99 14.05
N LYS A 17 -14.21 8.71 13.88
CA LYS A 17 -14.68 8.05 12.61
C LYS A 17 -15.35 6.69 12.86
N LYS A 18 -16.14 6.28 11.89
CA LYS A 18 -16.83 4.98 11.97
C LYS A 18 -15.82 3.91 12.32
N TYR A 19 -16.28 2.72 12.62
CA TYR A 19 -15.32 1.63 12.99
C TYR A 19 -15.83 0.29 12.47
N ILE A 20 -14.93 -0.65 12.32
CA ILE A 20 -15.31 -2.00 11.78
C ILE A 20 -15.22 -3.04 12.91
N LEU A 21 -16.16 -3.96 12.94
CA LEU A 21 -16.11 -5.02 14.01
C LEU A 21 -15.37 -6.22 13.46
N ARG A 22 -14.21 -6.50 13.99
CA ARG A 22 -13.42 -7.68 13.53
C ARG A 22 -13.42 -8.73 14.64
N GLU A 23 -13.58 -9.98 14.30
CA GLU A 23 -13.63 -11.03 15.36
C GLU A 23 -14.65 -10.58 16.41
N GLU A 24 -15.69 -9.92 15.97
CA GLU A 24 -16.74 -9.42 16.90
C GLU A 24 -16.11 -8.40 17.85
N SER A 25 -15.21 -7.57 17.36
CA SER A 25 -14.56 -6.56 18.26
C SER A 25 -14.22 -5.26 17.46
N PRO A 26 -14.44 -4.09 18.05
CA PRO A 26 -14.13 -2.82 17.36
C PRO A 26 -12.62 -2.68 17.09
N TYR A 27 -12.25 -2.44 15.87
CA TYR A 27 -10.81 -2.24 15.51
C TYR A 27 -10.73 -0.85 14.87
N CYS A 28 -9.69 -0.11 15.14
CA CYS A 28 -9.60 1.23 14.51
C CYS A 28 -9.45 1.03 13.00
N VAL A 29 -9.95 1.93 12.21
CA VAL A 29 -9.83 1.77 10.73
C VAL A 29 -8.41 1.31 10.39
N VAL A 30 -7.44 2.02 10.88
CA VAL A 30 -6.03 1.65 10.62
C VAL A 30 -5.82 0.15 10.85
N CYS A 31 -6.19 -0.36 12.00
CA CYS A 31 -5.98 -1.81 12.25
C CYS A 31 -6.48 -2.60 11.04
N PHE A 32 -7.76 -2.55 10.79
CA PHE A 32 -8.32 -3.31 9.64
C PHE A 32 -7.45 -3.11 8.39
N GLU A 33 -7.08 -1.89 8.11
CA GLU A 33 -6.24 -1.63 6.90
C GLU A 33 -4.83 -2.19 7.09
N THR A 34 -4.08 -1.66 8.02
CA THR A 34 -2.69 -2.15 8.23
C THR A 34 -2.65 -3.68 8.35
N LEU A 35 -3.55 -4.25 9.10
CA LEU A 35 -3.54 -5.74 9.27
C LEU A 35 -3.61 -6.45 7.92
N PHE A 36 -4.62 -6.18 7.14
CA PHE A 36 -4.77 -6.88 5.82
C PHE A 36 -4.24 -6.04 4.65
N ALA A 37 -3.78 -4.85 4.90
CA ALA A 37 -3.28 -4.00 3.78
C ALA A 37 -2.09 -4.68 3.10
N ASN A 38 -1.84 -4.35 1.86
CA ASN A 38 -0.70 -4.96 1.12
C ASN A 38 0.57 -4.16 1.40
N THR A 39 1.72 -4.78 1.28
CA THR A 39 3.00 -4.05 1.55
C THR A 39 3.53 -3.42 0.26
N CYS A 40 3.97 -2.18 0.32
CA CYS A 40 4.52 -1.52 -0.89
C CYS A 40 6.01 -1.85 -0.96
N GLU A 41 6.36 -2.74 -1.84
CA GLU A 41 7.78 -3.13 -1.98
C GLU A 41 8.70 -1.91 -2.00
N GLU A 42 8.16 -0.75 -2.28
CA GLU A 42 9.02 0.48 -2.30
C GLU A 42 9.12 1.07 -0.89
N CYS A 43 8.00 1.38 -0.28
CA CYS A 43 8.03 1.96 1.09
C CYS A 43 8.21 0.85 2.11
N GLY A 44 7.51 -0.24 1.94
CA GLY A 44 7.62 -1.37 2.91
C GLY A 44 6.49 -1.23 3.94
N LYS A 45 5.76 -0.14 3.87
CA LYS A 45 4.64 0.08 4.83
C LYS A 45 3.34 -0.42 4.19
N PRO A 46 2.39 -0.90 4.99
CA PRO A 46 1.12 -1.39 4.44
C PRO A 46 0.45 -0.31 3.58
N ILE A 47 -0.19 -0.69 2.52
CA ILE A 47 -0.87 0.30 1.63
C ILE A 47 -2.34 0.41 2.03
N GLY A 48 -2.71 1.50 2.65
CA GLY A 48 -4.14 1.66 3.06
C GLY A 48 -5.01 1.95 1.84
N CYS A 49 -6.27 1.62 1.90
CA CYS A 49 -7.16 1.87 0.74
C CYS A 49 -7.40 3.38 0.60
N ASP A 50 -7.11 4.14 1.62
CA ASP A 50 -7.31 5.61 1.54
C ASP A 50 -6.30 6.20 0.55
N CYS A 51 -5.25 5.46 0.25
CA CYS A 51 -4.21 5.96 -0.70
C CYS A 51 -4.38 5.27 -2.05
N LYS A 52 -3.72 5.74 -3.07
CA LYS A 52 -3.85 5.09 -4.40
C LYS A 52 -3.03 3.80 -4.42
N ASP A 53 -3.66 2.68 -4.18
CA ASP A 53 -2.91 1.39 -4.17
C ASP A 53 -2.81 0.85 -5.61
N LEU A 54 -1.61 0.64 -6.08
CA LEU A 54 -1.41 0.11 -7.47
C LEU A 54 -1.20 -1.42 -7.38
N SER A 55 -1.97 -2.18 -8.12
CA SER A 55 -1.83 -3.67 -8.10
C SER A 55 -1.29 -4.15 -9.46
N TYR A 56 -0.19 -4.85 -9.48
CA TYR A 56 0.37 -5.34 -10.78
C TYR A 56 0.99 -6.73 -10.56
N LYS A 57 0.69 -7.68 -11.41
CA LYS A 57 1.26 -9.05 -11.27
C LYS A 57 1.18 -9.50 -9.80
N ASP A 58 -0.01 -9.62 -9.29
CA ASP A 58 -0.20 -10.08 -7.88
C ASP A 58 0.68 -9.29 -6.90
N ARG A 59 1.30 -8.20 -7.32
CA ARG A 59 2.13 -7.38 -6.38
C ARG A 59 1.42 -6.07 -6.11
N HIS A 60 1.86 -5.32 -5.13
CA HIS A 60 1.19 -4.02 -4.79
C HIS A 60 2.22 -2.89 -4.80
N TRP A 61 1.79 -1.70 -5.12
CA TRP A 61 2.72 -0.53 -5.16
C TRP A 61 1.92 0.75 -5.05
N HIS A 62 2.46 1.78 -4.45
CA HIS A 62 1.71 3.06 -4.40
C HIS A 62 1.75 3.63 -5.81
N GLU A 63 0.63 4.00 -6.37
CA GLU A 63 0.64 4.54 -7.77
C GLU A 63 1.81 5.53 -7.95
N ALA A 64 2.28 6.12 -6.87
CA ALA A 64 3.41 7.09 -6.97
C ALA A 64 4.77 6.37 -6.80
N CYS A 65 4.79 5.23 -6.18
CA CYS A 65 6.09 4.51 -5.96
C CYS A 65 6.51 3.77 -7.24
N PHE A 66 5.57 3.34 -8.02
CA PHE A 66 5.92 2.60 -9.25
C PHE A 66 6.51 3.58 -10.26
N HIS A 67 7.81 3.61 -10.39
CA HIS A 67 8.45 4.55 -11.36
C HIS A 67 9.80 4.00 -11.83
N CYS A 68 10.42 4.66 -12.78
CA CYS A 68 11.75 4.19 -13.28
C CYS A 68 12.85 4.67 -12.34
N SER A 69 13.86 3.88 -12.14
CA SER A 69 14.94 4.29 -11.20
C SER A 69 15.79 5.42 -11.84
N GLN A 70 15.79 5.52 -13.15
CA GLN A 70 16.61 6.58 -13.82
C GLN A 70 15.76 7.78 -14.21
N CYS A 71 14.64 7.55 -14.84
CA CYS A 71 13.77 8.69 -15.27
C CYS A 71 12.74 9.02 -14.20
N ARG A 72 12.67 8.26 -13.15
CA ARG A 72 11.67 8.54 -12.09
C ARG A 72 10.31 8.76 -12.73
N ASN A 73 10.13 8.35 -13.95
CA ASN A 73 8.82 8.51 -14.61
C ASN A 73 7.84 7.58 -13.90
N SER A 74 6.59 7.92 -13.84
CA SER A 74 5.63 7.03 -13.13
C SER A 74 5.15 5.94 -14.09
N LEU A 75 5.73 4.77 -14.04
CA LEU A 75 5.28 3.69 -14.95
C LEU A 75 4.08 2.97 -14.32
N VAL A 76 2.94 3.08 -14.94
CA VAL A 76 1.73 2.38 -14.43
C VAL A 76 0.97 1.84 -15.64
N ASP A 77 0.61 0.58 -15.62
CA ASP A 77 -0.10 0.01 -16.80
C ASP A 77 0.73 0.32 -18.05
N LYS A 78 1.96 0.73 -17.85
CA LYS A 78 2.88 1.05 -19.00
C LYS A 78 3.98 -0.03 -19.02
N PRO A 79 4.60 -0.26 -20.16
CA PRO A 79 5.67 -1.27 -20.24
C PRO A 79 6.85 -0.90 -19.31
N PHE A 80 7.37 -1.85 -18.58
CA PHE A 80 8.53 -1.55 -17.67
C PHE A 80 9.38 -2.81 -17.50
N ALA A 81 10.64 -2.65 -17.23
CA ALA A 81 11.52 -3.83 -17.01
C ALA A 81 11.59 -4.09 -15.51
N ALA A 82 11.10 -5.21 -15.08
CA ALA A 82 11.11 -5.51 -13.62
C ALA A 82 12.49 -6.03 -13.20
N LYS A 83 13.26 -5.21 -12.53
CA LYS A 83 14.60 -5.64 -12.08
C LYS A 83 14.46 -6.23 -10.67
N GLU A 84 15.42 -6.99 -10.22
CA GLU A 84 15.33 -7.63 -8.89
C GLU A 84 14.67 -6.72 -7.85
N ASP A 85 15.20 -5.53 -7.64
CA ASP A 85 14.61 -4.61 -6.62
C ASP A 85 14.25 -3.26 -7.25
N GLN A 86 14.45 -3.11 -8.55
CA GLN A 86 14.16 -1.79 -9.21
C GLN A 86 13.27 -1.96 -10.44
N LEU A 87 12.82 -0.85 -10.96
CA LEU A 87 11.97 -0.85 -12.19
C LEU A 87 12.60 0.15 -13.15
N LEU A 88 12.73 -0.22 -14.40
CA LEU A 88 13.37 0.70 -15.39
C LEU A 88 12.53 0.74 -16.66
N CYS A 89 12.80 1.67 -17.54
CA CYS A 89 12.01 1.74 -18.79
C CYS A 89 12.65 0.79 -19.79
N THR A 90 11.87 0.06 -20.54
CA THR A 90 12.46 -0.87 -21.53
C THR A 90 13.55 -0.15 -22.33
N ASP A 91 13.55 1.16 -22.25
CA ASP A 91 14.60 1.95 -22.96
C ASP A 91 15.84 2.00 -22.07
N CYS A 92 15.67 2.30 -20.82
CA CYS A 92 16.84 2.36 -19.89
C CYS A 92 17.29 0.93 -19.58
N TYR A 93 16.35 0.04 -19.38
CA TYR A 93 16.71 -1.37 -19.07
C TYR A 93 17.57 -1.94 -20.20
N SER A 94 17.13 -1.77 -21.41
CA SER A 94 17.90 -2.30 -22.57
C SER A 94 19.26 -1.60 -22.64
N ASN A 95 19.38 -0.47 -22.00
CA ASN A 95 20.67 0.28 -22.03
C ASN A 95 21.70 -0.43 -21.15
N GLU A 96 21.25 -1.02 -20.06
CA GLU A 96 22.20 -1.72 -19.13
C GLU A 96 22.03 -3.24 -19.31
N TYR A 97 20.83 -3.69 -19.48
CA TYR A 97 20.61 -5.16 -19.65
C TYR A 97 21.41 -5.67 -20.85
N SER A 98 21.60 -4.84 -21.83
CA SER A 98 22.38 -5.27 -23.03
C SER A 98 23.82 -5.59 -22.61
#